data_1Y7Y
# 
_entry.id   1Y7Y 
# 
_audit_conform.dict_name       mmcif_pdbx.dic 
_audit_conform.dict_version    5.389 
_audit_conform.dict_location   http://mmcif.pdb.org/dictionaries/ascii/mmcif_pdbx.dic 
# 
loop_
_database_2.database_id 
_database_2.database_code 
_database_2.pdbx_database_accession 
_database_2.pdbx_DOI 
PDB   1Y7Y         pdb_00001y7y 10.2210/pdb1y7y/pdb 
RCSB  RCSB031229   ?            ?                   
WWPDB D_1000031229 ?            ?                   
# 
loop_
_pdbx_audit_revision_history.ordinal 
_pdbx_audit_revision_history.data_content_type 
_pdbx_audit_revision_history.major_revision 
_pdbx_audit_revision_history.minor_revision 
_pdbx_audit_revision_history.revision_date 
1 'Structure model' 1 0 2005-02-22 
2 'Structure model' 1 1 2008-04-30 
3 'Structure model' 1 2 2011-07-13 
4 'Structure model' 1 3 2024-02-14 
5 'Structure model' 1 4 2024-04-03 
# 
_pdbx_audit_revision_details.ordinal             1 
_pdbx_audit_revision_details.revision_ordinal    1 
_pdbx_audit_revision_details.data_content_type   'Structure model' 
_pdbx_audit_revision_details.provider            repository 
_pdbx_audit_revision_details.type                'Initial release' 
_pdbx_audit_revision_details.description         ? 
_pdbx_audit_revision_details.details             ? 
# 
loop_
_pdbx_audit_revision_group.ordinal 
_pdbx_audit_revision_group.revision_ordinal 
_pdbx_audit_revision_group.data_content_type 
_pdbx_audit_revision_group.group 
1 2 'Structure model' 'Version format compliance' 
2 3 'Structure model' 'Version format compliance' 
3 4 'Structure model' 'Data collection'           
4 4 'Structure model' 'Database references'       
5 5 'Structure model' 'Refinement description'    
# 
loop_
_pdbx_audit_revision_category.ordinal 
_pdbx_audit_revision_category.revision_ordinal 
_pdbx_audit_revision_category.data_content_type 
_pdbx_audit_revision_category.category 
1 4 'Structure model' chem_comp_atom                
2 4 'Structure model' chem_comp_bond                
3 4 'Structure model' database_2                    
4 5 'Structure model' pdbx_initial_refinement_model 
# 
loop_
_pdbx_audit_revision_item.ordinal 
_pdbx_audit_revision_item.revision_ordinal 
_pdbx_audit_revision_item.data_content_type 
_pdbx_audit_revision_item.item 
1 4 'Structure model' '_database_2.pdbx_DOI'                
2 4 'Structure model' '_database_2.pdbx_database_accession' 
# 
_pdbx_database_status.status_code                     REL 
_pdbx_database_status.entry_id                        1Y7Y 
_pdbx_database_status.recvd_initial_deposition_date   2004-12-10 
_pdbx_database_status.deposit_site                    RCSB 
_pdbx_database_status.process_site                    RCSB 
_pdbx_database_status.status_code_sf                  REL 
_pdbx_database_status.status_code_mr                  ? 
_pdbx_database_status.SG_entry                        ? 
_pdbx_database_status.pdb_format_compatible           Y 
_pdbx_database_status.status_code_cs                  ? 
_pdbx_database_status.status_code_nmr_data            ? 
_pdbx_database_status.methods_development_category    ? 
# 
loop_
_audit_author.name 
_audit_author.pdbx_ordinal 
'McGeehan, J.E.'     1 
'Streeter, S.D.'     2 
'Papapanagiotou, I.' 3 
'Fox, G.C.'          4 
'Kneale, G.G.'       5 
# 
loop_
_citation.id 
_citation.title 
_citation.journal_abbrev 
_citation.journal_volume 
_citation.page_first 
_citation.page_last 
_citation.year 
_citation.journal_id_ASTM 
_citation.country 
_citation.journal_id_ISSN 
_citation.journal_id_CSD 
_citation.book_publisher 
_citation.pdbx_database_id_PubMed 
_citation.pdbx_database_id_DOI 
primary 'High-resolution crystal structure of the restriction-modification controller protein C.AhdI from Aeromonas hydrophila.' 
J.Mol.Biol.                346 689 701 2005 JMOBAK UK 0022-2836 0070 ? 15713456 10.1016/j.jmb.2004.12.025 
1       
;Crystallization and preliminary X-ray analysis of the controller protein C.AhdI from Aeromonas  
hydrophilia
;
'Acta Crystallogr.,Sect.D' 60  323 325 2004 ABCRE6 DK 0907-4449 0766 ? 14747712 10.1107/S0907444903026143 
# 
loop_
_citation_author.citation_id 
_citation_author.name 
_citation_author.ordinal 
_citation_author.identifier_ORCID 
primary 'McGeehan, J.E.'     1  ? 
primary 'Streeter, S.D.'     2  ? 
primary 'Papapanagiotou, I.' 3  ? 
primary 'Fox, G.C.'          4  ? 
primary 'Kneale, G.G.'       5  ? 
1       'McGeehan, J.E.'     6  ? 
1       'Streeter, S.'       7  ? 
1       'Cooper, J.B.'       8  ? 
1       'Mohammed, F.'       9  ? 
1       'Fox, G.C.'          10 ? 
1       'Kneale, G.G.'       11 ? 
# 
loop_
_entity.id 
_entity.type 
_entity.src_method 
_entity.pdbx_description 
_entity.formula_weight 
_entity.pdbx_number_of_molecules 
_entity.pdbx_ec 
_entity.pdbx_mutation 
_entity.pdbx_fragment 
_entity.details 
1 polymer man C.AhdI 8382.575 2   ? ? ? ? 
2 water   nat water  18.015   147 ? ? ? ? 
# 
_entity_poly.entity_id                      1 
_entity_poly.type                           'polypeptide(L)' 
_entity_poly.nstd_linkage                   no 
_entity_poly.nstd_monomer                   no 
_entity_poly.pdbx_seq_one_letter_code       MQSHHDHYADLVKFGQRLRELRTAKGLSQETLAFLSGLDRSYVGGVERGQRNVSLVNILKLATALDIEPRELFC 
_entity_poly.pdbx_seq_one_letter_code_can   MQSHHDHYADLVKFGQRLRELRTAKGLSQETLAFLSGLDRSYVGGVERGQRNVSLVNILKLATALDIEPRELFC 
_entity_poly.pdbx_strand_id                 A,B 
_entity_poly.pdbx_target_identifier         ? 
# 
_pdbx_entity_nonpoly.entity_id   2 
_pdbx_entity_nonpoly.name        water 
_pdbx_entity_nonpoly.comp_id     HOH 
# 
loop_
_entity_poly_seq.entity_id 
_entity_poly_seq.num 
_entity_poly_seq.mon_id 
_entity_poly_seq.hetero 
1 1  MET n 
1 2  GLN n 
1 3  SER n 
1 4  HIS n 
1 5  HIS n 
1 6  ASP n 
1 7  HIS n 
1 8  TYR n 
1 9  ALA n 
1 10 ASP n 
1 11 LEU n 
1 12 VAL n 
1 13 LYS n 
1 14 PHE n 
1 15 GLY n 
1 16 GLN n 
1 17 ARG n 
1 18 LEU n 
1 19 ARG n 
1 20 GLU n 
1 21 LEU n 
1 22 ARG n 
1 23 THR n 
1 24 ALA n 
1 25 LYS n 
1 26 GLY n 
1 27 LEU n 
1 28 SER n 
1 29 GLN n 
1 30 GLU n 
1 31 THR n 
1 32 LEU n 
1 33 ALA n 
1 34 PHE n 
1 35 LEU n 
1 36 SER n 
1 37 GLY n 
1 38 LEU n 
1 39 ASP n 
1 40 ARG n 
1 41 SER n 
1 42 TYR n 
1 43 VAL n 
1 44 GLY n 
1 45 GLY n 
1 46 VAL n 
1 47 GLU n 
1 48 ARG n 
1 49 GLY n 
1 50 GLN n 
1 51 ARG n 
1 52 ASN n 
1 53 VAL n 
1 54 SER n 
1 55 LEU n 
1 56 VAL n 
1 57 ASN n 
1 58 ILE n 
1 59 LEU n 
1 60 LYS n 
1 61 LEU n 
1 62 ALA n 
1 63 THR n 
1 64 ALA n 
1 65 LEU n 
1 66 ASP n 
1 67 ILE n 
1 68 GLU n 
1 69 PRO n 
1 70 ARG n 
1 71 GLU n 
1 72 LEU n 
1 73 PHE n 
1 74 CYS n 
# 
_entity_src_gen.entity_id                          1 
_entity_src_gen.pdbx_src_id                        1 
_entity_src_gen.pdbx_alt_source_flag               sample 
_entity_src_gen.pdbx_seq_type                      ? 
_entity_src_gen.pdbx_beg_seq_num                   ? 
_entity_src_gen.pdbx_end_seq_num                   ? 
_entity_src_gen.gene_src_common_name               ? 
_entity_src_gen.gene_src_genus                     Aeromonas 
_entity_src_gen.pdbx_gene_src_gene                 ? 
_entity_src_gen.gene_src_species                   ? 
_entity_src_gen.gene_src_strain                    ? 
_entity_src_gen.gene_src_tissue                    ? 
_entity_src_gen.gene_src_tissue_fraction           ? 
_entity_src_gen.gene_src_details                   ? 
_entity_src_gen.pdbx_gene_src_fragment             ? 
_entity_src_gen.pdbx_gene_src_scientific_name      'Aeromonas hydrophila' 
_entity_src_gen.pdbx_gene_src_ncbi_taxonomy_id     644 
_entity_src_gen.pdbx_gene_src_variant              ? 
_entity_src_gen.pdbx_gene_src_cell_line            ? 
_entity_src_gen.pdbx_gene_src_atcc                 ? 
_entity_src_gen.pdbx_gene_src_organ                ? 
_entity_src_gen.pdbx_gene_src_organelle            ? 
_entity_src_gen.pdbx_gene_src_cell                 ? 
_entity_src_gen.pdbx_gene_src_cellular_location    ? 
_entity_src_gen.host_org_common_name               ? 
_entity_src_gen.pdbx_host_org_scientific_name      'Escherichia coli' 
_entity_src_gen.pdbx_host_org_ncbi_taxonomy_id     562 
_entity_src_gen.host_org_genus                     Escherichia 
_entity_src_gen.pdbx_host_org_gene                 ? 
_entity_src_gen.pdbx_host_org_organ                ? 
_entity_src_gen.host_org_species                   ? 
_entity_src_gen.pdbx_host_org_tissue               ? 
_entity_src_gen.pdbx_host_org_tissue_fraction      ? 
_entity_src_gen.pdbx_host_org_strain               'BL21(DE3) GOLD' 
_entity_src_gen.pdbx_host_org_variant              ? 
_entity_src_gen.pdbx_host_org_cell_line            ? 
_entity_src_gen.pdbx_host_org_atcc                 ? 
_entity_src_gen.pdbx_host_org_culture_collection   ? 
_entity_src_gen.pdbx_host_org_cell                 ? 
_entity_src_gen.pdbx_host_org_organelle            ? 
_entity_src_gen.pdbx_host_org_cellular_location    ? 
_entity_src_gen.pdbx_host_org_vector_type          Plasmid 
_entity_src_gen.pdbx_host_org_vector               ? 
_entity_src_gen.host_org_details                   ? 
_entity_src_gen.expression_system_id               ? 
_entity_src_gen.plasmid_name                       pET11a 
_entity_src_gen.plasmid_details                    ? 
_entity_src_gen.pdbx_description                   ? 
# 
loop_
_chem_comp.id 
_chem_comp.type 
_chem_comp.mon_nstd_flag 
_chem_comp.name 
_chem_comp.pdbx_synonyms 
_chem_comp.formula 
_chem_comp.formula_weight 
ALA 'L-peptide linking' y ALANINE         ? 'C3 H7 N O2'     89.093  
ARG 'L-peptide linking' y ARGININE        ? 'C6 H15 N4 O2 1' 175.209 
ASN 'L-peptide linking' y ASPARAGINE      ? 'C4 H8 N2 O3'    132.118 
ASP 'L-peptide linking' y 'ASPARTIC ACID' ? 'C4 H7 N O4'     133.103 
CYS 'L-peptide linking' y CYSTEINE        ? 'C3 H7 N O2 S'   121.158 
GLN 'L-peptide linking' y GLUTAMINE       ? 'C5 H10 N2 O3'   146.144 
GLU 'L-peptide linking' y 'GLUTAMIC ACID' ? 'C5 H9 N O4'     147.129 
GLY 'peptide linking'   y GLYCINE         ? 'C2 H5 N O2'     75.067  
HIS 'L-peptide linking' y HISTIDINE       ? 'C6 H10 N3 O2 1' 156.162 
HOH non-polymer         . WATER           ? 'H2 O'           18.015  
ILE 'L-peptide linking' y ISOLEUCINE      ? 'C6 H13 N O2'    131.173 
LEU 'L-peptide linking' y LEUCINE         ? 'C6 H13 N O2'    131.173 
LYS 'L-peptide linking' y LYSINE          ? 'C6 H15 N2 O2 1' 147.195 
MET 'L-peptide linking' y METHIONINE      ? 'C5 H11 N O2 S'  149.211 
PHE 'L-peptide linking' y PHENYLALANINE   ? 'C9 H11 N O2'    165.189 
PRO 'L-peptide linking' y PROLINE         ? 'C5 H9 N O2'     115.130 
SER 'L-peptide linking' y SERINE          ? 'C3 H7 N O3'     105.093 
THR 'L-peptide linking' y THREONINE       ? 'C4 H9 N O3'     119.119 
TYR 'L-peptide linking' y TYROSINE        ? 'C9 H11 N O3'    181.189 
VAL 'L-peptide linking' y VALINE          ? 'C5 H11 N O2'    117.146 
# 
loop_
_pdbx_poly_seq_scheme.asym_id 
_pdbx_poly_seq_scheme.entity_id 
_pdbx_poly_seq_scheme.seq_id 
_pdbx_poly_seq_scheme.mon_id 
_pdbx_poly_seq_scheme.ndb_seq_num 
_pdbx_poly_seq_scheme.pdb_seq_num 
_pdbx_poly_seq_scheme.auth_seq_num 
_pdbx_poly_seq_scheme.pdb_mon_id 
_pdbx_poly_seq_scheme.auth_mon_id 
_pdbx_poly_seq_scheme.pdb_strand_id 
_pdbx_poly_seq_scheme.pdb_ins_code 
_pdbx_poly_seq_scheme.hetero 
A 1 1  MET 1  1  ?  ?   ?   A . n 
A 1 2  GLN 2  2  ?  ?   ?   A . n 
A 1 3  SER 3  3  ?  ?   ?   A . n 
A 1 4  HIS 4  4  ?  ?   ?   A . n 
A 1 5  HIS 5  5  5  HIS HIS A . n 
A 1 6  ASP 6  6  6  ASP ASP A . n 
A 1 7  HIS 7  7  7  HIS HIS A . n 
A 1 8  TYR 8  8  8  TYR TYR A . n 
A 1 9  ALA 9  9  9  ALA ALA A . n 
A 1 10 ASP 10 10 10 ASP ASP A . n 
A 1 11 LEU 11 11 11 LEU LEU A . n 
A 1 12 VAL 12 12 12 VAL VAL A . n 
A 1 13 LYS 13 13 13 LYS LYS A . n 
A 1 14 PHE 14 14 14 PHE PHE A . n 
A 1 15 GLY 15 15 15 GLY GLY A . n 
A 1 16 GLN 16 16 16 GLN GLN A . n 
A 1 17 ARG 17 17 17 ARG ARG A . n 
A 1 18 LEU 18 18 18 LEU LEU A . n 
A 1 19 ARG 19 19 19 ARG ARG A . n 
A 1 20 GLU 20 20 20 GLU GLU A . n 
A 1 21 LEU 21 21 21 LEU LEU A . n 
A 1 22 ARG 22 22 22 ARG ARG A . n 
A 1 23 THR 23 23 23 THR THR A . n 
A 1 24 ALA 24 24 24 ALA ALA A . n 
A 1 25 LYS 25 25 25 LYS LYS A . n 
A 1 26 GLY 26 26 26 GLY GLY A . n 
A 1 27 LEU 27 27 27 LEU LEU A . n 
A 1 28 SER 28 28 28 SER SER A . n 
A 1 29 GLN 29 29 29 GLN GLN A . n 
A 1 30 GLU 30 30 30 GLU GLU A . n 
A 1 31 THR 31 31 31 THR THR A . n 
A 1 32 LEU 32 32 32 LEU LEU A . n 
A 1 33 ALA 33 33 33 ALA ALA A . n 
A 1 34 PHE 34 34 34 PHE PHE A . n 
A 1 35 LEU 35 35 35 LEU LEU A . n 
A 1 36 SER 36 36 36 SER SER A . n 
A 1 37 GLY 37 37 37 GLY GLY A . n 
A 1 38 LEU 38 38 38 LEU LEU A . n 
A 1 39 ASP 39 39 39 ASP ASP A . n 
A 1 40 ARG 40 40 40 ARG ARG A . n 
A 1 41 SER 41 41 41 SER SER A . n 
A 1 42 TYR 42 42 42 TYR TYR A . n 
A 1 43 VAL 43 43 43 VAL VAL A . n 
A 1 44 GLY 44 44 44 GLY GLY A . n 
A 1 45 GLY 45 45 45 GLY GLY A . n 
A 1 46 VAL 46 46 46 VAL VAL A . n 
A 1 47 GLU 47 47 47 GLU GLU A . n 
A 1 48 ARG 48 48 48 ARG ARG A . n 
A 1 49 GLY 49 49 49 GLY GLY A . n 
A 1 50 GLN 50 50 50 GLN GLN A . n 
A 1 51 ARG 51 51 51 ARG ARG A . n 
A 1 52 ASN 52 52 52 ASN ASN A . n 
A 1 53 VAL 53 53 53 VAL VAL A . n 
A 1 54 SER 54 54 54 SER SER A . n 
A 1 55 LEU 55 55 55 LEU LEU A . n 
A 1 56 VAL 56 56 56 VAL VAL A . n 
A 1 57 ASN 57 57 57 ASN ASN A . n 
A 1 58 ILE 58 58 58 ILE ILE A . n 
A 1 59 LEU 59 59 59 LEU LEU A . n 
A 1 60 LYS 60 60 60 LYS LYS A . n 
A 1 61 LEU 61 61 61 LEU LEU A . n 
A 1 62 ALA 62 62 62 ALA ALA A . n 
A 1 63 THR 63 63 63 THR THR A . n 
A 1 64 ALA 64 64 64 ALA ALA A . n 
A 1 65 LEU 65 65 65 LEU LEU A . n 
A 1 66 ASP 66 66 66 ASP ASP A . n 
A 1 67 ILE 67 67 67 ILE ILE A . n 
A 1 68 GLU 68 68 68 GLU GLU A . n 
A 1 69 PRO 69 69 69 PRO PRO A . n 
A 1 70 ARG 70 70 70 ARG ARG A . n 
A 1 71 GLU 71 71 71 GLU GLU A . n 
A 1 72 LEU 72 72 72 LEU LEU A . n 
A 1 73 PHE 73 73 73 PHE PHE A . n 
A 1 74 CYS 74 74 ?  ?   ?   A . n 
B 1 1  MET 1  1  ?  ?   ?   B . n 
B 1 2  GLN 2  2  ?  ?   ?   B . n 
B 1 3  SER 3  3  ?  ?   ?   B . n 
B 1 4  HIS 4  4  ?  ?   ?   B . n 
B 1 5  HIS 5  5  ?  ?   ?   B . n 
B 1 6  ASP 6  6  ?  ?   ?   B . n 
B 1 7  HIS 7  7  ?  ?   ?   B . n 
B 1 8  TYR 8  8  8  TYR TYR B . n 
B 1 9  ALA 9  9  9  ALA ALA B . n 
B 1 10 ASP 10 10 10 ASP ASP B . n 
B 1 11 LEU 11 11 11 LEU LEU B . n 
B 1 12 VAL 12 12 12 VAL VAL B . n 
B 1 13 LYS 13 13 13 LYS LYS B . n 
B 1 14 PHE 14 14 14 PHE PHE B . n 
B 1 15 GLY 15 15 15 GLY GLY B . n 
B 1 16 GLN 16 16 16 GLN GLN B . n 
B 1 17 ARG 17 17 17 ARG ARG B . n 
B 1 18 LEU 18 18 18 LEU LEU B . n 
B 1 19 ARG 19 19 19 ARG ARG B . n 
B 1 20 GLU 20 20 20 GLU GLU B . n 
B 1 21 LEU 21 21 21 LEU LEU B . n 
B 1 22 ARG 22 22 22 ARG ARG B . n 
B 1 23 THR 23 23 23 THR THR B . n 
B 1 24 ALA 24 24 24 ALA ALA B . n 
B 1 25 LYS 25 25 25 LYS LYS B . n 
B 1 26 GLY 26 26 26 GLY GLY B . n 
B 1 27 LEU 27 27 27 LEU LEU B . n 
B 1 28 SER 28 28 28 SER SER B . n 
B 1 29 GLN 29 29 29 GLN GLN B . n 
B 1 30 GLU 30 30 30 GLU GLU B . n 
B 1 31 THR 31 31 31 THR THR B . n 
B 1 32 LEU 32 32 32 LEU LEU B . n 
B 1 33 ALA 33 33 33 ALA ALA B . n 
B 1 34 PHE 34 34 34 PHE PHE B . n 
B 1 35 LEU 35 35 35 LEU LEU B . n 
B 1 36 SER 36 36 36 SER SER B . n 
B 1 37 GLY 37 37 37 GLY GLY B . n 
B 1 38 LEU 38 38 38 LEU LEU B . n 
B 1 39 ASP 39 39 39 ASP ASP B . n 
B 1 40 ARG 40 40 40 ARG ARG B . n 
B 1 41 SER 41 41 41 SER SER B . n 
B 1 42 TYR 42 42 42 TYR TYR B . n 
B 1 43 VAL 43 43 43 VAL VAL B . n 
B 1 44 GLY 44 44 44 GLY GLY B . n 
B 1 45 GLY 45 45 45 GLY GLY B . n 
B 1 46 VAL 46 46 46 VAL VAL B . n 
B 1 47 GLU 47 47 47 GLU GLU B . n 
B 1 48 ARG 48 48 48 ARG ARG B . n 
B 1 49 GLY 49 49 49 GLY GLY B . n 
B 1 50 GLN 50 50 50 GLN GLN B . n 
B 1 51 ARG 51 51 51 ARG ARG B . n 
B 1 52 ASN 52 52 52 ASN ASN B . n 
B 1 53 VAL 53 53 53 VAL VAL B . n 
B 1 54 SER 54 54 54 SER SER B . n 
B 1 55 LEU 55 55 55 LEU LEU B . n 
B 1 56 VAL 56 56 56 VAL VAL B . n 
B 1 57 ASN 57 57 57 ASN ASN B . n 
B 1 58 ILE 58 58 58 ILE ILE B . n 
B 1 59 LEU 59 59 59 LEU LEU B . n 
B 1 60 LYS 60 60 60 LYS LYS B . n 
B 1 61 LEU 61 61 61 LEU LEU B . n 
B 1 62 ALA 62 62 62 ALA ALA B . n 
B 1 63 THR 63 63 63 THR THR B . n 
B 1 64 ALA 64 64 64 ALA ALA B . n 
B 1 65 LEU 65 65 65 LEU LEU B . n 
B 1 66 ASP 66 66 66 ASP ASP B . n 
B 1 67 ILE 67 67 67 ILE ILE B . n 
B 1 68 GLU 68 68 68 GLU GLU B . n 
B 1 69 PRO 69 69 69 PRO PRO B . n 
B 1 70 ARG 70 70 70 ARG ARG B . n 
B 1 71 GLU 71 71 71 GLU GLU B . n 
B 1 72 LEU 72 72 72 LEU LEU B . n 
B 1 73 PHE 73 73 73 PHE PHE B . n 
B 1 74 CYS 74 74 ?  ?   ?   B . n 
# 
loop_
_pdbx_nonpoly_scheme.asym_id 
_pdbx_nonpoly_scheme.entity_id 
_pdbx_nonpoly_scheme.mon_id 
_pdbx_nonpoly_scheme.ndb_seq_num 
_pdbx_nonpoly_scheme.pdb_seq_num 
_pdbx_nonpoly_scheme.auth_seq_num 
_pdbx_nonpoly_scheme.pdb_mon_id 
_pdbx_nonpoly_scheme.auth_mon_id 
_pdbx_nonpoly_scheme.pdb_strand_id 
_pdbx_nonpoly_scheme.pdb_ins_code 
C 2 HOH 1  75  1   HOH WAT A . 
C 2 HOH 2  76  3   HOH WAT A . 
C 2 HOH 3  77  5   HOH WAT A . 
C 2 HOH 4  78  8   HOH WAT A . 
C 2 HOH 5  79  13  HOH WAT A . 
C 2 HOH 6  80  14  HOH WAT A . 
C 2 HOH 7  81  16  HOH WAT A . 
C 2 HOH 8  82  17  HOH WAT A . 
C 2 HOH 9  83  20  HOH WAT A . 
C 2 HOH 10 84  23  HOH WAT A . 
C 2 HOH 11 85  25  HOH WAT A . 
C 2 HOH 12 86  34  HOH WAT A . 
C 2 HOH 13 87  36  HOH WAT A . 
C 2 HOH 14 88  37  HOH WAT A . 
C 2 HOH 15 89  40  HOH WAT A . 
C 2 HOH 16 90  41  HOH WAT A . 
C 2 HOH 17 91  42  HOH WAT A . 
C 2 HOH 18 92  43  HOH WAT A . 
C 2 HOH 19 93  45  HOH WAT A . 
C 2 HOH 20 94  46  HOH WAT A . 
C 2 HOH 21 95  48  HOH WAT A . 
C 2 HOH 22 96  49  HOH WAT A . 
C 2 HOH 23 97  52  HOH WAT A . 
C 2 HOH 24 98  53  HOH WAT A . 
C 2 HOH 25 99  56  HOH WAT A . 
C 2 HOH 26 100 59  HOH WAT A . 
C 2 HOH 27 101 60  HOH WAT A . 
C 2 HOH 28 102 65  HOH WAT A . 
C 2 HOH 29 103 69  HOH WAT A . 
C 2 HOH 30 104 74  HOH WAT A . 
C 2 HOH 31 105 77  HOH WAT A . 
C 2 HOH 32 106 78  HOH WAT A . 
C 2 HOH 33 107 79  HOH WAT A . 
C 2 HOH 34 108 80  HOH WAT A . 
C 2 HOH 35 109 81  HOH WAT A . 
C 2 HOH 36 110 83  HOH WAT A . 
C 2 HOH 37 111 84  HOH WAT A . 
C 2 HOH 38 112 85  HOH WAT A . 
C 2 HOH 39 113 87  HOH WAT A . 
C 2 HOH 40 114 89  HOH WAT A . 
C 2 HOH 41 115 90  HOH WAT A . 
C 2 HOH 42 116 92  HOH WAT A . 
C 2 HOH 43 117 93  HOH WAT A . 
C 2 HOH 44 118 94  HOH WAT A . 
C 2 HOH 45 119 96  HOH WAT A . 
C 2 HOH 46 120 97  HOH WAT A . 
C 2 HOH 47 121 98  HOH WAT A . 
C 2 HOH 48 122 101 HOH WAT A . 
C 2 HOH 49 123 102 HOH WAT A . 
C 2 HOH 50 124 103 HOH WAT A . 
C 2 HOH 51 125 104 HOH WAT A . 
C 2 HOH 52 126 109 HOH WAT A . 
C 2 HOH 53 127 110 HOH WAT A . 
C 2 HOH 54 128 112 HOH WAT A . 
C 2 HOH 55 129 113 HOH WAT A . 
C 2 HOH 56 130 117 HOH WAT A . 
C 2 HOH 57 131 120 HOH WAT A . 
C 2 HOH 58 132 121 HOH WAT A . 
C 2 HOH 59 133 123 HOH WAT A . 
C 2 HOH 60 134 126 HOH WAT A . 
C 2 HOH 61 135 127 HOH WAT A . 
C 2 HOH 62 136 128 HOH WAT A . 
C 2 HOH 63 137 131 HOH WAT A . 
C 2 HOH 64 138 133 HOH WAT A . 
C 2 HOH 65 139 134 HOH WAT A . 
C 2 HOH 66 140 138 HOH WAT A . 
C 2 HOH 67 141 142 HOH WAT A . 
C 2 HOH 68 142 145 HOH WAT A . 
C 2 HOH 69 143 146 HOH WAT A . 
C 2 HOH 70 144 147 HOH WAT A . 
D 2 HOH 1  75  2   HOH WAT B . 
D 2 HOH 2  76  4   HOH WAT B . 
D 2 HOH 3  77  6   HOH WAT B . 
D 2 HOH 4  78  7   HOH WAT B . 
D 2 HOH 5  79  9   HOH WAT B . 
D 2 HOH 6  80  10  HOH WAT B . 
D 2 HOH 7  81  11  HOH WAT B . 
D 2 HOH 8  82  12  HOH WAT B . 
D 2 HOH 9  83  15  HOH WAT B . 
D 2 HOH 10 84  18  HOH WAT B . 
D 2 HOH 11 85  19  HOH WAT B . 
D 2 HOH 12 86  21  HOH WAT B . 
D 2 HOH 13 87  22  HOH WAT B . 
D 2 HOH 14 88  24  HOH WAT B . 
D 2 HOH 15 89  26  HOH WAT B . 
D 2 HOH 16 90  27  HOH WAT B . 
D 2 HOH 17 91  28  HOH WAT B . 
D 2 HOH 18 92  29  HOH WAT B . 
D 2 HOH 19 93  30  HOH WAT B . 
D 2 HOH 20 94  31  HOH WAT B . 
D 2 HOH 21 95  32  HOH WAT B . 
D 2 HOH 22 96  33  HOH WAT B . 
D 2 HOH 23 97  35  HOH WAT B . 
D 2 HOH 24 98  38  HOH WAT B . 
D 2 HOH 25 99  39  HOH WAT B . 
D 2 HOH 26 100 44  HOH WAT B . 
D 2 HOH 27 101 47  HOH WAT B . 
D 2 HOH 28 102 50  HOH WAT B . 
D 2 HOH 29 103 51  HOH WAT B . 
D 2 HOH 30 104 54  HOH WAT B . 
D 2 HOH 31 105 55  HOH WAT B . 
D 2 HOH 32 106 57  HOH WAT B . 
D 2 HOH 33 107 58  HOH WAT B . 
D 2 HOH 34 108 61  HOH WAT B . 
D 2 HOH 35 109 62  HOH WAT B . 
D 2 HOH 36 110 63  HOH WAT B . 
D 2 HOH 37 111 64  HOH WAT B . 
D 2 HOH 38 112 66  HOH WAT B . 
D 2 HOH 39 113 67  HOH WAT B . 
D 2 HOH 40 114 68  HOH WAT B . 
D 2 HOH 41 115 70  HOH WAT B . 
D 2 HOH 42 116 71  HOH WAT B . 
D 2 HOH 43 117 72  HOH WAT B . 
D 2 HOH 44 118 73  HOH WAT B . 
D 2 HOH 45 119 75  HOH WAT B . 
D 2 HOH 46 120 76  HOH WAT B . 
D 2 HOH 47 121 82  HOH WAT B . 
D 2 HOH 48 122 86  HOH WAT B . 
D 2 HOH 49 123 88  HOH WAT B . 
D 2 HOH 50 124 91  HOH WAT B . 
D 2 HOH 51 125 95  HOH WAT B . 
D 2 HOH 52 126 99  HOH WAT B . 
D 2 HOH 53 127 100 HOH WAT B . 
D 2 HOH 54 128 105 HOH WAT B . 
D 2 HOH 55 129 106 HOH WAT B . 
D 2 HOH 56 130 107 HOH WAT B . 
D 2 HOH 57 131 108 HOH WAT B . 
D 2 HOH 58 132 111 HOH WAT B . 
D 2 HOH 59 133 114 HOH WAT B . 
D 2 HOH 60 134 115 HOH WAT B . 
D 2 HOH 61 135 116 HOH WAT B . 
D 2 HOH 62 136 118 HOH WAT B . 
D 2 HOH 63 137 119 HOH WAT B . 
D 2 HOH 64 138 122 HOH WAT B . 
D 2 HOH 65 139 124 HOH WAT B . 
D 2 HOH 66 140 125 HOH WAT B . 
D 2 HOH 67 141 129 HOH WAT B . 
D 2 HOH 68 142 130 HOH WAT B . 
D 2 HOH 69 143 132 HOH WAT B . 
D 2 HOH 70 144 135 HOH WAT B . 
D 2 HOH 71 145 136 HOH WAT B . 
D 2 HOH 72 146 137 HOH WAT B . 
D 2 HOH 73 147 139 HOH WAT B . 
D 2 HOH 74 148 140 HOH WAT B . 
D 2 HOH 75 149 141 HOH WAT B . 
D 2 HOH 76 150 143 HOH WAT B . 
D 2 HOH 77 151 144 HOH WAT B . 
# 
loop_
_software.name 
_software.classification 
_software.version 
_software.citation_id 
_software.pdbx_ordinal 
MOSFLM 'data reduction' .         ? 1 
SCALA  'data scaling'   .         ? 2 
MOLREP phasing          .         ? 3 
REFMAC refinement       5.1.24    ? 4 
CCP4   'data scaling'   '(SCALA)' ? 5 
# 
_cell.entry_id           1Y7Y 
_cell.length_a           24.403 
_cell.length_b           57.246 
_cell.length_c           46.125 
_cell.angle_alpha        90.00 
_cell.angle_beta         98.89 
_cell.angle_gamma        90.00 
_cell.Z_PDB              4 
_cell.pdbx_unique_axis   ? 
# 
_symmetry.entry_id                         1Y7Y 
_symmetry.space_group_name_H-M             'P 1 21 1' 
_symmetry.pdbx_full_space_group_name_H-M   ? 
_symmetry.cell_setting                     ? 
_symmetry.Int_Tables_number                4 
_symmetry.space_group_name_Hall            ? 
# 
_exptl.entry_id          1Y7Y 
_exptl.method            'X-RAY DIFFRACTION' 
_exptl.crystals_number   1 
# 
_exptl_crystal.id                    1 
_exptl_crystal.density_meas          ? 
_exptl_crystal.density_Matthews      1.89 
_exptl_crystal.density_percent_sol   34.9 
_exptl_crystal.description           ? 
_exptl_crystal.F_000                 ? 
_exptl_crystal.preparation           ? 
# 
_exptl_crystal_grow.crystal_id      1 
_exptl_crystal_grow.method          'VAPOR DIFFUSION, HANGING DROP' 
_exptl_crystal_grow.temp            295 
_exptl_crystal_grow.temp_details    ? 
_exptl_crystal_grow.pH              7.0 
_exptl_crystal_grow.pdbx_details    
'PEG 6000, IMIDAZOLE-MALATE, 2-METHYL-2,4-PENTANEDIOL, pH 7.0, VAPOR DIFFUSION, HANGING DROP, temperature 295K' 
_exptl_crystal_grow.pdbx_pH_range   . 
# 
_diffrn.id                     1 
_diffrn.ambient_temp           100 
_diffrn.ambient_temp_details   ? 
_diffrn.crystal_id             1 
# 
_diffrn_detector.diffrn_id              1 
_diffrn_detector.detector               CCD 
_diffrn_detector.type                   MARRESEARCH 
_diffrn_detector.pdbx_collection_date   2003-06-21 
_diffrn_detector.details                MIRRORS 
# 
_diffrn_radiation.diffrn_id                        1 
_diffrn_radiation.wavelength_id                    1 
_diffrn_radiation.pdbx_monochromatic_or_laue_m_l   M 
_diffrn_radiation.monochromator                    'Si 111 CHANNEL' 
_diffrn_radiation.pdbx_diffrn_protocol             'SINGLE WAVELENGTH' 
_diffrn_radiation.pdbx_scattering_type             x-ray 
# 
_diffrn_radiation_wavelength.id           1 
_diffrn_radiation_wavelength.wavelength   0.904989 
_diffrn_radiation_wavelength.wt           1.0 
# 
_diffrn_source.diffrn_id                   1 
_diffrn_source.source                      SYNCHROTRON 
_diffrn_source.type                        'ESRF BEAMLINE BM14' 
_diffrn_source.pdbx_synchrotron_site       ESRF 
_diffrn_source.pdbx_synchrotron_beamline   BM14 
_diffrn_source.pdbx_wavelength             ? 
_diffrn_source.pdbx_wavelength_list        0.904989 
# 
_reflns.entry_id                     1Y7Y 
_reflns.observed_criterion_sigma_F   ? 
_reflns.observed_criterion_sigma_I   ? 
_reflns.d_resolution_high            1.66 
_reflns.d_resolution_low             45.57 
_reflns.number_all                   14937 
_reflns.number_obs                   14302 
_reflns.percent_possible_obs         95.7 
_reflns.pdbx_Rmerge_I_obs            0.048 
_reflns.pdbx_Rsym_value              0.041 
_reflns.pdbx_netI_over_sigmaI        8.0 
_reflns.B_iso_Wilson_estimate        18.8 
_reflns.pdbx_redundancy              9.2 
_reflns.R_free_details               ? 
_reflns.limit_h_max                  ? 
_reflns.limit_h_min                  ? 
_reflns.limit_k_max                  ? 
_reflns.limit_k_min                  ? 
_reflns.limit_l_max                  ? 
_reflns.limit_l_min                  ? 
_reflns.observed_criterion_F_max     ? 
_reflns.observed_criterion_F_min     ? 
_reflns.pdbx_chi_squared             ? 
_reflns.pdbx_scaling_rejects         ? 
_reflns.pdbx_diffrn_id               1 
_reflns.pdbx_ordinal                 1 
# 
_reflns_shell.d_res_high             1.66 
_reflns_shell.d_res_low              1.75 
_reflns_shell.percent_possible_all   95.7 
_reflns_shell.Rmerge_I_obs           0.215 
_reflns_shell.pdbx_Rsym_value        0.181 
_reflns_shell.meanI_over_sigI_obs    4.1 
_reflns_shell.pdbx_redundancy        3.0 
_reflns_shell.percent_possible_obs   ? 
_reflns_shell.number_unique_all      1561 
_reflns_shell.number_measured_all    ? 
_reflns_shell.number_measured_obs    ? 
_reflns_shell.number_unique_obs      ? 
_reflns_shell.pdbx_chi_squared       ? 
_reflns_shell.pdbx_diffrn_id         ? 
_reflns_shell.pdbx_ordinal           1 
# 
_refine.entry_id                                 1Y7Y 
_refine.ls_d_res_high                            1.69 
_refine.ls_d_res_low                             18.4 
_refine.pdbx_ls_sigma_F                          ? 
_refine.pdbx_ls_sigma_I                          ? 
_refine.ls_number_reflns_all                     14059 
_refine.ls_number_reflns_obs                     14058 
_refine.ls_number_reflns_R_free                  674 
_refine.ls_percent_reflns_obs                    ? 
_refine.ls_R_factor_all                          0.169 
_refine.ls_R_factor_obs                          ? 
_refine.ls_R_factor_R_work                       0.169 
_refine.ls_R_factor_R_free                       0.223 
_refine.ls_redundancy_reflns_obs                 ? 
_refine.pdbx_data_cutoff_high_absF               ? 
_refine.pdbx_data_cutoff_low_absF                ? 
_refine.ls_number_parameters                     ? 
_refine.ls_number_restraints                     ? 
_refine.ls_percent_reflns_R_free                 4.8 
_refine.ls_R_factor_R_free_error                 ? 
_refine.ls_R_factor_R_free_error_details         ? 
_refine.pdbx_method_to_determine_struct          'MOLECULAR REPLACEMENT' 
_refine.pdbx_starting_model                      'Mutant I58M of C.AhdI, SeMet MAD to 2.5A' 
_refine.pdbx_ls_cross_valid_method               THROUGHOUT 
_refine.pdbx_R_Free_selection_details            RANDOM 
_refine.pdbx_stereochem_target_val_spec_case     ? 
_refine.pdbx_stereochemistry_target_values       'Engh & Huber' 
_refine.solvent_model_details                    ? 
_refine.solvent_model_param_bsol                 ? 
_refine.solvent_model_param_ksol                 ? 
_refine.occupancy_max                            ? 
_refine.occupancy_min                            ? 
_refine.pdbx_isotropic_thermal_model             ? 
_refine.B_iso_mean                               ? 
_refine.aniso_B[1][1]                            ? 
_refine.aniso_B[1][2]                            ? 
_refine.aniso_B[1][3]                            ? 
_refine.aniso_B[2][2]                            ? 
_refine.aniso_B[2][3]                            ? 
_refine.aniso_B[3][3]                            ? 
_refine.details                                  ? 
_refine.B_iso_min                                ? 
_refine.B_iso_max                                ? 
_refine.correlation_coeff_Fo_to_Fc               ? 
_refine.correlation_coeff_Fo_to_Fc_free          ? 
_refine.pdbx_solvent_vdw_probe_radii             ? 
_refine.pdbx_solvent_ion_probe_radii             ? 
_refine.pdbx_solvent_shrinkage_radii             ? 
_refine.overall_SU_R_Cruickshank_DPI             ? 
_refine.overall_SU_R_free                        ? 
_refine.overall_SU_B                             ? 
_refine.overall_SU_ML                            ? 
_refine.pdbx_overall_ESU_R                       ? 
_refine.pdbx_overall_ESU_R_Free                  ? 
_refine.pdbx_data_cutoff_high_rms_absF           ? 
_refine.ls_wR_factor_R_free                      ? 
_refine.ls_wR_factor_R_work                      ? 
_refine.overall_FOM_free_R_set                   ? 
_refine.overall_FOM_work_R_set                   ? 
_refine.pdbx_refine_id                           'X-RAY DIFFRACTION' 
_refine.pdbx_diffrn_id                           1 
_refine.pdbx_TLS_residual_ADP_flag               ? 
_refine.pdbx_overall_phase_error                 ? 
_refine.pdbx_overall_SU_R_free_Cruickshank_DPI   ? 
_refine.pdbx_overall_SU_R_Blow_DPI               ? 
_refine.pdbx_overall_SU_R_free_Blow_DPI          ? 
# 
_refine_hist.pdbx_refine_id                   'X-RAY DIFFRACTION' 
_refine_hist.cycle_id                         LAST 
_refine_hist.pdbx_number_atoms_protein        1070 
_refine_hist.pdbx_number_atoms_nucleic_acid   0 
_refine_hist.pdbx_number_atoms_ligand         0 
_refine_hist.number_atoms_solvent             147 
_refine_hist.number_atoms_total               1217 
_refine_hist.d_res_high                       1.69 
_refine_hist.d_res_low                        18.4 
# 
loop_
_refine_ls_restr.type 
_refine_ls_restr.dev_ideal 
_refine_ls_restr.dev_ideal_target 
_refine_ls_restr.weight 
_refine_ls_restr.number 
_refine_ls_restr.pdbx_refine_id 
_refine_ls_restr.pdbx_restraint_function 
r_bond_refined_d    0.018 ? ? ? 'X-RAY DIFFRACTION' ? 
r_angle_refined_deg 1.524 ? ? ? 'X-RAY DIFFRACTION' ? 
# 
_struct.entry_id                  1Y7Y 
_struct.title                     
'High-resolution crystal structure of the restriction-modification controller protein C.AhdI from Aeromonas hydrophila' 
_struct.pdbx_model_details        ? 
_struct.pdbx_CASP_flag            ? 
_struct.pdbx_model_type_details   ? 
# 
_struct_keywords.entry_id        1Y7Y 
_struct_keywords.pdbx_keywords   'Transcription regulator' 
_struct_keywords.text            'HELIX-TURN-HELIX, DNA-BINDING PROTEIN, TRANSCRIPTIONAL REGULATOR, Transcription regulator' 
# 
loop_
_struct_asym.id 
_struct_asym.pdbx_blank_PDB_chainid_flag 
_struct_asym.pdbx_modified 
_struct_asym.entity_id 
_struct_asym.details 
A N N 1 ? 
B N N 1 ? 
C N N 2 ? 
D N N 2 ? 
# 
_struct_ref.id                         1 
_struct_ref.db_name                    UNP 
_struct_ref.db_code                    Q7X0F0_AERHY 
_struct_ref.pdbx_db_accession          Q7X0F0 
_struct_ref.entity_id                  1 
_struct_ref.pdbx_seq_one_letter_code   MQSHHDHYADLVKFGQRLRELRTAKGLSQETLAFLSGLDRSYVGGVERGQRNVSLVNILKLATALDIEPRELFC 
_struct_ref.pdbx_align_begin           1 
_struct_ref.pdbx_db_isoform            ? 
# 
loop_
_struct_ref_seq.align_id 
_struct_ref_seq.ref_id 
_struct_ref_seq.pdbx_PDB_id_code 
_struct_ref_seq.pdbx_strand_id 
_struct_ref_seq.seq_align_beg 
_struct_ref_seq.pdbx_seq_align_beg_ins_code 
_struct_ref_seq.seq_align_end 
_struct_ref_seq.pdbx_seq_align_end_ins_code 
_struct_ref_seq.pdbx_db_accession 
_struct_ref_seq.db_align_beg 
_struct_ref_seq.pdbx_db_align_beg_ins_code 
_struct_ref_seq.db_align_end 
_struct_ref_seq.pdbx_db_align_end_ins_code 
_struct_ref_seq.pdbx_auth_seq_align_beg 
_struct_ref_seq.pdbx_auth_seq_align_end 
1 1 1Y7Y A 1 ? 74 ? Q7X0F0 1 ? 74 ? 1 74 
2 1 1Y7Y B 1 ? 74 ? Q7X0F0 1 ? 74 ? 1 74 
# 
_pdbx_struct_assembly.id                   1 
_pdbx_struct_assembly.details              author_and_software_defined_assembly 
_pdbx_struct_assembly.method_details       PISA 
_pdbx_struct_assembly.oligomeric_details   dimeric 
_pdbx_struct_assembly.oligomeric_count     2 
# 
loop_
_pdbx_struct_assembly_prop.biol_id 
_pdbx_struct_assembly_prop.type 
_pdbx_struct_assembly_prop.value 
_pdbx_struct_assembly_prop.details 
1 'ABSA (A^2)' 1410 ? 
1 MORE         -15  ? 
1 'SSA (A^2)'  7330 ? 
# 
_pdbx_struct_assembly_gen.assembly_id       1 
_pdbx_struct_assembly_gen.oper_expression   1 
_pdbx_struct_assembly_gen.asym_id_list      A,B,C,D 
# 
_pdbx_struct_oper_list.id                   1 
_pdbx_struct_oper_list.type                 'identity operation' 
_pdbx_struct_oper_list.name                 1_555 
_pdbx_struct_oper_list.symmetry_operation   x,y,z 
_pdbx_struct_oper_list.matrix[1][1]         1.0000000000 
_pdbx_struct_oper_list.matrix[1][2]         0.0000000000 
_pdbx_struct_oper_list.matrix[1][3]         0.0000000000 
_pdbx_struct_oper_list.vector[1]            0.0000000000 
_pdbx_struct_oper_list.matrix[2][1]         0.0000000000 
_pdbx_struct_oper_list.matrix[2][2]         1.0000000000 
_pdbx_struct_oper_list.matrix[2][3]         0.0000000000 
_pdbx_struct_oper_list.vector[2]            0.0000000000 
_pdbx_struct_oper_list.matrix[3][1]         0.0000000000 
_pdbx_struct_oper_list.matrix[3][2]         0.0000000000 
_pdbx_struct_oper_list.matrix[3][3]         1.0000000000 
_pdbx_struct_oper_list.vector[3]            0.0000000000 
# 
_struct_biol.id                    1 
_struct_biol.details               
;THIS ENTRY CONTAINS THE CRYSTALLOGRAPHIC ASYMMETRIC UNIT  
WHICH CONSISTS OF 2 CHAINS WHICH MAKE UP THE BIOLOGICAL DIMER
;
_struct_biol.pdbx_parent_biol_id   ? 
# 
loop_
_struct_conf.conf_type_id 
_struct_conf.id 
_struct_conf.pdbx_PDB_helix_id 
_struct_conf.beg_label_comp_id 
_struct_conf.beg_label_asym_id 
_struct_conf.beg_label_seq_id 
_struct_conf.pdbx_beg_PDB_ins_code 
_struct_conf.end_label_comp_id 
_struct_conf.end_label_asym_id 
_struct_conf.end_label_seq_id 
_struct_conf.pdbx_end_PDB_ins_code 
_struct_conf.beg_auth_comp_id 
_struct_conf.beg_auth_asym_id 
_struct_conf.beg_auth_seq_id 
_struct_conf.end_auth_comp_id 
_struct_conf.end_auth_asym_id 
_struct_conf.end_auth_seq_id 
_struct_conf.pdbx_PDB_helix_class 
_struct_conf.details 
_struct_conf.pdbx_PDB_helix_length 
HELX_P HELX_P1  1  ASP A 6  ? LYS A 25 ? ASP A 6  LYS A 25 1 ? 20 
HELX_P HELX_P2  2  SER A 28 ? GLY A 37 ? SER A 28 GLY A 37 1 ? 10 
HELX_P HELX_P3  3  ASP A 39 ? ARG A 48 ? ASP A 39 ARG A 48 1 ? 10 
HELX_P HELX_P4  4  SER A 54 ? LEU A 65 ? SER A 54 LEU A 65 1 ? 12 
HELX_P HELX_P5  5  GLU A 68 ? PHE A 73 ? GLU A 68 PHE A 73 5 ? 6  
HELX_P HELX_P6  6  TYR B 8  ? LYS B 25 ? TYR B 8  LYS B 25 1 ? 18 
HELX_P HELX_P7  7  SER B 28 ? GLY B 37 ? SER B 28 GLY B 37 1 ? 10 
HELX_P HELX_P8  8  ASP B 39 ? ARG B 48 ? ASP B 39 ARG B 48 1 ? 10 
HELX_P HELX_P9  9  SER B 54 ? LEU B 65 ? SER B 54 LEU B 65 1 ? 12 
HELX_P HELX_P10 10 GLU B 68 ? PHE B 73 ? GLU B 68 PHE B 73 5 ? 6  
# 
_struct_conf_type.id          HELX_P 
_struct_conf_type.criteria    ? 
_struct_conf_type.reference   ? 
# 
loop_
_pdbx_validate_close_contact.id 
_pdbx_validate_close_contact.PDB_model_num 
_pdbx_validate_close_contact.auth_atom_id_1 
_pdbx_validate_close_contact.auth_asym_id_1 
_pdbx_validate_close_contact.auth_comp_id_1 
_pdbx_validate_close_contact.auth_seq_id_1 
_pdbx_validate_close_contact.PDB_ins_code_1 
_pdbx_validate_close_contact.label_alt_id_1 
_pdbx_validate_close_contact.auth_atom_id_2 
_pdbx_validate_close_contact.auth_asym_id_2 
_pdbx_validate_close_contact.auth_comp_id_2 
_pdbx_validate_close_contact.auth_seq_id_2 
_pdbx_validate_close_contact.PDB_ins_code_2 
_pdbx_validate_close_contact.label_alt_id_2 
_pdbx_validate_close_contact.dist 
1 1 O   B HOH 134 ? ? O B HOH 149 ? ? 2.12 
2 1 OD1 B ASP 39  ? ? O B HOH 150 ? ? 2.16 
3 1 NH2 B ARG 40  ? ? O B HOH 137 ? ? 2.17 
4 1 O   B HOH 139 ? ? O B HOH 143 ? ? 2.19 
# 
loop_
_pdbx_validate_symm_contact.id 
_pdbx_validate_symm_contact.PDB_model_num 
_pdbx_validate_symm_contact.auth_atom_id_1 
_pdbx_validate_symm_contact.auth_asym_id_1 
_pdbx_validate_symm_contact.auth_comp_id_1 
_pdbx_validate_symm_contact.auth_seq_id_1 
_pdbx_validate_symm_contact.PDB_ins_code_1 
_pdbx_validate_symm_contact.label_alt_id_1 
_pdbx_validate_symm_contact.site_symmetry_1 
_pdbx_validate_symm_contact.auth_atom_id_2 
_pdbx_validate_symm_contact.auth_asym_id_2 
_pdbx_validate_symm_contact.auth_comp_id_2 
_pdbx_validate_symm_contact.auth_seq_id_2 
_pdbx_validate_symm_contact.PDB_ins_code_2 
_pdbx_validate_symm_contact.label_alt_id_2 
_pdbx_validate_symm_contact.site_symmetry_2 
_pdbx_validate_symm_contact.dist 
1 1 ND1 A HIS 5 ? ? 1_555 OE2 B GLU 20 ? ? 2_645 1.80 
2 1 ND1 A HIS 5 ? ? 1_555 CD  B GLU 20 ? ? 2_645 2.11 
# 
loop_
_pdbx_validate_rmsd_bond.id 
_pdbx_validate_rmsd_bond.PDB_model_num 
_pdbx_validate_rmsd_bond.auth_atom_id_1 
_pdbx_validate_rmsd_bond.auth_asym_id_1 
_pdbx_validate_rmsd_bond.auth_comp_id_1 
_pdbx_validate_rmsd_bond.auth_seq_id_1 
_pdbx_validate_rmsd_bond.PDB_ins_code_1 
_pdbx_validate_rmsd_bond.label_alt_id_1 
_pdbx_validate_rmsd_bond.auth_atom_id_2 
_pdbx_validate_rmsd_bond.auth_asym_id_2 
_pdbx_validate_rmsd_bond.auth_comp_id_2 
_pdbx_validate_rmsd_bond.auth_seq_id_2 
_pdbx_validate_rmsd_bond.PDB_ins_code_2 
_pdbx_validate_rmsd_bond.label_alt_id_2 
_pdbx_validate_rmsd_bond.bond_value 
_pdbx_validate_rmsd_bond.bond_target_value 
_pdbx_validate_rmsd_bond.bond_deviation 
_pdbx_validate_rmsd_bond.bond_standard_deviation 
_pdbx_validate_rmsd_bond.linker_flag 
1  1 CZ  A ARG 17 ? ? NH2 A ARG 17 ? ? 1.237 1.326 -0.089 0.013 N 
2  1 CE2 A TYR 42 ? ? CD2 A TYR 42 ? ? 1.503 1.389 0.114  0.015 N 
3  1 CB  A VAL 56 ? ? CG1 A VAL 56 ? ? 1.667 1.524 0.143  0.021 N 
4  1 CB  A VAL 56 ? ? CG2 A VAL 56 ? ? 1.662 1.524 0.138  0.021 N 
5  1 CG  A GLU 71 ? ? CD  A GLU 71 ? ? 1.612 1.515 0.097  0.015 N 
6  1 CD  A GLU 71 ? ? OE2 A GLU 71 ? ? 1.350 1.252 0.098  0.011 N 
7  1 CD  B GLU 20 ? ? OE1 B GLU 20 ? ? 1.325 1.252 0.073  0.011 N 
8  1 CB  B LYS 25 ? ? CG  B LYS 25 ? ? 1.270 1.521 -0.251 0.027 N 
9  1 CE  B LYS 25 ? ? NZ  B LYS 25 ? ? 1.664 1.486 0.178  0.025 N 
10 1 CB  B VAL 43 ? ? CG1 B VAL 43 ? ? 1.663 1.524 0.139  0.021 N 
11 1 CD  B ARG 51 ? ? NE  B ARG 51 ? ? 1.564 1.460 0.104  0.017 N 
12 1 CA  B SER 54 ? ? CB  B SER 54 ? ? 1.618 1.525 0.093  0.015 N 
13 1 CD  B GLU 68 ? ? OE2 B GLU 68 ? ? 1.346 1.252 0.094  0.011 N 
14 1 CD  B GLU 71 ? ? OE1 B GLU 71 ? ? 1.167 1.252 -0.085 0.011 N 
15 1 CD  B GLU 71 ? ? OE2 B GLU 71 ? ? 1.175 1.252 -0.077 0.011 N 
16 1 CE1 B PHE 73 ? ? CZ  B PHE 73 ? ? 1.504 1.369 0.135  0.019 N 
# 
loop_
_pdbx_validate_rmsd_angle.id 
_pdbx_validate_rmsd_angle.PDB_model_num 
_pdbx_validate_rmsd_angle.auth_atom_id_1 
_pdbx_validate_rmsd_angle.auth_asym_id_1 
_pdbx_validate_rmsd_angle.auth_comp_id_1 
_pdbx_validate_rmsd_angle.auth_seq_id_1 
_pdbx_validate_rmsd_angle.PDB_ins_code_1 
_pdbx_validate_rmsd_angle.label_alt_id_1 
_pdbx_validate_rmsd_angle.auth_atom_id_2 
_pdbx_validate_rmsd_angle.auth_asym_id_2 
_pdbx_validate_rmsd_angle.auth_comp_id_2 
_pdbx_validate_rmsd_angle.auth_seq_id_2 
_pdbx_validate_rmsd_angle.PDB_ins_code_2 
_pdbx_validate_rmsd_angle.label_alt_id_2 
_pdbx_validate_rmsd_angle.auth_atom_id_3 
_pdbx_validate_rmsd_angle.auth_asym_id_3 
_pdbx_validate_rmsd_angle.auth_comp_id_3 
_pdbx_validate_rmsd_angle.auth_seq_id_3 
_pdbx_validate_rmsd_angle.PDB_ins_code_3 
_pdbx_validate_rmsd_angle.label_alt_id_3 
_pdbx_validate_rmsd_angle.angle_value 
_pdbx_validate_rmsd_angle.angle_target_value 
_pdbx_validate_rmsd_angle.angle_deviation 
_pdbx_validate_rmsd_angle.angle_standard_deviation 
_pdbx_validate_rmsd_angle.linker_flag 
1  1 CG  A TYR 8  ? ? CD1 A TYR 8  ? ? CE1 A TYR 8  ? ? 116.22 121.30 -5.08  0.80 N 
2  1 CG  A PHE 14 ? ? CD1 A PHE 14 ? ? CE1 A PHE 14 ? ? 113.93 120.80 -6.87  1.10 N 
3  1 NE  A ARG 17 ? ? CZ  A ARG 17 ? ? NH1 A ARG 17 ? ? 114.82 120.30 -5.48  0.50 N 
4  1 NE  A ARG 19 ? ? CZ  A ARG 19 ? ? NH1 A ARG 19 ? ? 123.90 120.30 3.60   0.50 N 
5  1 OG1 A THR 23 ? ? CB  A THR 23 ? ? CG2 A THR 23 ? ? 95.23  110.00 -14.77 2.30 N 
6  1 CB  A PHE 34 ? ? CG  A PHE 34 ? ? CD1 A PHE 34 ? ? 116.25 120.80 -4.55  0.70 N 
7  1 CB  A ASP 39 ? ? CG  A ASP 39 ? ? OD1 A ASP 39 ? ? 112.58 118.30 -5.72  0.90 N 
8  1 CZ  A TYR 42 ? ? CE2 A TYR 42 ? ? CD2 A TYR 42 ? ? 114.18 119.80 -5.62  0.90 N 
9  1 NE  A ARG 51 ? ? CZ  A ARG 51 ? ? NH2 A ARG 51 ? ? 115.44 120.30 -4.86  0.50 N 
10 1 CB  A PHE 73 ? ? CG  A PHE 73 ? ? CD2 A PHE 73 ? ? 126.51 120.80 5.71   0.70 N 
11 1 CB  A PHE 73 ? ? CG  A PHE 73 ? ? CD1 A PHE 73 ? ? 116.13 120.80 -4.67  0.70 N 
12 1 NE  B ARG 17 ? ? CZ  B ARG 17 ? ? NH2 B ARG 17 ? ? 116.71 120.30 -3.59  0.50 N 
13 1 NE  B ARG 19 ? ? CZ  B ARG 19 ? ? NH1 B ARG 19 ? ? 124.66 120.30 4.36   0.50 N 
14 1 CB  B LEU 21 ? ? CG  B LEU 21 ? ? CD1 B LEU 21 ? ? 99.82  111.00 -11.18 1.70 N 
15 1 NE  B ARG 22 ? ? CZ  B ARG 22 ? ? NH2 B ARG 22 ? ? 117.29 120.30 -3.01  0.50 N 
16 1 CB  B LEU 27 ? ? CG  B LEU 27 ? ? CD2 B LEU 27 ? ? 100.80 111.00 -10.20 1.70 N 
17 1 NE  B ARG 40 ? ? CZ  B ARG 40 ? ? NH1 B ARG 40 ? ? 115.42 120.30 -4.88  0.50 N 
18 1 NE  B ARG 40 ? ? CZ  B ARG 40 ? ? NH2 B ARG 40 ? ? 123.54 120.30 3.24   0.50 N 
19 1 CD1 B TYR 42 ? ? CE1 B TYR 42 ? ? CZ  B TYR 42 ? ? 114.39 119.80 -5.41  0.90 N 
20 1 CG1 B VAL 43 ? ? CB  B VAL 43 ? ? CG2 B VAL 43 ? ? 121.05 110.90 10.15  1.60 N 
21 1 NE  B ARG 51 ? ? CZ  B ARG 51 ? ? NH1 B ARG 51 ? ? 124.93 120.30 4.63   0.50 N 
22 1 NE  B ARG 51 ? ? CZ  B ARG 51 ? ? NH2 B ARG 51 ? ? 116.51 120.30 -3.79  0.50 N 
23 1 NE  B ARG 70 ? ? CZ  B ARG 70 ? ? NH2 B ARG 70 ? ? 114.27 120.30 -6.03  0.50 N 
# 
_pdbx_validate_torsion.id              1 
_pdbx_validate_torsion.PDB_model_num   1 
_pdbx_validate_torsion.auth_comp_id    LEU 
_pdbx_validate_torsion.auth_asym_id    A 
_pdbx_validate_torsion.auth_seq_id     38 
_pdbx_validate_torsion.PDB_ins_code    ? 
_pdbx_validate_torsion.label_alt_id    ? 
_pdbx_validate_torsion.phi             -109.55 
_pdbx_validate_torsion.psi             -164.83 
# 
loop_
_pdbx_unobs_or_zero_occ_residues.id 
_pdbx_unobs_or_zero_occ_residues.PDB_model_num 
_pdbx_unobs_or_zero_occ_residues.polymer_flag 
_pdbx_unobs_or_zero_occ_residues.occupancy_flag 
_pdbx_unobs_or_zero_occ_residues.auth_asym_id 
_pdbx_unobs_or_zero_occ_residues.auth_comp_id 
_pdbx_unobs_or_zero_occ_residues.auth_seq_id 
_pdbx_unobs_or_zero_occ_residues.PDB_ins_code 
_pdbx_unobs_or_zero_occ_residues.label_asym_id 
_pdbx_unobs_or_zero_occ_residues.label_comp_id 
_pdbx_unobs_or_zero_occ_residues.label_seq_id 
1  1 Y 1 A MET 1  ? A MET 1  
2  1 Y 1 A GLN 2  ? A GLN 2  
3  1 Y 1 A SER 3  ? A SER 3  
4  1 Y 1 A HIS 4  ? A HIS 4  
5  1 Y 1 A CYS 74 ? A CYS 74 
6  1 Y 1 B MET 1  ? B MET 1  
7  1 Y 1 B GLN 2  ? B GLN 2  
8  1 Y 1 B SER 3  ? B SER 3  
9  1 Y 1 B HIS 4  ? B HIS 4  
10 1 Y 1 B HIS 5  ? B HIS 5  
11 1 Y 1 B ASP 6  ? B ASP 6  
12 1 Y 1 B HIS 7  ? B HIS 7  
13 1 Y 1 B CYS 74 ? B CYS 74 
# 
loop_
_chem_comp_atom.comp_id 
_chem_comp_atom.atom_id 
_chem_comp_atom.type_symbol 
_chem_comp_atom.pdbx_aromatic_flag 
_chem_comp_atom.pdbx_stereo_config 
_chem_comp_atom.pdbx_ordinal 
ALA N    N N N 1   
ALA CA   C N S 2   
ALA C    C N N 3   
ALA O    O N N 4   
ALA CB   C N N 5   
ALA OXT  O N N 6   
ALA H    H N N 7   
ALA H2   H N N 8   
ALA HA   H N N 9   
ALA HB1  H N N 10  
ALA HB2  H N N 11  
ALA HB3  H N N 12  
ALA HXT  H N N 13  
ARG N    N N N 14  
ARG CA   C N S 15  
ARG C    C N N 16  
ARG O    O N N 17  
ARG CB   C N N 18  
ARG CG   C N N 19  
ARG CD   C N N 20  
ARG NE   N N N 21  
ARG CZ   C N N 22  
ARG NH1  N N N 23  
ARG NH2  N N N 24  
ARG OXT  O N N 25  
ARG H    H N N 26  
ARG H2   H N N 27  
ARG HA   H N N 28  
ARG HB2  H N N 29  
ARG HB3  H N N 30  
ARG HG2  H N N 31  
ARG HG3  H N N 32  
ARG HD2  H N N 33  
ARG HD3  H N N 34  
ARG HE   H N N 35  
ARG HH11 H N N 36  
ARG HH12 H N N 37  
ARG HH21 H N N 38  
ARG HH22 H N N 39  
ARG HXT  H N N 40  
ASN N    N N N 41  
ASN CA   C N S 42  
ASN C    C N N 43  
ASN O    O N N 44  
ASN CB   C N N 45  
ASN CG   C N N 46  
ASN OD1  O N N 47  
ASN ND2  N N N 48  
ASN OXT  O N N 49  
ASN H    H N N 50  
ASN H2   H N N 51  
ASN HA   H N N 52  
ASN HB2  H N N 53  
ASN HB3  H N N 54  
ASN HD21 H N N 55  
ASN HD22 H N N 56  
ASN HXT  H N N 57  
ASP N    N N N 58  
ASP CA   C N S 59  
ASP C    C N N 60  
ASP O    O N N 61  
ASP CB   C N N 62  
ASP CG   C N N 63  
ASP OD1  O N N 64  
ASP OD2  O N N 65  
ASP OXT  O N N 66  
ASP H    H N N 67  
ASP H2   H N N 68  
ASP HA   H N N 69  
ASP HB2  H N N 70  
ASP HB3  H N N 71  
ASP HD2  H N N 72  
ASP HXT  H N N 73  
CYS N    N N N 74  
CYS CA   C N R 75  
CYS C    C N N 76  
CYS O    O N N 77  
CYS CB   C N N 78  
CYS SG   S N N 79  
CYS OXT  O N N 80  
CYS H    H N N 81  
CYS H2   H N N 82  
CYS HA   H N N 83  
CYS HB2  H N N 84  
CYS HB3  H N N 85  
CYS HG   H N N 86  
CYS HXT  H N N 87  
GLN N    N N N 88  
GLN CA   C N S 89  
GLN C    C N N 90  
GLN O    O N N 91  
GLN CB   C N N 92  
GLN CG   C N N 93  
GLN CD   C N N 94  
GLN OE1  O N N 95  
GLN NE2  N N N 96  
GLN OXT  O N N 97  
GLN H    H N N 98  
GLN H2   H N N 99  
GLN HA   H N N 100 
GLN HB2  H N N 101 
GLN HB3  H N N 102 
GLN HG2  H N N 103 
GLN HG3  H N N 104 
GLN HE21 H N N 105 
GLN HE22 H N N 106 
GLN HXT  H N N 107 
GLU N    N N N 108 
GLU CA   C N S 109 
GLU C    C N N 110 
GLU O    O N N 111 
GLU CB   C N N 112 
GLU CG   C N N 113 
GLU CD   C N N 114 
GLU OE1  O N N 115 
GLU OE2  O N N 116 
GLU OXT  O N N 117 
GLU H    H N N 118 
GLU H2   H N N 119 
GLU HA   H N N 120 
GLU HB2  H N N 121 
GLU HB3  H N N 122 
GLU HG2  H N N 123 
GLU HG3  H N N 124 
GLU HE2  H N N 125 
GLU HXT  H N N 126 
GLY N    N N N 127 
GLY CA   C N N 128 
GLY C    C N N 129 
GLY O    O N N 130 
GLY OXT  O N N 131 
GLY H    H N N 132 
GLY H2   H N N 133 
GLY HA2  H N N 134 
GLY HA3  H N N 135 
GLY HXT  H N N 136 
HIS N    N N N 137 
HIS CA   C N S 138 
HIS C    C N N 139 
HIS O    O N N 140 
HIS CB   C N N 141 
HIS CG   C Y N 142 
HIS ND1  N Y N 143 
HIS CD2  C Y N 144 
HIS CE1  C Y N 145 
HIS NE2  N Y N 146 
HIS OXT  O N N 147 
HIS H    H N N 148 
HIS H2   H N N 149 
HIS HA   H N N 150 
HIS HB2  H N N 151 
HIS HB3  H N N 152 
HIS HD1  H N N 153 
HIS HD2  H N N 154 
HIS HE1  H N N 155 
HIS HE2  H N N 156 
HIS HXT  H N N 157 
HOH O    O N N 158 
HOH H1   H N N 159 
HOH H2   H N N 160 
ILE N    N N N 161 
ILE CA   C N S 162 
ILE C    C N N 163 
ILE O    O N N 164 
ILE CB   C N S 165 
ILE CG1  C N N 166 
ILE CG2  C N N 167 
ILE CD1  C N N 168 
ILE OXT  O N N 169 
ILE H    H N N 170 
ILE H2   H N N 171 
ILE HA   H N N 172 
ILE HB   H N N 173 
ILE HG12 H N N 174 
ILE HG13 H N N 175 
ILE HG21 H N N 176 
ILE HG22 H N N 177 
ILE HG23 H N N 178 
ILE HD11 H N N 179 
ILE HD12 H N N 180 
ILE HD13 H N N 181 
ILE HXT  H N N 182 
LEU N    N N N 183 
LEU CA   C N S 184 
LEU C    C N N 185 
LEU O    O N N 186 
LEU CB   C N N 187 
LEU CG   C N N 188 
LEU CD1  C N N 189 
LEU CD2  C N N 190 
LEU OXT  O N N 191 
LEU H    H N N 192 
LEU H2   H N N 193 
LEU HA   H N N 194 
LEU HB2  H N N 195 
LEU HB3  H N N 196 
LEU HG   H N N 197 
LEU HD11 H N N 198 
LEU HD12 H N N 199 
LEU HD13 H N N 200 
LEU HD21 H N N 201 
LEU HD22 H N N 202 
LEU HD23 H N N 203 
LEU HXT  H N N 204 
LYS N    N N N 205 
LYS CA   C N S 206 
LYS C    C N N 207 
LYS O    O N N 208 
LYS CB   C N N 209 
LYS CG   C N N 210 
LYS CD   C N N 211 
LYS CE   C N N 212 
LYS NZ   N N N 213 
LYS OXT  O N N 214 
LYS H    H N N 215 
LYS H2   H N N 216 
LYS HA   H N N 217 
LYS HB2  H N N 218 
LYS HB3  H N N 219 
LYS HG2  H N N 220 
LYS HG3  H N N 221 
LYS HD2  H N N 222 
LYS HD3  H N N 223 
LYS HE2  H N N 224 
LYS HE3  H N N 225 
LYS HZ1  H N N 226 
LYS HZ2  H N N 227 
LYS HZ3  H N N 228 
LYS HXT  H N N 229 
MET N    N N N 230 
MET CA   C N S 231 
MET C    C N N 232 
MET O    O N N 233 
MET CB   C N N 234 
MET CG   C N N 235 
MET SD   S N N 236 
MET CE   C N N 237 
MET OXT  O N N 238 
MET H    H N N 239 
MET H2   H N N 240 
MET HA   H N N 241 
MET HB2  H N N 242 
MET HB3  H N N 243 
MET HG2  H N N 244 
MET HG3  H N N 245 
MET HE1  H N N 246 
MET HE2  H N N 247 
MET HE3  H N N 248 
MET HXT  H N N 249 
PHE N    N N N 250 
PHE CA   C N S 251 
PHE C    C N N 252 
PHE O    O N N 253 
PHE CB   C N N 254 
PHE CG   C Y N 255 
PHE CD1  C Y N 256 
PHE CD2  C Y N 257 
PHE CE1  C Y N 258 
PHE CE2  C Y N 259 
PHE CZ   C Y N 260 
PHE OXT  O N N 261 
PHE H    H N N 262 
PHE H2   H N N 263 
PHE HA   H N N 264 
PHE HB2  H N N 265 
PHE HB3  H N N 266 
PHE HD1  H N N 267 
PHE HD2  H N N 268 
PHE HE1  H N N 269 
PHE HE2  H N N 270 
PHE HZ   H N N 271 
PHE HXT  H N N 272 
PRO N    N N N 273 
PRO CA   C N S 274 
PRO C    C N N 275 
PRO O    O N N 276 
PRO CB   C N N 277 
PRO CG   C N N 278 
PRO CD   C N N 279 
PRO OXT  O N N 280 
PRO H    H N N 281 
PRO HA   H N N 282 
PRO HB2  H N N 283 
PRO HB3  H N N 284 
PRO HG2  H N N 285 
PRO HG3  H N N 286 
PRO HD2  H N N 287 
PRO HD3  H N N 288 
PRO HXT  H N N 289 
SER N    N N N 290 
SER CA   C N S 291 
SER C    C N N 292 
SER O    O N N 293 
SER CB   C N N 294 
SER OG   O N N 295 
SER OXT  O N N 296 
SER H    H N N 297 
SER H2   H N N 298 
SER HA   H N N 299 
SER HB2  H N N 300 
SER HB3  H N N 301 
SER HG   H N N 302 
SER HXT  H N N 303 
THR N    N N N 304 
THR CA   C N S 305 
THR C    C N N 306 
THR O    O N N 307 
THR CB   C N R 308 
THR OG1  O N N 309 
THR CG2  C N N 310 
THR OXT  O N N 311 
THR H    H N N 312 
THR H2   H N N 313 
THR HA   H N N 314 
THR HB   H N N 315 
THR HG1  H N N 316 
THR HG21 H N N 317 
THR HG22 H N N 318 
THR HG23 H N N 319 
THR HXT  H N N 320 
TYR N    N N N 321 
TYR CA   C N S 322 
TYR C    C N N 323 
TYR O    O N N 324 
TYR CB   C N N 325 
TYR CG   C Y N 326 
TYR CD1  C Y N 327 
TYR CD2  C Y N 328 
TYR CE1  C Y N 329 
TYR CE2  C Y N 330 
TYR CZ   C Y N 331 
TYR OH   O N N 332 
TYR OXT  O N N 333 
TYR H    H N N 334 
TYR H2   H N N 335 
TYR HA   H N N 336 
TYR HB2  H N N 337 
TYR HB3  H N N 338 
TYR HD1  H N N 339 
TYR HD2  H N N 340 
TYR HE1  H N N 341 
TYR HE2  H N N 342 
TYR HH   H N N 343 
TYR HXT  H N N 344 
VAL N    N N N 345 
VAL CA   C N S 346 
VAL C    C N N 347 
VAL O    O N N 348 
VAL CB   C N N 349 
VAL CG1  C N N 350 
VAL CG2  C N N 351 
VAL OXT  O N N 352 
VAL H    H N N 353 
VAL H2   H N N 354 
VAL HA   H N N 355 
VAL HB   H N N 356 
VAL HG11 H N N 357 
VAL HG12 H N N 358 
VAL HG13 H N N 359 
VAL HG21 H N N 360 
VAL HG22 H N N 361 
VAL HG23 H N N 362 
VAL HXT  H N N 363 
# 
loop_
_chem_comp_bond.comp_id 
_chem_comp_bond.atom_id_1 
_chem_comp_bond.atom_id_2 
_chem_comp_bond.value_order 
_chem_comp_bond.pdbx_aromatic_flag 
_chem_comp_bond.pdbx_stereo_config 
_chem_comp_bond.pdbx_ordinal 
ALA N   CA   sing N N 1   
ALA N   H    sing N N 2   
ALA N   H2   sing N N 3   
ALA CA  C    sing N N 4   
ALA CA  CB   sing N N 5   
ALA CA  HA   sing N N 6   
ALA C   O    doub N N 7   
ALA C   OXT  sing N N 8   
ALA CB  HB1  sing N N 9   
ALA CB  HB2  sing N N 10  
ALA CB  HB3  sing N N 11  
ALA OXT HXT  sing N N 12  
ARG N   CA   sing N N 13  
ARG N   H    sing N N 14  
ARG N   H2   sing N N 15  
ARG CA  C    sing N N 16  
ARG CA  CB   sing N N 17  
ARG CA  HA   sing N N 18  
ARG C   O    doub N N 19  
ARG C   OXT  sing N N 20  
ARG CB  CG   sing N N 21  
ARG CB  HB2  sing N N 22  
ARG CB  HB3  sing N N 23  
ARG CG  CD   sing N N 24  
ARG CG  HG2  sing N N 25  
ARG CG  HG3  sing N N 26  
ARG CD  NE   sing N N 27  
ARG CD  HD2  sing N N 28  
ARG CD  HD3  sing N N 29  
ARG NE  CZ   sing N N 30  
ARG NE  HE   sing N N 31  
ARG CZ  NH1  sing N N 32  
ARG CZ  NH2  doub N N 33  
ARG NH1 HH11 sing N N 34  
ARG NH1 HH12 sing N N 35  
ARG NH2 HH21 sing N N 36  
ARG NH2 HH22 sing N N 37  
ARG OXT HXT  sing N N 38  
ASN N   CA   sing N N 39  
ASN N   H    sing N N 40  
ASN N   H2   sing N N 41  
ASN CA  C    sing N N 42  
ASN CA  CB   sing N N 43  
ASN CA  HA   sing N N 44  
ASN C   O    doub N N 45  
ASN C   OXT  sing N N 46  
ASN CB  CG   sing N N 47  
ASN CB  HB2  sing N N 48  
ASN CB  HB3  sing N N 49  
ASN CG  OD1  doub N N 50  
ASN CG  ND2  sing N N 51  
ASN ND2 HD21 sing N N 52  
ASN ND2 HD22 sing N N 53  
ASN OXT HXT  sing N N 54  
ASP N   CA   sing N N 55  
ASP N   H    sing N N 56  
ASP N   H2   sing N N 57  
ASP CA  C    sing N N 58  
ASP CA  CB   sing N N 59  
ASP CA  HA   sing N N 60  
ASP C   O    doub N N 61  
ASP C   OXT  sing N N 62  
ASP CB  CG   sing N N 63  
ASP CB  HB2  sing N N 64  
ASP CB  HB3  sing N N 65  
ASP CG  OD1  doub N N 66  
ASP CG  OD2  sing N N 67  
ASP OD2 HD2  sing N N 68  
ASP OXT HXT  sing N N 69  
CYS N   CA   sing N N 70  
CYS N   H    sing N N 71  
CYS N   H2   sing N N 72  
CYS CA  C    sing N N 73  
CYS CA  CB   sing N N 74  
CYS CA  HA   sing N N 75  
CYS C   O    doub N N 76  
CYS C   OXT  sing N N 77  
CYS CB  SG   sing N N 78  
CYS CB  HB2  sing N N 79  
CYS CB  HB3  sing N N 80  
CYS SG  HG   sing N N 81  
CYS OXT HXT  sing N N 82  
GLN N   CA   sing N N 83  
GLN N   H    sing N N 84  
GLN N   H2   sing N N 85  
GLN CA  C    sing N N 86  
GLN CA  CB   sing N N 87  
GLN CA  HA   sing N N 88  
GLN C   O    doub N N 89  
GLN C   OXT  sing N N 90  
GLN CB  CG   sing N N 91  
GLN CB  HB2  sing N N 92  
GLN CB  HB3  sing N N 93  
GLN CG  CD   sing N N 94  
GLN CG  HG2  sing N N 95  
GLN CG  HG3  sing N N 96  
GLN CD  OE1  doub N N 97  
GLN CD  NE2  sing N N 98  
GLN NE2 HE21 sing N N 99  
GLN NE2 HE22 sing N N 100 
GLN OXT HXT  sing N N 101 
GLU N   CA   sing N N 102 
GLU N   H    sing N N 103 
GLU N   H2   sing N N 104 
GLU CA  C    sing N N 105 
GLU CA  CB   sing N N 106 
GLU CA  HA   sing N N 107 
GLU C   O    doub N N 108 
GLU C   OXT  sing N N 109 
GLU CB  CG   sing N N 110 
GLU CB  HB2  sing N N 111 
GLU CB  HB3  sing N N 112 
GLU CG  CD   sing N N 113 
GLU CG  HG2  sing N N 114 
GLU CG  HG3  sing N N 115 
GLU CD  OE1  doub N N 116 
GLU CD  OE2  sing N N 117 
GLU OE2 HE2  sing N N 118 
GLU OXT HXT  sing N N 119 
GLY N   CA   sing N N 120 
GLY N   H    sing N N 121 
GLY N   H2   sing N N 122 
GLY CA  C    sing N N 123 
GLY CA  HA2  sing N N 124 
GLY CA  HA3  sing N N 125 
GLY C   O    doub N N 126 
GLY C   OXT  sing N N 127 
GLY OXT HXT  sing N N 128 
HIS N   CA   sing N N 129 
HIS N   H    sing N N 130 
HIS N   H2   sing N N 131 
HIS CA  C    sing N N 132 
HIS CA  CB   sing N N 133 
HIS CA  HA   sing N N 134 
HIS C   O    doub N N 135 
HIS C   OXT  sing N N 136 
HIS CB  CG   sing N N 137 
HIS CB  HB2  sing N N 138 
HIS CB  HB3  sing N N 139 
HIS CG  ND1  sing Y N 140 
HIS CG  CD2  doub Y N 141 
HIS ND1 CE1  doub Y N 142 
HIS ND1 HD1  sing N N 143 
HIS CD2 NE2  sing Y N 144 
HIS CD2 HD2  sing N N 145 
HIS CE1 NE2  sing Y N 146 
HIS CE1 HE1  sing N N 147 
HIS NE2 HE2  sing N N 148 
HIS OXT HXT  sing N N 149 
HOH O   H1   sing N N 150 
HOH O   H2   sing N N 151 
ILE N   CA   sing N N 152 
ILE N   H    sing N N 153 
ILE N   H2   sing N N 154 
ILE CA  C    sing N N 155 
ILE CA  CB   sing N N 156 
ILE CA  HA   sing N N 157 
ILE C   O    doub N N 158 
ILE C   OXT  sing N N 159 
ILE CB  CG1  sing N N 160 
ILE CB  CG2  sing N N 161 
ILE CB  HB   sing N N 162 
ILE CG1 CD1  sing N N 163 
ILE CG1 HG12 sing N N 164 
ILE CG1 HG13 sing N N 165 
ILE CG2 HG21 sing N N 166 
ILE CG2 HG22 sing N N 167 
ILE CG2 HG23 sing N N 168 
ILE CD1 HD11 sing N N 169 
ILE CD1 HD12 sing N N 170 
ILE CD1 HD13 sing N N 171 
ILE OXT HXT  sing N N 172 
LEU N   CA   sing N N 173 
LEU N   H    sing N N 174 
LEU N   H2   sing N N 175 
LEU CA  C    sing N N 176 
LEU CA  CB   sing N N 177 
LEU CA  HA   sing N N 178 
LEU C   O    doub N N 179 
LEU C   OXT  sing N N 180 
LEU CB  CG   sing N N 181 
LEU CB  HB2  sing N N 182 
LEU CB  HB3  sing N N 183 
LEU CG  CD1  sing N N 184 
LEU CG  CD2  sing N N 185 
LEU CG  HG   sing N N 186 
LEU CD1 HD11 sing N N 187 
LEU CD1 HD12 sing N N 188 
LEU CD1 HD13 sing N N 189 
LEU CD2 HD21 sing N N 190 
LEU CD2 HD22 sing N N 191 
LEU CD2 HD23 sing N N 192 
LEU OXT HXT  sing N N 193 
LYS N   CA   sing N N 194 
LYS N   H    sing N N 195 
LYS N   H2   sing N N 196 
LYS CA  C    sing N N 197 
LYS CA  CB   sing N N 198 
LYS CA  HA   sing N N 199 
LYS C   O    doub N N 200 
LYS C   OXT  sing N N 201 
LYS CB  CG   sing N N 202 
LYS CB  HB2  sing N N 203 
LYS CB  HB3  sing N N 204 
LYS CG  CD   sing N N 205 
LYS CG  HG2  sing N N 206 
LYS CG  HG3  sing N N 207 
LYS CD  CE   sing N N 208 
LYS CD  HD2  sing N N 209 
LYS CD  HD3  sing N N 210 
LYS CE  NZ   sing N N 211 
LYS CE  HE2  sing N N 212 
LYS CE  HE3  sing N N 213 
LYS NZ  HZ1  sing N N 214 
LYS NZ  HZ2  sing N N 215 
LYS NZ  HZ3  sing N N 216 
LYS OXT HXT  sing N N 217 
MET N   CA   sing N N 218 
MET N   H    sing N N 219 
MET N   H2   sing N N 220 
MET CA  C    sing N N 221 
MET CA  CB   sing N N 222 
MET CA  HA   sing N N 223 
MET C   O    doub N N 224 
MET C   OXT  sing N N 225 
MET CB  CG   sing N N 226 
MET CB  HB2  sing N N 227 
MET CB  HB3  sing N N 228 
MET CG  SD   sing N N 229 
MET CG  HG2  sing N N 230 
MET CG  HG3  sing N N 231 
MET SD  CE   sing N N 232 
MET CE  HE1  sing N N 233 
MET CE  HE2  sing N N 234 
MET CE  HE3  sing N N 235 
MET OXT HXT  sing N N 236 
PHE N   CA   sing N N 237 
PHE N   H    sing N N 238 
PHE N   H2   sing N N 239 
PHE CA  C    sing N N 240 
PHE CA  CB   sing N N 241 
PHE CA  HA   sing N N 242 
PHE C   O    doub N N 243 
PHE C   OXT  sing N N 244 
PHE CB  CG   sing N N 245 
PHE CB  HB2  sing N N 246 
PHE CB  HB3  sing N N 247 
PHE CG  CD1  doub Y N 248 
PHE CG  CD2  sing Y N 249 
PHE CD1 CE1  sing Y N 250 
PHE CD1 HD1  sing N N 251 
PHE CD2 CE2  doub Y N 252 
PHE CD2 HD2  sing N N 253 
PHE CE1 CZ   doub Y N 254 
PHE CE1 HE1  sing N N 255 
PHE CE2 CZ   sing Y N 256 
PHE CE2 HE2  sing N N 257 
PHE CZ  HZ   sing N N 258 
PHE OXT HXT  sing N N 259 
PRO N   CA   sing N N 260 
PRO N   CD   sing N N 261 
PRO N   H    sing N N 262 
PRO CA  C    sing N N 263 
PRO CA  CB   sing N N 264 
PRO CA  HA   sing N N 265 
PRO C   O    doub N N 266 
PRO C   OXT  sing N N 267 
PRO CB  CG   sing N N 268 
PRO CB  HB2  sing N N 269 
PRO CB  HB3  sing N N 270 
PRO CG  CD   sing N N 271 
PRO CG  HG2  sing N N 272 
PRO CG  HG3  sing N N 273 
PRO CD  HD2  sing N N 274 
PRO CD  HD3  sing N N 275 
PRO OXT HXT  sing N N 276 
SER N   CA   sing N N 277 
SER N   H    sing N N 278 
SER N   H2   sing N N 279 
SER CA  C    sing N N 280 
SER CA  CB   sing N N 281 
SER CA  HA   sing N N 282 
SER C   O    doub N N 283 
SER C   OXT  sing N N 284 
SER CB  OG   sing N N 285 
SER CB  HB2  sing N N 286 
SER CB  HB3  sing N N 287 
SER OG  HG   sing N N 288 
SER OXT HXT  sing N N 289 
THR N   CA   sing N N 290 
THR N   H    sing N N 291 
THR N   H2   sing N N 292 
THR CA  C    sing N N 293 
THR CA  CB   sing N N 294 
THR CA  HA   sing N N 295 
THR C   O    doub N N 296 
THR C   OXT  sing N N 297 
THR CB  OG1  sing N N 298 
THR CB  CG2  sing N N 299 
THR CB  HB   sing N N 300 
THR OG1 HG1  sing N N 301 
THR CG2 HG21 sing N N 302 
THR CG2 HG22 sing N N 303 
THR CG2 HG23 sing N N 304 
THR OXT HXT  sing N N 305 
TYR N   CA   sing N N 306 
TYR N   H    sing N N 307 
TYR N   H2   sing N N 308 
TYR CA  C    sing N N 309 
TYR CA  CB   sing N N 310 
TYR CA  HA   sing N N 311 
TYR C   O    doub N N 312 
TYR C   OXT  sing N N 313 
TYR CB  CG   sing N N 314 
TYR CB  HB2  sing N N 315 
TYR CB  HB3  sing N N 316 
TYR CG  CD1  doub Y N 317 
TYR CG  CD2  sing Y N 318 
TYR CD1 CE1  sing Y N 319 
TYR CD1 HD1  sing N N 320 
TYR CD2 CE2  doub Y N 321 
TYR CD2 HD2  sing N N 322 
TYR CE1 CZ   doub Y N 323 
TYR CE1 HE1  sing N N 324 
TYR CE2 CZ   sing Y N 325 
TYR CE2 HE2  sing N N 326 
TYR CZ  OH   sing N N 327 
TYR OH  HH   sing N N 328 
TYR OXT HXT  sing N N 329 
VAL N   CA   sing N N 330 
VAL N   H    sing N N 331 
VAL N   H2   sing N N 332 
VAL CA  C    sing N N 333 
VAL CA  CB   sing N N 334 
VAL CA  HA   sing N N 335 
VAL C   O    doub N N 336 
VAL C   OXT  sing N N 337 
VAL CB  CG1  sing N N 338 
VAL CB  CG2  sing N N 339 
VAL CB  HB   sing N N 340 
VAL CG1 HG11 sing N N 341 
VAL CG1 HG12 sing N N 342 
VAL CG1 HG13 sing N N 343 
VAL CG2 HG21 sing N N 344 
VAL CG2 HG22 sing N N 345 
VAL CG2 HG23 sing N N 346 
VAL OXT HXT  sing N N 347 
# 
_pdbx_initial_refinement_model.accession_code   ? 
_pdbx_initial_refinement_model.id               1 
_pdbx_initial_refinement_model.entity_id_list   ? 
_pdbx_initial_refinement_model.type             'experimental model' 
_pdbx_initial_refinement_model.source_name      Other 
_pdbx_initial_refinement_model.details          'Mutant I58M of C.AhdI, SeMet MAD to 2.5A' 
# 
_atom_sites.entry_id                    1Y7Y 
_atom_sites.fract_transf_matrix[1][1]   0.00272041 
_atom_sites.fract_transf_matrix[1][2]   0.03280418 
_atom_sites.fract_transf_matrix[1][3]   0.02523669 
_atom_sites.fract_transf_matrix[2][1]   -0.01152028 
_atom_sites.fract_transf_matrix[2][2]   -0.00739296 
_atom_sites.fract_transf_matrix[2][3]   0.01085166 
_atom_sites.fract_transf_matrix[3][1]   0.01645728 
_atom_sites.fract_transf_matrix[3][2]   -0.00689960 
_atom_sites.fract_transf_matrix[3][3]   0.01277077 
_atom_sites.fract_transf_vector[1]      0.309472 
_atom_sites.fract_transf_vector[2]      0.084462 
_atom_sites.fract_transf_vector[3]      0.185719 
# 
loop_
_atom_type.symbol 
C 
N 
O 
# 
loop_
_atom_site.group_PDB 
_atom_site.id 
_atom_site.type_symbol 
_atom_site.label_atom_id 
_atom_site.label_alt_id 
_atom_site.label_comp_id 
_atom_site.label_asym_id 
_atom_site.label_entity_id 
_atom_site.label_seq_id 
_atom_site.pdbx_PDB_ins_code 
_atom_site.Cartn_x 
_atom_site.Cartn_y 
_atom_site.Cartn_z 
_atom_site.occupancy 
_atom_site.B_iso_or_equiv 
_atom_site.pdbx_formal_charge 
_atom_site.auth_seq_id 
_atom_site.auth_comp_id 
_atom_site.auth_asym_id 
_atom_site.auth_atom_id 
_atom_site.pdbx_PDB_model_num 
ATOM   1    N N   . HIS A 1 5  ? -2.803  10.465  -13.961 1.00 23.12 ? 5   HIS A N   1 
ATOM   2    C CA  . HIS A 1 5  ? -1.506  10.641  -13.227 1.00 24.75 ? 5   HIS A CA  1 
ATOM   3    C C   . HIS A 1 5  ? -0.731  9.384   -13.290 1.00 24.28 ? 5   HIS A C   1 
ATOM   4    O O   . HIS A 1 5  ? -1.323  8.241   -13.368 1.00 24.82 ? 5   HIS A O   1 
ATOM   5    C CB  . HIS A 1 5  ? -1.802  10.740  -11.701 1.00 24.96 ? 5   HIS A CB  1 
ATOM   6    C CG  . HIS A 1 5  ? -0.533  10.805  -10.857 1.00 34.52 ? 5   HIS A CG  1 
ATOM   7    N ND1 . HIS A 1 5  ? 0.551   11.631  -11.180 1.00 44.67 ? 5   HIS A ND1 1 
ATOM   8    C CD2 . HIS A 1 5  ? -0.207  10.212  -9.677  1.00 36.48 ? 5   HIS A CD2 1 
ATOM   9    C CE1 . HIS A 1 5  ? 1.470   11.528  -10.234 1.00 44.76 ? 5   HIS A CE1 1 
ATOM   10   N NE2 . HIS A 1 5  ? 1.058   10.651  -9.329  1.00 40.29 ? 5   HIS A NE2 1 
ATOM   11   N N   . ASP A 1 6  ? 0.594   9.523   -13.147 1.00 18.99 ? 6   ASP A N   1 
ATOM   12   C CA  . ASP A 1 6  ? 1.390   8.368   -13.452 1.00 18.63 ? 6   ASP A CA  1 
ATOM   13   C C   . ASP A 1 6  ? 1.737   7.918   -12.012 1.00 14.35 ? 6   ASP A C   1 
ATOM   14   O O   . ASP A 1 6  ? 2.767   8.276   -11.453 1.00 13.66 ? 6   ASP A O   1 
ATOM   15   C CB  . ASP A 1 6  ? 2.684   8.794   -14.188 1.00 17.66 ? 6   ASP A CB  1 
ATOM   16   C CG  . ASP A 1 6  ? 3.520   7.538   -14.614 1.00 18.17 ? 6   ASP A CG  1 
ATOM   17   O OD1 . ASP A 1 6  ? 3.117   6.435   -14.172 1.00 22.60 ? 6   ASP A OD1 1 
ATOM   18   O OD2 . ASP A 1 6  ? 4.628   7.821   -15.137 1.00 25.09 ? 6   ASP A OD2 1 
ATOM   19   N N   . HIS A 1 7  ? 0.861   7.072   -11.390 1.00 15.10 ? 7   HIS A N   1 
ATOM   20   C CA  . HIS A 1 7  ? 1.233   6.804   -10.044 1.00 14.68 ? 7   HIS A CA  1 
ATOM   21   C C   . HIS A 1 7  ? 2.390   5.858   -9.917  1.00 13.31 ? 7   HIS A C   1 
ATOM   22   O O   . HIS A 1 7  ? 3.031   5.755   -8.823  1.00 15.29 ? 7   HIS A O   1 
ATOM   23   C CB  . HIS A 1 7  ? -0.024  6.090   -9.367  1.00 16.20 ? 7   HIS A CB  1 
ATOM   24   C CG  . HIS A 1 7  ? -1.188  7.025   -9.192  1.00 20.04 ? 7   HIS A CG  1 
ATOM   25   N ND1 . HIS A 1 7  ? -1.226  7.964   -8.202  1.00 25.68 ? 7   HIS A ND1 1 
ATOM   26   C CD2 . HIS A 1 7  ? -2.289  7.221   -9.963  1.00 23.63 ? 7   HIS A CD2 1 
ATOM   27   C CE1 . HIS A 1 7  ? -2.357  8.639   -8.272  1.00 22.65 ? 7   HIS A CE1 1 
ATOM   28   N NE2 . HIS A 1 7  ? -2.999  8.248   -9.356  1.00 25.68 ? 7   HIS A NE2 1 
ATOM   29   N N   . TYR A 1 8  ? 2.862   5.245   -11.002 1.00 13.02 ? 8   TYR A N   1 
ATOM   30   C CA  . TYR A 1 8  ? 4.131   4.397   -10.782 1.00 14.69 ? 8   TYR A CA  1 
ATOM   31   C C   . TYR A 1 8  ? 5.263   5.257   -10.480 1.00 14.83 ? 8   TYR A C   1 
ATOM   32   O O   . TYR A 1 8  ? 6.267   4.873   -9.906  1.00 14.98 ? 8   TYR A O   1 
ATOM   33   C CB  . TYR A 1 8  ? 4.339   3.714   -12.198 1.00 14.87 ? 8   TYR A CB  1 
ATOM   34   C CG  . TYR A 1 8  ? 3.574   2.489   -12.348 1.00 15.59 ? 8   TYR A CG  1 
ATOM   35   C CD1 . TYR A 1 8  ? 4.101   1.202   -11.989 1.00 16.97 ? 8   TYR A CD1 1 
ATOM   36   C CD2 . TYR A 1 8  ? 2.285   2.575   -12.873 1.00 22.36 ? 8   TYR A CD2 1 
ATOM   37   C CE1 . TYR A 1 8  ? 3.235   0.133   -12.106 1.00 20.82 ? 8   TYR A CE1 1 
ATOM   38   C CE2 . TYR A 1 8  ? 1.447   1.372   -13.028 1.00 19.81 ? 8   TYR A CE2 1 
ATOM   39   C CZ  . TYR A 1 8  ? 1.953   0.218   -12.685 1.00 24.86 ? 8   TYR A CZ  1 
ATOM   40   O OH  . TYR A 1 8  ? 1.293   -1.021  -12.798 1.00 29.59 ? 8   TYR A OH  1 
ATOM   41   N N   . ALA A 1 9  ? 5.195   6.558   -10.864 1.00 14.10 ? 9   ALA A N   1 
ATOM   42   C CA  . ALA A 1 9  ? 6.320   7.415   -10.455 1.00 13.42 ? 9   ALA A CA  1 
ATOM   43   C C   . ALA A 1 9  ? 6.491   7.602   -9.000  1.00 15.33 ? 9   ALA A C   1 
ATOM   44   O O   . ALA A 1 9  ? 7.586   7.624   -8.486  1.00 16.93 ? 9   ALA A O   1 
ATOM   45   C CB  . ALA A 1 9  ? 6.202   8.776   -11.150 1.00 18.00 ? 9   ALA A CB  1 
ATOM   46   N N   . ASP A 1 10 ? 5.375   7.460   -8.273  1.00 14.18 ? 10  ASP A N   1 
ATOM   47   C CA  . ASP A 1 10 ? 5.430   7.626   -6.809  1.00 12.48 ? 10  ASP A CA  1 
ATOM   48   C C   . ASP A 1 10 ? 6.067   6.393   -6.102  1.00 13.58 ? 10  ASP A C   1 
ATOM   49   O O   . ASP A 1 10 ? 6.456   6.537   -4.906  1.00 14.82 ? 10  ASP A O   1 
ATOM   50   C CB  . ASP A 1 10 ? 3.979   7.888   -6.268  1.00 12.68 ? 10  ASP A CB  1 
ATOM   51   C CG  . ASP A 1 10 ? 3.458   9.230   -6.828  1.00 23.62 ? 10  ASP A CG  1 
ATOM   52   O OD1 . ASP A 1 10 ? 4.237   10.193  -6.741  1.00 32.71 ? 10  ASP A OD1 1 
ATOM   53   O OD2 . ASP A 1 10 ? 2.448   9.275   -7.444  1.00 36.46 ? 10  ASP A OD2 1 
ATOM   54   N N   . LEU A 1 11 ? 6.275   5.281   -6.837  1.00 13.71 ? 11  LEU A N   1 
ATOM   55   C CA  . LEU A 1 11 ? 6.887   4.131   -6.240  1.00 13.83 ? 11  LEU A CA  1 
ATOM   56   C C   . LEU A 1 11 ? 8.305   4.507   -5.865  1.00 14.52 ? 11  LEU A C   1 
ATOM   57   O O   . LEU A 1 11 ? 8.988   3.955   -4.996  1.00 14.92 ? 11  LEU A O   1 
ATOM   58   C CB  . LEU A 1 11 ? 6.982   2.908   -7.206  1.00 12.28 ? 11  LEU A CB  1 
ATOM   59   C CG  . LEU A 1 11 ? 5.599   2.438   -7.596  1.00 14.44 ? 11  LEU A CG  1 
ATOM   60   C CD1 . LEU A 1 11 ? 5.738   1.220   -8.519  1.00 14.85 ? 11  LEU A CD1 1 
ATOM   61   C CD2 . LEU A 1 11 ? 4.900   1.973   -6.355  1.00 18.25 ? 11  LEU A CD2 1 
ATOM   62   N N   . VAL A 1 12 ? 8.915   5.418   -6.675  1.00 15.67 ? 12  VAL A N   1 
ATOM   63   C CA  . VAL A 1 12 ? 10.252  5.839   -6.319  1.00 15.88 ? 12  VAL A CA  1 
ATOM   64   C C   . VAL A 1 12 ? 10.306  6.570   -5.031  1.00 15.17 ? 12  VAL A C   1 
ATOM   65   O O   . VAL A 1 12 ? 11.205  6.381   -4.264  1.00 14.10 ? 12  VAL A O   1 
ATOM   66   C CB  . VAL A 1 12 ? 10.785  6.763   -7.513  1.00 14.34 ? 12  VAL A CB  1 
ATOM   67   C CG1 . VAL A 1 12 ? 12.173  7.192   -7.135  1.00 18.44 ? 12  VAL A CG1 1 
ATOM   68   C CG2 . VAL A 1 12 ? 10.837  5.966   -8.805  1.00 19.33 ? 12  VAL A CG2 1 
ATOM   69   N N   . LYS A 1 13 ? 9.323   7.407   -4.782  1.00 14.05 ? 13  LYS A N   1 
ATOM   70   C CA  . LYS A 1 13 ? 9.292   8.123   -3.486  1.00 14.02 ? 13  LYS A CA  1 
ATOM   71   C C   . LYS A 1 13 ? 9.106   7.118   -2.386  1.00 15.61 ? 13  LYS A C   1 
ATOM   72   O O   . LYS A 1 13 ? 9.668   7.187   -1.268  1.00 13.91 ? 13  LYS A O   1 
ATOM   73   C CB  . LYS A 1 13 ? 8.111   9.114   -3.475  1.00 17.39 ? 13  LYS A CB  1 
ATOM   74   C CG  . LYS A 1 13 ? 8.177   9.914   -2.170  1.00 25.02 ? 13  LYS A CG  1 
ATOM   75   C CD  . LYS A 1 13 ? 7.572   11.338  -2.296  1.00 30.44 ? 13  LYS A CD  1 
ATOM   76   C CE  . LYS A 1 13 ? 6.773   11.336  -3.504  1.00 38.84 ? 13  LYS A CE  1 
ATOM   77   N NZ  . LYS A 1 13 ? 5.360   11.020  -3.119  1.00 48.13 ? 13  LYS A NZ  1 
ATOM   78   N N   . PHE A 1 14 ? 8.189   6.161   -2.592  1.00 13.58 ? 14  PHE A N   1 
ATOM   79   C CA  . PHE A 1 14 ? 7.962   5.227   -1.458  1.00 12.87 ? 14  PHE A CA  1 
ATOM   80   C C   . PHE A 1 14 ? 9.266   4.424   -1.216  1.00 13.88 ? 14  PHE A C   1 
ATOM   81   O O   . PHE A 1 14 ? 9.551   4.127   -0.035  1.00 11.51 ? 14  PHE A O   1 
ATOM   82   C CB  . PHE A 1 14 ? 6.780   4.283   -1.859  1.00 12.54 ? 14  PHE A CB  1 
ATOM   83   C CG  . PHE A 1 14 ? 6.526   3.193   -0.907  1.00 13.20 ? 14  PHE A CG  1 
ATOM   84   C CD1 . PHE A 1 14 ? 5.492   3.418   0.114   1.00 17.06 ? 14  PHE A CD1 1 
ATOM   85   C CD2 . PHE A 1 14 ? 7.128   1.946   -0.993  1.00 12.23 ? 14  PHE A CD2 1 
ATOM   86   C CE1 . PHE A 1 14 ? 5.314   2.319   1.012   1.00 15.14 ? 14  PHE A CE1 1 
ATOM   87   C CE2 . PHE A 1 14 ? 6.958   0.877   -0.047  1.00 17.79 ? 14  PHE A CE2 1 
ATOM   88   C CZ  . PHE A 1 14 ? 5.950   1.103   0.942   1.00 14.13 ? 14  PHE A CZ  1 
ATOM   89   N N   . GLY A 1 15 ? 9.911   3.942   -2.274  1.00 12.79 ? 15  GLY A N   1 
ATOM   90   C CA  . GLY A 1 15 ? 11.171  3.205   -2.084  1.00 12.95 ? 15  GLY A CA  1 
ATOM   91   C C   . GLY A 1 15 ? 12.208  3.998   -1.309  1.00 13.39 ? 15  GLY A C   1 
ATOM   92   O O   . GLY A 1 15 ? 12.896  3.453   -0.520  1.00 13.21 ? 15  GLY A O   1 
ATOM   93   N N   . GLN A 1 16 ? 12.432  5.295   -1.674  1.00 15.09 ? 16  GLN A N   1 
ATOM   94   C CA  . GLN A 1 16 ? 13.298  6.113   -0.822  1.00 16.68 ? 16  GLN A CA  1 
ATOM   95   C C   . GLN A 1 16 ? 12.861  6.141   0.607   1.00 14.98 ? 16  GLN A C   1 
ATOM   96   O O   . GLN A 1 16 ? 13.696  6.285   1.501   1.00 15.93 ? 16  GLN A O   1 
ATOM   97   C CB  . GLN A 1 16 ? 13.262  7.574   -1.372  1.00 18.69 ? 16  GLN A CB  1 
ATOM   98   C CG  . GLN A 1 16 ? 13.860  7.484   -2.845  1.00 23.89 ? 16  GLN A CG  1 
ATOM   99   C CD  . GLN A 1 16 ? 13.933  8.895   -3.655  1.00 41.57 ? 16  GLN A CD  1 
ATOM   100  O OE1 . GLN A 1 16 ? 13.104  9.790   -3.488  1.00 45.43 ? 16  GLN A OE1 1 
ATOM   101  N NE2 . GLN A 1 16 ? 14.927  9.014   -4.513  1.00 36.49 ? 16  GLN A NE2 1 
ATOM   102  N N   . ARG A 1 17 ? 11.582  6.199   0.906   1.00 11.04 ? 17  ARG A N   1 
ATOM   103  C CA  . ARG A 1 17 ? 11.143  6.259   2.259   1.00 13.92 ? 17  ARG A CA  1 
ATOM   104  C C   . ARG A 1 17 ? 11.442  4.997   3.008   1.00 15.76 ? 17  ARG A C   1 
ATOM   105  O O   . ARG A 1 17 ? 11.908  4.991   4.149   1.00 15.89 ? 17  ARG A O   1 
ATOM   106  C CB  . ARG A 1 17 ? 9.650   6.526   2.278   1.00 11.51 ? 17  ARG A CB  1 
ATOM   107  C CG  . ARG A 1 17 ? 9.115   6.663   3.683   1.00 13.50 ? 17  ARG A CG  1 
ATOM   108  C CD  . ARG A 1 17 ? 9.662   7.947   4.474   1.00 16.68 ? 17  ARG A CD  1 
ATOM   109  N NE  . ARG A 1 17 ? 9.051   7.859   5.758   1.00 16.39 ? 17  ARG A NE  1 
ATOM   110  C CZ  . ARG A 1 17 ? 9.629   8.245   6.940   1.00 16.42 ? 17  ARG A CZ  1 
ATOM   111  N NH1 . ARG A 1 17 ? 10.903  8.663   6.836   1.00 15.01 ? 17  ARG A NH1 1 
ATOM   112  N NH2 . ARG A 1 17 ? 8.985   8.162   7.994   1.00 18.36 ? 17  ARG A NH2 1 
ATOM   113  N N   . LEU A 1 18 ? 11.211  3.890   2.242   1.00 11.44 ? 18  LEU A N   1 
ATOM   114  C CA  . LEU A 1 18 ? 11.527  2.611   2.901   1.00 12.37 ? 18  LEU A CA  1 
ATOM   115  C C   . LEU A 1 18 ? 13.071  2.539   3.233   1.00 12.26 ? 18  LEU A C   1 
ATOM   116  O O   . LEU A 1 18 ? 13.431  1.991   4.326   1.00 14.95 ? 18  LEU A O   1 
ATOM   117  C CB  . LEU A 1 18 ? 11.178  1.471   1.926   1.00 14.69 ? 18  LEU A CB  1 
ATOM   118  C CG  . LEU A 1 18 ? 11.571  0.035   2.453   1.00 11.55 ? 18  LEU A CG  1 
ATOM   119  C CD1 . LEU A 1 18 ? 10.781  -0.303  3.710   1.00 11.45 ? 18  LEU A CD1 1 
ATOM   120  C CD2 . LEU A 1 18 ? 11.087  -0.932  1.189   1.00 13.11 ? 18  LEU A CD2 1 
ATOM   121  N N   . ARG A 1 19 ? 13.951  2.908   2.238   1.00 13.74 ? 19  ARG A N   1 
ATOM   122  C CA  . ARG A 1 19 ? 15.363  2.850   2.476   1.00 14.80 ? 19  ARG A CA  1 
ATOM   123  C C   . ARG A 1 19 ? 15.628  3.838   3.718   1.00 15.54 ? 19  ARG A C   1 
ATOM   124  O O   . ARG A 1 19 ? 16.502  3.500   4.563   1.00 17.23 ? 19  ARG A O   1 
ATOM   125  C CB  . ARG A 1 19 ? 16.075  3.424   1.235   1.00 14.46 ? 19  ARG A CB  1 
ATOM   126  C CG  . ARG A 1 19 ? 17.638  3.290   1.227   1.00 17.68 ? 19  ARG A CG  1 
ATOM   127  C CD  . ARG A 1 19 ? 18.483  3.869   0.100   1.00 26.94 ? 19  ARG A CD  1 
ATOM   128  N NE  . ARG A 1 19 ? 19.897  3.819   0.518   1.00 37.95 ? 19  ARG A NE  1 
ATOM   129  C CZ  . ARG A 1 19 ? 20.817  2.816   0.351   1.00 47.82 ? 19  ARG A CZ  1 
ATOM   130  N NH1 . ARG A 1 19 ? 20.556  1.655   -0.282  1.00 44.56 ? 19  ARG A NH1 1 
ATOM   131  N NH2 . ARG A 1 19 ? 22.044  2.992   0.887   1.00 46.88 ? 19  ARG A NH2 1 
ATOM   132  N N   . GLU A 1 20 ? 14.986  5.008   3.863   1.00 16.37 ? 20  GLU A N   1 
ATOM   133  C CA  . GLU A 1 20 ? 15.201  5.876   5.037   1.00 18.94 ? 20  GLU A CA  1 
ATOM   134  C C   . GLU A 1 20 ? 14.897  5.212   6.319   1.00 19.17 ? 20  GLU A C   1 
ATOM   135  O O   . GLU A 1 20 ? 15.684  5.285   7.246   1.00 18.78 ? 20  GLU A O   1 
ATOM   136  C CB  . GLU A 1 20 ? 14.386  7.246   5.175   1.00 23.45 ? 20  GLU A CB  1 
ATOM   137  C CG  . GLU A 1 20 ? 14.511  8.174   4.017   1.00 23.96 ? 20  GLU A CG  1 
ATOM   138  C CD  . GLU A 1 20 ? 13.611  9.399   4.105   1.00 27.40 ? 20  GLU A CD  1 
ATOM   139  O OE1 . GLU A 1 20 ? 12.454  9.403   4.673   1.00 21.21 ? 20  GLU A OE1 1 
ATOM   140  O OE2 . GLU A 1 20 ? 14.099  10.366  3.482   1.00 29.43 ? 20  GLU A OE2 1 
ATOM   141  N N   . LEU A 1 21 ? 13.786  4.495   6.375   1.00 15.28 ? 21  LEU A N   1 
ATOM   142  C CA  . LEU A 1 21 ? 13.379  3.810   7.575   1.00 15.99 ? 21  LEU A CA  1 
ATOM   143  C C   . LEU A 1 21 ? 14.315  2.587   7.840   1.00 16.74 ? 21  LEU A C   1 
ATOM   144  O O   . LEU A 1 21 ? 14.671  2.364   8.997   1.00 18.43 ? 21  LEU A O   1 
ATOM   145  C CB  . LEU A 1 21 ? 11.909  3.410   7.489   1.00 14.26 ? 21  LEU A CB  1 
ATOM   146  C CG  . LEU A 1 21 ? 11.035  4.701   7.629   1.00 15.05 ? 21  LEU A CG  1 
ATOM   147  C CD1 . LEU A 1 21 ? 9.648   4.349   7.072   1.00 17.96 ? 21  LEU A CD1 1 
ATOM   148  C CD2 . LEU A 1 21 ? 11.140  5.229   9.067   1.00 18.46 ? 21  LEU A CD2 1 
ATOM   149  N N   . ARG A 1 22 ? 14.681  1.864   6.802   1.00 13.90 ? 22  ARG A N   1 
ATOM   150  C CA  . ARG A 1 22 ? 15.486  0.684   6.990   1.00 15.39 ? 22  ARG A CA  1 
ATOM   151  C C   . ARG A 1 22 ? 16.834  1.189   7.542   1.00 20.68 ? 22  ARG A C   1 
ATOM   152  O O   . ARG A 1 22 ? 17.374  0.632   8.545   1.00 20.41 ? 22  ARG A O   1 
ATOM   153  C CB  . ARG A 1 22 ? 15.739  0.022   5.582   1.00 14.97 ? 22  ARG A CB  1 
ATOM   154  C CG  . ARG A 1 22 ? 16.700  -1.215  5.826   1.00 14.82 ? 22  ARG A CG  1 
ATOM   155  C CD  . ARG A 1 22 ? 17.092  -1.873  4.574   1.00 14.45 ? 22  ARG A CD  1 
ATOM   156  N NE  . ARG A 1 22 ? 17.457  -1.046  3.429   1.00 15.74 ? 22  ARG A NE  1 
ATOM   157  C CZ  . ARG A 1 22 ? 18.705  -0.654  3.223   1.00 21.47 ? 22  ARG A CZ  1 
ATOM   158  N NH1 . ARG A 1 22 ? 19.655  -0.923  4.140   1.00 20.41 ? 22  ARG A NH1 1 
ATOM   159  N NH2 . ARG A 1 22 ? 19.035  -0.033  2.072   1.00 23.17 ? 22  ARG A NH2 1 
ATOM   160  N N   . THR A 1 23 ? 17.399  2.241   6.929   1.00 18.50 ? 23  THR A N   1 
ATOM   161  C CA  . THR A 1 23 ? 18.740  2.749   7.463   1.00 22.31 ? 23  THR A CA  1 
ATOM   162  C C   . THR A 1 23 ? 18.625  3.348   8.853   1.00 23.24 ? 23  THR A C   1 
ATOM   163  O O   . THR A 1 23 ? 19.549  3.120   9.627   1.00 25.05 ? 23  THR A O   1 
ATOM   164  C CB  . THR A 1 23 ? 19.457  3.598   6.352   1.00 24.65 ? 23  THR A CB  1 
ATOM   165  O OG1 . THR A 1 23 ? 18.560  4.651   6.080   1.00 31.35 ? 23  THR A OG1 1 
ATOM   166  C CG2 . THR A 1 23 ? 19.342  2.987   5.048   1.00 21.06 ? 23  THR A CG2 1 
ATOM   167  N N   . ALA A 1 24 ? 17.479  3.980   9.254   1.00 20.98 ? 24  ALA A N   1 
ATOM   168  C CA  . ALA A 1 24 ? 17.236  4.574   10.594  1.00 24.25 ? 24  ALA A CA  1 
ATOM   169  C C   . ALA A 1 24 ? 17.223  3.416   11.678  1.00 27.08 ? 24  ALA A C   1 
ATOM   170  O O   . ALA A 1 24 ? 17.692  3.622   12.869  1.00 26.81 ? 24  ALA A O   1 
ATOM   171  C CB  . ALA A 1 24 ? 15.954  5.344   10.695  1.00 25.41 ? 24  ALA A CB  1 
ATOM   172  N N   . LYS A 1 25 ? 16.929  2.208   11.207  1.00 23.01 ? 25  LYS A N   1 
ATOM   173  C CA  . LYS A 1 25 ? 16.972  1.055   12.083  1.00 25.07 ? 25  LYS A CA  1 
ATOM   174  C C   . LYS A 1 25 ? 18.266  0.234   12.058  1.00 23.08 ? 25  LYS A C   1 
ATOM   175  O O   . LYS A 1 25 ? 18.333  -0.809  12.718  1.00 28.77 ? 25  LYS A O   1 
ATOM   176  C CB  . LYS A 1 25 ? 15.744  0.199   11.902  1.00 23.70 ? 25  LYS A CB  1 
ATOM   177  C CG  . LYS A 1 25 ? 14.405  1.013   11.958  1.00 28.15 ? 25  LYS A CG  1 
ATOM   178  C CD  . LYS A 1 25 ? 13.890  1.197   13.336  1.00 38.97 ? 25  LYS A CD  1 
ATOM   179  C CE  . LYS A 1 25 ? 12.603  1.999   13.426  1.00 44.88 ? 25  LYS A CE  1 
ATOM   180  N NZ  . LYS A 1 25 ? 11.620  1.484   14.494  1.00 45.58 ? 25  LYS A NZ  1 
ATOM   181  N N   . GLY A 1 26 ? 19.205  0.590   11.231  1.00 23.10 ? 26  GLY A N   1 
ATOM   182  C CA  . GLY A 1 26 ? 20.490  -0.080  11.059  1.00 25.21 ? 26  GLY A CA  1 
ATOM   183  C C   . GLY A 1 26 ? 20.405  -1.494  10.477  1.00 24.33 ? 26  GLY A C   1 
ATOM   184  O O   . GLY A 1 26 ? 21.227  -2.371  10.789  1.00 25.83 ? 26  GLY A O   1 
ATOM   185  N N   . LEU A 1 27 ? 19.530  -1.694  9.470   1.00 22.31 ? 27  LEU A N   1 
ATOM   186  C CA  . LEU A 1 27 ? 19.374  -3.028  8.882   1.00 17.46 ? 27  LEU A CA  1 
ATOM   187  C C   . LEU A 1 27 ? 19.869  -2.985  7.551   1.00 20.57 ? 27  LEU A C   1 
ATOM   188  O O   . LEU A 1 27 ? 19.663  -2.013  6.897   1.00 23.18 ? 27  LEU A O   1 
ATOM   189  C CB  . LEU A 1 27 ? 17.833  -3.421  8.855   1.00 21.69 ? 27  LEU A CB  1 
ATOM   190  C CG  . LEU A 1 27 ? 17.124  -3.451  10.172  1.00 17.61 ? 27  LEU A CG  1 
ATOM   191  C CD1 . LEU A 1 27 ? 15.657  -3.991  9.868   1.00 20.09 ? 27  LEU A CD1 1 
ATOM   192  C CD2 . LEU A 1 27 ? 17.733  -4.460  11.156  1.00 20.58 ? 27  LEU A CD2 1 
ATOM   193  N N   . SER A 1 28 ? 20.508  -4.031  7.134   1.00 16.37 ? 28  SER A N   1 
ATOM   194  C CA  . SER A 1 28 ? 20.790  -4.261  5.781   1.00 16.61 ? 28  SER A CA  1 
ATOM   195  C C   . SER A 1 28 ? 19.482  -4.650  4.986   1.00 15.65 ? 28  SER A C   1 
ATOM   196  O O   . SER A 1 28 ? 18.533  -5.096  5.669   1.00 15.47 ? 28  SER A O   1 
ATOM   197  C CB  . SER A 1 28 ? 21.710  -5.438  5.565   1.00 20.73 ? 28  SER A CB  1 
ATOM   198  O OG  . SER A 1 28 ? 21.302  -6.676  6.048   1.00 18.34 ? 28  SER A OG  1 
ATOM   199  N N   . GLN A 1 29 ? 19.570  -4.555  3.626   1.00 18.14 ? 29  GLN A N   1 
ATOM   200  C CA  . GLN A 1 29 ? 18.437  -5.084  2.853   1.00 14.94 ? 29  GLN A CA  1 
ATOM   201  C C   . GLN A 1 29 ? 18.170  -6.572  3.090   1.00 17.37 ? 29  GLN A C   1 
ATOM   202  O O   . GLN A 1 29 ? 17.089  -7.052  3.199   1.00 17.34 ? 29  GLN A O   1 
ATOM   203  C CB  . GLN A 1 29 ? 18.710  -5.013  1.357   1.00 17.16 ? 29  GLN A CB  1 
ATOM   204  C CG  . GLN A 1 29 ? 18.546  -3.505  0.930   1.00 20.85 ? 29  GLN A CG  1 
ATOM   205  C CD  . GLN A 1 29 ? 18.806  -3.307  -0.551  1.00 25.00 ? 29  GLN A CD  1 
ATOM   206  O OE1 . GLN A 1 29 ? 19.332  -4.160  -1.170  1.00 23.67 ? 29  GLN A OE1 1 
ATOM   207  N NE2 . GLN A 1 29 ? 18.351  -2.129  -1.181  1.00 22.06 ? 29  GLN A NE2 1 
ATOM   208  N N   . GLU A 1 30 ? 19.258  -7.314  3.195   1.00 17.44 ? 30  GLU A N   1 
ATOM   209  C CA  . GLU A 1 30 ? 19.139  -8.794  3.482   1.00 17.74 ? 30  GLU A CA  1 
ATOM   210  C C   . GLU A 1 30 ? 18.494  -9.030  4.867   1.00 14.12 ? 30  GLU A C   1 
ATOM   211  O O   . GLU A 1 30 ? 17.562  -9.884  4.961   1.00 16.11 ? 30  GLU A O   1 
ATOM   212  C CB  . GLU A 1 30 ? 20.541  -9.414  3.493   1.00 24.59 ? 30  GLU A CB  1 
ATOM   213  C CG  . GLU A 1 30 ? 20.543  -10.938 3.529   1.00 26.61 ? 30  GLU A CG  1 
ATOM   214  C CD  . GLU A 1 30 ? 21.967  -11.498 3.707   1.00 43.34 ? 30  GLU A CD  1 
ATOM   215  O OE1 . GLU A 1 30 ? 22.861  -10.758 4.257   1.00 43.74 ? 30  GLU A OE1 1 
ATOM   216  O OE2 . GLU A 1 30 ? 22.195  -12.679 3.313   1.00 48.08 ? 30  GLU A OE2 1 
ATOM   217  N N   . THR A 1 31 ? 18.886  -8.291  5.877   1.00 13.31 ? 31  THR A N   1 
ATOM   218  C CA  . THR A 1 31 ? 18.150  -8.456  7.145   1.00 14.28 ? 31  THR A CA  1 
ATOM   219  C C   . THR A 1 31 ? 16.678  -8.085  7.170   1.00 12.91 ? 31  THR A C   1 
ATOM   220  O O   . THR A 1 31 ? 15.841  -8.721  7.688   1.00 14.29 ? 31  THR A O   1 
ATOM   221  C CB  . THR A 1 31 ? 18.877  -7.708  8.270   1.00 15.16 ? 31  THR A CB  1 
ATOM   222  O OG1 . THR A 1 31 ? 20.198  -8.295  8.247   1.00 19.04 ? 31  THR A OG1 1 
ATOM   223  C CG2 . THR A 1 31 ? 18.130  -7.968  9.637   1.00 20.06 ? 31  THR A CG2 1 
ATOM   224  N N   . LEU A 1 32 ? 16.356  -6.971  6.535   1.00 14.67 ? 32  LEU A N   1 
ATOM   225  C CA  . LEU A 1 32 ? 14.981  -6.577  6.500   1.00 12.84 ? 32  LEU A CA  1 
ATOM   226  C C   . LEU A 1 32 ? 14.193  -7.595  5.638   1.00 12.14 ? 32  LEU A C   1 
ATOM   227  O O   . LEU A 1 32 ? 13.033  -7.929  6.037   1.00 12.56 ? 32  LEU A O   1 
ATOM   228  C CB  . LEU A 1 32 ? 14.890  -5.222  5.821   1.00 13.65 ? 32  LEU A CB  1 
ATOM   229  C CG  . LEU A 1 32 ? 13.435  -4.689  5.497   1.00 12.53 ? 32  LEU A CG  1 
ATOM   230  C CD1 . LEU A 1 32 ? 12.648  -4.571  6.730   1.00 11.96 ? 32  LEU A CD1 1 
ATOM   231  C CD2 . LEU A 1 32 ? 13.548  -3.304  4.578   1.00 14.95 ? 32  LEU A CD2 1 
ATOM   232  N N   . ALA A 1 33 ? 14.779  -8.158  4.569   1.00 13.34 ? 33  ALA A N   1 
ATOM   233  C CA  . ALA A 1 33 ? 14.078  -9.237  3.812   1.00 13.27 ? 33  ALA A CA  1 
ATOM   234  C C   . ALA A 1 33 ? 13.846  -10.413 4.717   1.00 15.99 ? 33  ALA A C   1 
ATOM   235  O O   . ALA A 1 33 ? 12.782  -10.903 4.766   1.00 13.75 ? 33  ALA A O   1 
ATOM   236  C CB  . ALA A 1 33 ? 14.926  -9.659  2.541   1.00 12.79 ? 33  ALA A CB  1 
ATOM   237  N N   . PHE A 1 34 ? 14.845  -10.805 5.543   1.00 12.98 ? 34  PHE A N   1 
ATOM   238  C CA  . PHE A 1 34 ? 14.560  -11.967 6.420   1.00 12.21 ? 34  PHE A CA  1 
ATOM   239  C C   . PHE A 1 34 ? 13.456  -11.750 7.416   1.00 12.49 ? 34  PHE A C   1 
ATOM   240  O O   . PHE A 1 34 ? 12.557  -12.533 7.574   1.00 13.45 ? 34  PHE A O   1 
ATOM   241  C CB  . PHE A 1 34 ? 15.886  -12.313 7.197   1.00 13.98 ? 34  PHE A CB  1 
ATOM   242  C CG  . PHE A 1 34 ? 15.702  -13.342 8.214   1.00 13.96 ? 34  PHE A CG  1 
ATOM   243  C CD1 . PHE A 1 34 ? 15.614  -14.602 7.773   1.00 15.73 ? 34  PHE A CD1 1 
ATOM   244  C CD2 . PHE A 1 34 ? 15.475  -13.021 9.536   1.00 14.21 ? 34  PHE A CD2 1 
ATOM   245  C CE1 . PHE A 1 34 ? 15.220  -15.669 8.726   1.00 17.66 ? 34  PHE A CE1 1 
ATOM   246  C CE2 . PHE A 1 34 ? 15.109  -13.903 10.405  1.00 19.00 ? 34  PHE A CE2 1 
ATOM   247  C CZ  . PHE A 1 34 ? 14.958  -15.236 10.064  1.00 16.86 ? 34  PHE A CZ  1 
ATOM   248  N N   . LEU A 1 35 ? 13.508  -10.596 8.067   1.00 13.70 ? 35  LEU A N   1 
ATOM   249  C CA  . LEU A 1 35 ? 12.562  -10.238 9.036   1.00 13.70 ? 35  LEU A CA  1 
ATOM   250  C C   . LEU A 1 35 ? 11.142  -10.025 8.514   1.00 13.38 ? 35  LEU A C   1 
ATOM   251  O O   . LEU A 1 35 ? 10.159  -10.318 9.261   1.00 18.78 ? 35  LEU A O   1 
ATOM   252  C CB  . LEU A 1 35 ? 12.947  -8.976  9.767   1.00 12.39 ? 35  LEU A CB  1 
ATOM   253  C CG  . LEU A 1 35 ? 14.247  -9.019  10.635  1.00 12.61 ? 35  LEU A CG  1 
ATOM   254  C CD1 . LEU A 1 35 ? 14.595  -7.520  11.163  1.00 14.88 ? 35  LEU A CD1 1 
ATOM   255  C CD2 . LEU A 1 35 ? 14.081  -10.072 11.769  1.00 18.42 ? 35  LEU A CD2 1 
ATOM   256  N N   . SER A 1 36 ? 11.024  -9.679  7.224   1.00 15.31 ? 36  SER A N   1 
ATOM   257  C CA  . SER A 1 36 ? 9.690   -9.472  6.662   1.00 15.39 ? 36  SER A CA  1 
ATOM   258  C C   . SER A 1 36 ? 9.235   -10.803 5.932   1.00 15.25 ? 36  SER A C   1 
ATOM   259  O O   . SER A 1 36 ? 8.108   -10.874 5.399   1.00 18.34 ? 36  SER A O   1 
ATOM   260  C CB  . SER A 1 36 ? 9.726   -8.346  5.654   1.00 16.05 ? 36  SER A CB  1 
ATOM   261  O OG  . SER A 1 36 ? 10.682  -8.611  4.591   1.00 18.40 ? 36  SER A OG  1 
ATOM   262  N N   . GLY A 1 37 ? 10.059  -11.885 5.885   1.00 14.12 ? 37  GLY A N   1 
ATOM   263  C CA  . GLY A 1 37 ? 9.719   -13.077 5.129   1.00 18.87 ? 37  GLY A CA  1 
ATOM   264  C C   . GLY A 1 37 ? 9.772   -12.910 3.599   1.00 17.81 ? 37  GLY A C   1 
ATOM   265  O O   . GLY A 1 37 ? 9.038   -13.666 2.916   1.00 19.91 ? 37  GLY A O   1 
ATOM   266  N N   . LEU A 1 38 ? 10.518  -11.956 3.165   1.00 13.28 ? 38  LEU A N   1 
ATOM   267  C CA  . LEU A 1 38 ? 10.709  -11.654 1.795   1.00 13.32 ? 38  LEU A CA  1 
ATOM   268  C C   . LEU A 1 38 ? 12.063  -11.992 1.331   1.00 18.13 ? 38  LEU A C   1 
ATOM   269  O O   . LEU A 1 38 ? 12.786  -12.755 2.046   1.00 25.11 ? 38  LEU A O   1 
ATOM   270  C CB  . LEU A 1 38 ? 10.345  -10.092 1.481   1.00 11.96 ? 38  LEU A CB  1 
ATOM   271  C CG  . LEU A 1 38 ? 8.854   -9.851  1.862   1.00 17.64 ? 38  LEU A CG  1 
ATOM   272  C CD1 . LEU A 1 38 ? 8.724   -8.327  1.797   1.00 14.64 ? 38  LEU A CD1 1 
ATOM   273  C CD2 . LEU A 1 38 ? 7.783   -10.725 0.991   1.00 19.03 ? 38  LEU A CD2 1 
ATOM   274  N N   . ASP A 1 39 ? 12.525  -11.535 0.212   1.00 16.33 ? 39  ASP A N   1 
ATOM   275  C CA  . ASP A 1 39 ? 13.863  -11.730 -0.280  1.00 15.08 ? 39  ASP A CA  1 
ATOM   276  C C   . ASP A 1 39 ? 14.631  -10.500 -0.615  1.00 16.34 ? 39  ASP A C   1 
ATOM   277  O O   . ASP A 1 39 ? 14.021  -9.429  -0.942  1.00 17.12 ? 39  ASP A O   1 
ATOM   278  C CB  . ASP A 1 39 ? 13.929  -12.733 -1.487  1.00 17.30 ? 39  ASP A CB  1 
ATOM   279  C CG  . ASP A 1 39 ? 13.239  -12.058 -2.769  1.00 11.94 ? 39  ASP A CG  1 
ATOM   280  O OD1 . ASP A 1 39 ? 11.956  -12.046 -2.690  1.00 17.16 ? 39  ASP A OD1 1 
ATOM   281  O OD2 . ASP A 1 39 ? 13.882  -11.600 -3.716  1.00 20.46 ? 39  ASP A OD2 1 
ATOM   282  N N   . ARG A 1 40 ? 15.985  -10.566 -0.575  1.00 16.47 ? 40  ARG A N   1 
ATOM   283  C CA  . ARG A 1 40 ? 16.714  -9.335  -0.753  1.00 17.44 ? 40  ARG A CA  1 
ATOM   284  C C   . ARG A 1 40 ? 16.471  -8.641  -2.113  1.00 15.97 ? 40  ARG A C   1 
ATOM   285  O O   . ARG A 1 40 ? 16.365  -7.392  -2.250  1.00 19.10 ? 40  ARG A O   1 
ATOM   286  C CB  . ARG A 1 40 ? 18.192  -9.623  -0.590  1.00 15.50 ? 40  ARG A CB  1 
ATOM   287  C CG  . ARG A 1 40 ? 18.963  -8.347  -0.424  1.00 22.58 ? 40  ARG A CG  1 
ATOM   288  C CD  . ARG A 1 40 ? 20.317  -8.345  -1.148  1.00 40.50 ? 40  ARG A CD  1 
ATOM   289  N NE  . ARG A 1 40 ? 20.885  -6.996  -0.968  1.00 41.27 ? 40  ARG A NE  1 
ATOM   290  C CZ  . ARG A 1 40 ? 22.145  -6.727  -0.743  1.00 53.11 ? 40  ARG A CZ  1 
ATOM   291  N NH1 . ARG A 1 40 ? 23.054  -7.699  -0.623  1.00 58.21 ? 40  ARG A NH1 1 
ATOM   292  N NH2 . ARG A 1 40 ? 22.510  -5.460  -0.594  1.00 57.62 ? 40  ARG A NH2 1 
ATOM   293  N N   . SER A 1 41 ? 16.428  -9.450  -3.179  1.00 16.14 ? 41  SER A N   1 
ATOM   294  C CA  . SER A 1 41 ? 16.137  -8.884  -4.512  1.00 16.08 ? 41  SER A CA  1 
ATOM   295  C C   . SER A 1 41 ? 14.813  -8.055  -4.546  1.00 15.04 ? 41  SER A C   1 
ATOM   296  O O   . SER A 1 41 ? 14.829  -6.933  -5.210  1.00 18.04 ? 41  SER A O   1 
ATOM   297  C CB  . SER A 1 41 ? 16.140  -9.945  -5.698  1.00 20.52 ? 41  SER A CB  1 
ATOM   298  O OG  . SER A 1 41 ? 17.402  -10.689 -5.645  1.00 29.76 ? 41  SER A OG  1 
ATOM   299  N N   . TYR A 1 42 ? 13.749  -8.582  -4.043  1.00 18.47 ? 42  TYR A N   1 
ATOM   300  C CA  . TYR A 1 42 ? 12.479  -7.920  -4.097  1.00 16.03 ? 42  TYR A CA  1 
ATOM   301  C C   . TYR A 1 42 ? 12.592  -6.613  -3.221  1.00 16.75 ? 42  TYR A C   1 
ATOM   302  O O   . TYR A 1 42 ? 12.107  -5.552  -3.641  1.00 14.35 ? 42  TYR A O   1 
ATOM   303  C CB  . TYR A 1 42 ? 11.456  -8.837  -3.512  1.00 17.87 ? 42  TYR A CB  1 
ATOM   304  C CG  . TYR A 1 42 ? 10.111  -8.260  -3.458  1.00 14.46 ? 42  TYR A CG  1 
ATOM   305  C CD1 . TYR A 1 42 ? 9.341   -8.097  -4.625  1.00 18.84 ? 42  TYR A CD1 1 
ATOM   306  C CD2 . TYR A 1 42 ? 9.621   -7.827  -2.282  1.00 15.88 ? 42  TYR A CD2 1 
ATOM   307  C CE1 . TYR A 1 42 ? 8.060   -7.594  -4.502  1.00 18.37 ? 42  TYR A CE1 1 
ATOM   308  C CE2 . TYR A 1 42 ? 8.226   -7.291  -2.120  1.00 17.45 ? 42  TYR A CE2 1 
ATOM   309  C CZ  . TYR A 1 42 ? 7.518   -7.200  -3.295  1.00 19.28 ? 42  TYR A CZ  1 
ATOM   310  O OH  . TYR A 1 42 ? 6.217   -6.774  -3.225  1.00 16.81 ? 42  TYR A OH  1 
ATOM   311  N N   . VAL A 1 43 ? 13.151  -6.750  -1.977  1.00 15.12 ? 43  VAL A N   1 
ATOM   312  C CA  . VAL A 1 43 ? 13.278  -5.509  -1.138  1.00 14.37 ? 43  VAL A CA  1 
ATOM   313  C C   . VAL A 1 43 ? 14.052  -4.447  -1.804  1.00 15.19 ? 43  VAL A C   1 
ATOM   314  O O   . VAL A 1 43 ? 13.629  -3.244  -1.877  1.00 16.21 ? 43  VAL A O   1 
ATOM   315  C CB  . VAL A 1 43 ? 13.940  -5.903  0.236   1.00 11.15 ? 43  VAL A CB  1 
ATOM   316  C CG1 . VAL A 1 43 ? 14.277  -4.566  0.946   1.00 15.86 ? 43  VAL A CG1 1 
ATOM   317  C CG2 . VAL A 1 43 ? 13.009  -6.702  1.048   1.00 15.98 ? 43  VAL A CG2 1 
ATOM   318  N N   . GLY A 1 44 ? 15.201  -4.836  -2.434  1.00 13.60 ? 44  GLY A N   1 
ATOM   319  C CA  . GLY A 1 44 ? 15.946  -3.896  -3.172  1.00 16.29 ? 44  GLY A CA  1 
ATOM   320  C C   . GLY A 1 44 ? 15.193  -3.285  -4.331  1.00 14.32 ? 44  GLY A C   1 
ATOM   321  O O   . GLY A 1 44 ? 15.352  -2.008  -4.573  1.00 17.21 ? 44  GLY A O   1 
ATOM   322  N N   . GLY A 1 45 ? 14.469  -4.115  -5.077  1.00 15.00 ? 45  GLY A N   1 
ATOM   323  C CA  . GLY A 1 45 ? 13.565  -3.600  -6.149  1.00 16.56 ? 45  GLY A CA  1 
ATOM   324  C C   . GLY A 1 45 ? 12.564  -2.597  -5.660  1.00 18.14 ? 45  GLY A C   1 
ATOM   325  O O   . GLY A 1 45 ? 12.359  -1.521  -6.264  1.00 16.06 ? 45  GLY A O   1 
ATOM   326  N N   . VAL A 1 46 ? 11.991  -2.909  -4.496  1.00 13.05 ? 46  VAL A N   1 
ATOM   327  C CA  . VAL A 1 46 ? 10.987  -1.934  -3.958  1.00 12.05 ? 46  VAL A CA  1 
ATOM   328  C C   . VAL A 1 46 ? 11.689  -0.647  -3.552  1.00 13.19 ? 46  VAL A C   1 
ATOM   329  O O   . VAL A 1 46 ? 11.145  0.419   -3.879  1.00 11.43 ? 46  VAL A O   1 
ATOM   330  C CB  . VAL A 1 46 ? 10.179  -2.592  -2.717  1.00 12.74 ? 46  VAL A CB  1 
ATOM   331  C CG1 . VAL A 1 46 ? 9.396   -1.477  -1.975  1.00 13.44 ? 46  VAL A CG1 1 
ATOM   332  C CG2 . VAL A 1 46 ? 9.316   -3.882  -3.207  1.00 14.33 ? 46  VAL A CG2 1 
ATOM   333  N N   . GLU A 1 47 ? 12.864  -0.694  -2.968  1.00 11.95 ? 47  GLU A N   1 
ATOM   334  C CA  . GLU A 1 47 ? 13.593  0.586   -2.504  1.00 14.81 ? 47  GLU A CA  1 
ATOM   335  C C   . GLU A 1 47 ? 13.940  1.516   -3.770  1.00 13.36 ? 47  GLU A C   1 
ATOM   336  O O   . GLU A 1 47 ? 13.883  2.740   -3.668  1.00 12.90 ? 47  GLU A O   1 
ATOM   337  C CB  . GLU A 1 47 ? 14.812  0.271   -1.733  1.00 13.47 ? 47  GLU A CB  1 
ATOM   338  C CG  . GLU A 1 47 ? 14.476  -0.206  -0.293  1.00 11.82 ? 47  GLU A CG  1 
ATOM   339  C CD  . GLU A 1 47 ? 15.708  -0.294  0.581   1.00 18.61 ? 47  GLU A CD  1 
ATOM   340  O OE1 . GLU A 1 47 ? 16.848  -0.076  0.140   1.00 21.54 ? 47  GLU A OE1 1 
ATOM   341  O OE2 . GLU A 1 47 ? 15.473  -0.686  1.712   1.00 22.14 ? 47  GLU A OE2 1 
ATOM   342  N N   . ARG A 1 48 ? 14.132  0.834   -4.859  1.00 15.34 ? 48  ARG A N   1 
ATOM   343  C CA  . ARG A 1 48 ? 14.437  1.520   -6.146  1.00 17.03 ? 48  ARG A CA  1 
ATOM   344  C C   . ARG A 1 48 ? 13.227  1.947   -6.942  1.00 17.88 ? 48  ARG A C   1 
ATOM   345  O O   . ARG A 1 48 ? 13.379  2.566   -8.109  1.00 20.75 ? 48  ARG A O   1 
ATOM   346  C CB  . ARG A 1 48 ? 15.398  0.692   -7.015  1.00 19.17 ? 48  ARG A CB  1 
ATOM   347  C CG  . ARG A 1 48 ? 16.812  0.562   -6.344  1.00 22.80 ? 48  ARG A CG  1 
ATOM   348  C CD  . ARG A 1 48 ? 17.863  -0.253  -7.203  1.00 32.14 ? 48  ARG A CD  1 
ATOM   349  N NE  . ARG A 1 48 ? 17.317  -1.537  -7.703  1.00 37.23 ? 48  ARG A NE  1 
ATOM   350  C CZ  . ARG A 1 48 ? 17.477  -2.740  -7.082  1.00 39.28 ? 48  ARG A CZ  1 
ATOM   351  N NH1 . ARG A 1 48 ? 18.207  -2.819  -5.968  1.00 39.90 ? 48  ARG A NH1 1 
ATOM   352  N NH2 . ARG A 1 48 ? 16.918  -3.874  -7.604  1.00 38.50 ? 48  ARG A NH2 1 
ATOM   353  N N   . GLY A 1 49 ? 12.029  1.655   -6.484  1.00 16.41 ? 49  GLY A N   1 
ATOM   354  C CA  . GLY A 1 49 ? 10.832  1.966   -7.235  1.00 16.27 ? 49  GLY A CA  1 
ATOM   355  C C   . GLY A 1 49 ? 10.586  1.096   -8.446  1.00 20.51 ? 49  GLY A C   1 
ATOM   356  O O   . GLY A 1 49 ? 9.768   1.523   -9.297  1.00 22.02 ? 49  GLY A O   1 
ATOM   357  N N   . GLN A 1 50 ? 11.131  -0.122  -8.473  1.00 18.01 ? 50  GLN A N   1 
ATOM   358  C CA  . GLN A 1 50 ? 11.171  -0.964  -9.740  1.00 21.47 ? 50  GLN A CA  1 
ATOM   359  C C   . GLN A 1 50 ? 10.269  -2.161  -9.554  1.00 22.23 ? 50  GLN A C   1 
ATOM   360  O O   . GLN A 1 50 ? 10.186  -3.177  -10.415 1.00 23.57 ? 50  GLN A O   1 
ATOM   361  C CB  . GLN A 1 50 ? 12.587  -1.460  -10.006 1.00 23.75 ? 50  GLN A CB  1 
ATOM   362  C CG  . GLN A 1 50 ? 13.521  -0.229  -10.284 1.00 29.35 ? 50  GLN A CG  1 
ATOM   363  C CD  . GLN A 1 50 ? 13.018  0.691   -11.526 1.00 44.14 ? 50  GLN A CD  1 
ATOM   364  O OE1 . GLN A 1 50 ? 12.962  0.211   -12.731 1.00 53.43 ? 50  GLN A OE1 1 
ATOM   365  N NE2 . GLN A 1 50 ? 12.685  2.023   -11.235 1.00 44.65 ? 50  GLN A NE2 1 
ATOM   366  N N   . ARG A 1 51 ? 9.642   -2.241  -8.353  1.00 15.28 ? 51  ARG A N   1 
ATOM   367  C CA  . ARG A 1 51 ? 8.653   -3.323  -8.175  1.00 18.39 ? 51  ARG A CA  1 
ATOM   368  C C   . ARG A 1 51 ? 7.505   -2.554  -7.490  1.00 16.43 ? 51  ARG A C   1 
ATOM   369  O O   . ARG A 1 51 ? 7.696   -1.462  -6.930  1.00 19.54 ? 51  ARG A O   1 
ATOM   370  C CB  . ARG A 1 51 ? 9.043   -4.357  -7.069  1.00 22.12 ? 51  ARG A CB  1 
ATOM   371  C CG  . ARG A 1 51 ? 10.321  -5.033  -7.595  1.00 25.70 ? 51  ARG A CG  1 
ATOM   372  C CD  . ARG A 1 51 ? 10.223  -6.498  -8.011  1.00 39.77 ? 51  ARG A CD  1 
ATOM   373  N NE  . ARG A 1 51 ? 11.631  -6.920  -8.097  1.00 41.20 ? 51  ARG A NE  1 
ATOM   374  C CZ  . ARG A 1 51 ? 12.069  -8.149  -7.921  1.00 39.31 ? 51  ARG A CZ  1 
ATOM   375  N NH1 . ARG A 1 51 ? 11.233  -9.210  -7.659  1.00 33.81 ? 51  ARG A NH1 1 
ATOM   376  N NH2 . ARG A 1 51 ? 13.355  -8.308  -8.047  1.00 38.03 ? 51  ARG A NH2 1 
ATOM   377  N N   . ASN A 1 52 ? 6.358   -3.068  -7.769  1.00 15.24 ? 52  ASN A N   1 
ATOM   378  C CA  . ASN A 1 52 ? 5.062   -2.492  -7.285  1.00 14.17 ? 52  ASN A CA  1 
ATOM   379  C C   . ASN A 1 52 ? 4.555   -3.303  -6.075  1.00 15.33 ? 52  ASN A C   1 
ATOM   380  O O   . ASN A 1 52 ? 3.794   -4.295  -6.201  1.00 14.87 ? 52  ASN A O   1 
ATOM   381  C CB  . ASN A 1 52 ? 4.097   -2.459  -8.472  1.00 14.58 ? 52  ASN A CB  1 
ATOM   382  C CG  . ASN A 1 52 ? 2.650   -1.851  -8.130  1.00 14.13 ? 52  ASN A CG  1 
ATOM   383  O OD1 . ASN A 1 52 ? 2.455   -1.185  -7.101  1.00 15.13 ? 52  ASN A OD1 1 
ATOM   384  N ND2 . ASN A 1 52 ? 1.698   -2.151  -8.961  1.00 15.84 ? 52  ASN A ND2 1 
ATOM   385  N N   . VAL A 1 53 ? 4.961   -2.867  -4.937  1.00 10.95 ? 53  VAL A N   1 
ATOM   386  C CA  . VAL A 1 53 ? 4.740   -3.652  -3.738  1.00 11.43 ? 53  VAL A CA  1 
ATOM   387  C C   . VAL A 1 53 ? 3.307   -3.871  -3.486  1.00 12.40 ? 53  VAL A C   1 
ATOM   388  O O   . VAL A 1 53 ? 2.480   -2.911  -3.710  1.00 16.72 ? 53  VAL A O   1 
ATOM   389  C CB  . VAL A 1 53 ? 5.492   -2.976  -2.457  1.00 13.08 ? 53  VAL A CB  1 
ATOM   390  C CG1 . VAL A 1 53 ? 4.843   -1.579  -2.118  1.00 13.51 ? 53  VAL A CG1 1 
ATOM   391  C CG2 . VAL A 1 53 ? 5.635   -3.993  -1.264  1.00 13.71 ? 53  VAL A CG2 1 
ATOM   392  N N   . SER A 1 54 ? 2.956   -4.956  -2.812  1.00 13.10 ? 54  SER A N   1 
ATOM   393  C CA  . SER A 1 54 ? 1.501   -5.222  -2.445  1.00 10.40 ? 54  SER A CA  1 
ATOM   394  C C   . SER A 1 54 ? 1.251   -4.755  -1.006  1.00 9.63  ? 54  SER A C   1 
ATOM   395  O O   . SER A 1 54 ? 2.070   -4.706  -0.188  1.00 10.32 ? 54  SER A O   1 
ATOM   396  C CB  . SER A 1 54 ? 1.211   -6.785  -2.639  1.00 11.28 ? 54  SER A CB  1 
ATOM   397  O OG  . SER A 1 54 ? 1.970   -7.460  -1.719  1.00 13.97 ? 54  SER A OG  1 
ATOM   398  N N   . LEU A 1 55 ? -0.007  -4.615  -0.723  1.00 10.03 ? 55  LEU A N   1 
ATOM   399  C CA  . LEU A 1 55 ? -0.390  -4.330  0.714   1.00 9.70  ? 55  LEU A CA  1 
ATOM   400  C C   . LEU A 1 55 ? 0.140   -5.341  1.681   1.00 10.95 ? 55  LEU A C   1 
ATOM   401  O O   . LEU A 1 55 ? 0.640   -4.925  2.723   1.00 11.79 ? 55  LEU A O   1 
ATOM   402  C CB  . LEU A 1 55 ? -1.983  -4.126  0.777   1.00 8.01  ? 55  LEU A CB  1 
ATOM   403  C CG  . LEU A 1 55 ? -2.445  -3.840  2.204   1.00 8.70  ? 55  LEU A CG  1 
ATOM   404  C CD1 . LEU A 1 55 ? -1.800  -2.512  2.756   1.00 13.32 ? 55  LEU A CD1 1 
ATOM   405  C CD2 . LEU A 1 55 ? -3.982  -3.738  2.071   1.00 12.07 ? 55  LEU A CD2 1 
ATOM   406  N N   . VAL A 1 56 ? 0.059   -6.634  1.423   1.00 10.90 ? 56  VAL A N   1 
ATOM   407  C CA  . VAL A 1 56 ? 0.463   -7.589  2.449   1.00 11.34 ? 56  VAL A CA  1 
ATOM   408  C C   . VAL A 1 56 ? 1.973   -7.397  2.650   1.00 10.63 ? 56  VAL A C   1 
ATOM   409  O O   . VAL A 1 56 ? 2.404   -7.418  3.840   1.00 10.93 ? 56  VAL A O   1 
ATOM   410  C CB  . VAL A 1 56 ? 0.214   -8.969  1.919   1.00 14.45 ? 56  VAL A CB  1 
ATOM   411  C CG1 . VAL A 1 56 ? 1.171   -10.111 2.668   1.00 16.79 ? 56  VAL A CG1 1 
ATOM   412  C CG2 . VAL A 1 56 ? -1.416  -9.287  1.953   1.00 22.49 ? 56  VAL A CG2 1 
ATOM   413  N N   . ASN A 1 57 ? 2.692   -7.085  1.548   1.00 12.29 ? 57  ASN A N   1 
ATOM   414  C CA  . ASN A 1 57 ? 4.162   -6.891  1.735   1.00 11.68 ? 57  ASN A CA  1 
ATOM   415  C C   . ASN A 1 57 ? 4.481   -5.552  2.406   1.00 13.56 ? 57  ASN A C   1 
ATOM   416  O O   . ASN A 1 57 ? 5.500   -5.493  3.191   1.00 11.83 ? 57  ASN A O   1 
ATOM   417  C CB  . ASN A 1 57 ? 4.896   -7.076  0.447   1.00 11.06 ? 57  ASN A CB  1 
ATOM   418  C CG  . ASN A 1 57 ? 4.785   -8.531  0.026   1.00 12.16 ? 57  ASN A CG  1 
ATOM   419  O OD1 . ASN A 1 57 ? 4.529   -9.393  0.830   1.00 16.40 ? 57  ASN A OD1 1 
ATOM   420  N ND2 . ASN A 1 57 ? 5.114   -8.775  -1.230  1.00 13.81 ? 57  ASN A ND2 1 
ATOM   421  N N   . ILE A 1 58 ? 3.675   -4.501  2.209   1.00 10.23 ? 58  ILE A N   1 
ATOM   422  C CA  . ILE A 1 58 ? 3.877   -3.263  2.930   1.00 11.29 ? 58  ILE A CA  1 
ATOM   423  C C   . ILE A 1 58 ? 3.697   -3.629  4.424   1.00 9.51  ? 58  ILE A C   1 
ATOM   424  O O   . ILE A 1 58 ? 4.483   -3.136  5.271   1.00 12.75 ? 58  ILE A O   1 
ATOM   425  C CB  . ILE A 1 58 ? 2.809   -2.247  2.504   1.00 10.20 ? 58  ILE A CB  1 
ATOM   426  C CG1 . ILE A 1 58 ? 3.235   -1.796  1.021   1.00 11.23 ? 58  ILE A CG1 1 
ATOM   427  C CG2 . ILE A 1 58 ? 2.760   -0.992  3.529   1.00 11.95 ? 58  ILE A CG2 1 
ATOM   428  C CD1 . ILE A 1 58 ? 1.993   -1.070  0.405   1.00 12.62 ? 58  ILE A CD1 1 
ATOM   429  N N   . LEU A 1 59 ? 2.609   -4.405  4.750   1.00 10.80 ? 59  LEU A N   1 
ATOM   430  C CA  . LEU A 1 59 ? 2.480   -4.726  6.223   1.00 11.56 ? 59  LEU A CA  1 
ATOM   431  C C   . LEU A 1 59 ? 3.621   -5.575  6.796   1.00 12.82 ? 59  LEU A C   1 
ATOM   432  O O   . LEU A 1 59 ? 3.963   -5.321  7.944   1.00 15.07 ? 59  LEU A O   1 
ATOM   433  C CB  . LEU A 1 59 ? 1.064   -5.327  6.401   1.00 11.75 ? 59  LEU A CB  1 
ATOM   434  C CG  . LEU A 1 59 ? -0.154  -4.493  5.925   1.00 15.77 ? 59  LEU A CG  1 
ATOM   435  C CD1 . LEU A 1 59 ? -1.385  -5.325  6.124   1.00 19.18 ? 59  LEU A CD1 1 
ATOM   436  C CD2 . LEU A 1 59 ? -0.341  -3.242  6.762   1.00 18.35 ? 59  LEU A CD2 1 
ATOM   437  N N   . LYS A 1 60 ? 4.123   -6.537  6.022   1.00 11.36 ? 60  LYS A N   1 
ATOM   438  C CA  . LYS A 1 60 ? 5.251   -7.338  6.423   1.00 12.57 ? 60  LYS A CA  1 
ATOM   439  C C   . LYS A 1 60 ? 6.483   -6.439  6.684   1.00 14.21 ? 60  LYS A C   1 
ATOM   440  O O   . LYS A 1 60 ? 7.137   -6.587  7.747   1.00 12.21 ? 60  LYS A O   1 
ATOM   441  C CB  . LYS A 1 60 ? 5.537   -8.403  5.485   1.00 11.64 ? 60  LYS A CB  1 
ATOM   442  C CG  . LYS A 1 60 ? 4.467   -9.568  5.518   1.00 16.19 ? 60  LYS A CG  1 
ATOM   443  C CD  . LYS A 1 60 ? 4.765   -10.459 4.269   1.00 19.62 ? 60  LYS A CD  1 
ATOM   444  C CE  . LYS A 1 60 ? 3.641   -11.535 4.256   1.00 30.31 ? 60  LYS A CE  1 
ATOM   445  N NZ  . LYS A 1 60 ? 4.221   -12.565 3.463   1.00 30.98 ? 60  LYS A NZ  1 
ATOM   446  N N   . LEU A 1 61 ? 6.733   -5.508  5.786   1.00 12.73 ? 61  LEU A N   1 
ATOM   447  C CA  . LEU A 1 61 ? 7.908   -4.615  5.953   1.00 10.91 ? 61  LEU A CA  1 
ATOM   448  C C   . LEU A 1 61 ? 7.718   -3.733  7.173   1.00 12.72 ? 61  LEU A C   1 
ATOM   449  O O   . LEU A 1 61 ? 8.730   -3.528  7.907   1.00 15.40 ? 61  LEU A O   1 
ATOM   450  C CB  . LEU A 1 61 ? 8.099   -3.705  4.712   1.00 10.59 ? 61  LEU A CB  1 
ATOM   451  C CG  . LEU A 1 61 ? 8.485   -4.534  3.488   1.00 10.91 ? 61  LEU A CG  1 
ATOM   452  C CD1 . LEU A 1 61 ? 8.211   -3.720  2.165   1.00 12.84 ? 61  LEU A CD1 1 
ATOM   453  C CD2 . LEU A 1 61 ? 10.046  -4.998  3.550   1.00 13.74 ? 61  LEU A CD2 1 
ATOM   454  N N   . ALA A 1 62 ? 6.538   -3.151  7.348   1.00 12.33 ? 62  ALA A N   1 
ATOM   455  C CA  . ALA A 1 62 ? 6.285   -2.296  8.522   1.00 13.82 ? 62  ALA A CA  1 
ATOM   456  C C   . ALA A 1 62 ? 6.473   -3.133  9.808   1.00 14.63 ? 62  ALA A C   1 
ATOM   457  O O   . ALA A 1 62 ? 7.126   -2.609  10.766  1.00 16.19 ? 62  ALA A O   1 
ATOM   458  C CB  . ALA A 1 62 ? 4.839   -1.772  8.536   1.00 14.22 ? 62  ALA A CB  1 
ATOM   459  N N   . THR A 1 63 ? 5.931   -4.344  9.830   1.00 13.35 ? 63  THR A N   1 
ATOM   460  C CA  . THR A 1 63 ? 6.152   -5.223  11.051  1.00 13.96 ? 63  THR A CA  1 
ATOM   461  C C   . THR A 1 63 ? 7.657   -5.425  11.269  1.00 14.62 ? 63  THR A C   1 
ATOM   462  O O   . THR A 1 63 ? 8.127   -5.295  12.484  1.00 17.62 ? 63  THR A O   1 
ATOM   463  C CB  . THR A 1 63 ? 5.454   -6.477  10.862  1.00 17.17 ? 63  THR A CB  1 
ATOM   464  O OG1 . THR A 1 63 ? 4.035   -6.145  10.874  1.00 18.05 ? 63  THR A OG1 1 
ATOM   465  C CG2 . THR A 1 63 ? 5.565   -7.387  12.130  1.00 17.48 ? 63  THR A CG2 1 
ATOM   466  N N   . ALA A 1 64 ? 8.419   -5.685  10.241  1.00 13.09 ? 64  ALA A N   1 
ATOM   467  C CA  . ALA A 1 64 ? 9.846   -5.998  10.435  1.00 14.81 ? 64  ALA A CA  1 
ATOM   468  C C   . ALA A 1 64 ? 10.564  -4.811  10.951  1.00 18.90 ? 64  ALA A C   1 
ATOM   469  O O   . ALA A 1 64 ? 11.572  -4.888  11.688  1.00 20.18 ? 64  ALA A O   1 
ATOM   470  C CB  . ALA A 1 64 ? 10.389  -6.457  9.098   1.00 17.43 ? 64  ALA A CB  1 
ATOM   471  N N   . LEU A 1 65 ? 10.199  -3.574  10.502  1.00 15.49 ? 65  LEU A N   1 
ATOM   472  C CA  . LEU A 1 65 ? 10.793  -2.366  10.967  1.00 20.17 ? 65  LEU A CA  1 
ATOM   473  C C   . LEU A 1 65 ? 10.240  -1.869  12.358  1.00 21.20 ? 65  LEU A C   1 
ATOM   474  O O   . LEU A 1 65 ? 10.639  -0.768  12.879  1.00 20.15 ? 65  LEU A O   1 
ATOM   475  C CB  . LEU A 1 65 ? 10.630  -1.277  9.923   1.00 17.91 ? 65  LEU A CB  1 
ATOM   476  C CG  . LEU A 1 65 ? 11.287  -1.583  8.610   1.00 15.93 ? 65  LEU A CG  1 
ATOM   477  C CD1 . LEU A 1 65 ? 10.748  -0.630  7.595   1.00 18.75 ? 65  LEU A CD1 1 
ATOM   478  C CD2 . LEU A 1 65 ? 12.866  -1.239  8.606   1.00 19.83 ? 65  LEU A CD2 1 
ATOM   479  N N   . ASP A 1 66 ? 9.224   -2.549  12.848  1.00 17.74 ? 66  ASP A N   1 
ATOM   480  C CA  . ASP A 1 66 ? 8.513   -2.092  14.107  1.00 23.29 ? 66  ASP A CA  1 
ATOM   481  C C   . ASP A 1 66 ? 7.965   -0.694  13.971  1.00 24.05 ? 66  ASP A C   1 
ATOM   482  O O   . ASP A 1 66 ? 8.107   0.179   14.899  1.00 23.52 ? 66  ASP A O   1 
ATOM   483  C CB  . ASP A 1 66 ? 9.430   -2.198  15.390  1.00 21.03 ? 66  ASP A CB  1 
ATOM   484  C CG  . ASP A 1 66 ? 8.610   -2.279  16.664  1.00 30.63 ? 66  ASP A CG  1 
ATOM   485  O OD1 . ASP A 1 66 ? 7.663   -3.084  16.620  1.00 38.18 ? 66  ASP A OD1 1 
ATOM   486  O OD2 . ASP A 1 66 ? 8.912   -1.650  17.747  1.00 42.15 ? 66  ASP A OD2 1 
ATOM   487  N N   . ILE A 1 67 ? 7.360   -0.372  12.807  1.00 19.96 ? 67  ILE A N   1 
ATOM   488  C CA  . ILE A 1 67 ? 6.639   0.882   12.665  1.00 17.70 ? 67  ILE A CA  1 
ATOM   489  C C   . ILE A 1 67 ? 5.165   0.654   12.324  1.00 19.24 ? 67  ILE A C   1 
ATOM   490  O O   . ILE A 1 67 ? 4.768   -0.416  11.899  1.00 19.90 ? 67  ILE A O   1 
ATOM   491  C CB  . ILE A 1 67 ? 7.371   1.741   11.618  1.00 18.17 ? 67  ILE A CB  1 
ATOM   492  C CG1 . ILE A 1 67 ? 7.261   0.981   10.290  1.00 18.04 ? 67  ILE A CG1 1 
ATOM   493  C CG2 . ILE A 1 67 ? 8.794   2.047   12.057  1.00 17.93 ? 67  ILE A CG2 1 
ATOM   494  C CD1 . ILE A 1 67 ? 7.895   1.761   8.962   1.00 20.67 ? 67  ILE A CD1 1 
ATOM   495  N N   . GLU A 1 68 ? 4.393   1.728   12.495  1.00 20.12 ? 68  GLU A N   1 
ATOM   496  C CA  . GLU A 1 68 ? 3.032   1.789   11.887  1.00 21.28 ? 68  GLU A CA  1 
ATOM   497  C C   . GLU A 1 68 ? 3.222   2.000   10.388  1.00 15.41 ? 68  GLU A C   1 
ATOM   498  O O   . GLU A 1 68 ? 3.999   2.745   9.904   1.00 17.65 ? 68  GLU A O   1 
ATOM   499  C CB  . GLU A 1 68 ? 2.193   2.929   12.479  1.00 21.96 ? 68  GLU A CB  1 
ATOM   500  C CG  . GLU A 1 68 ? 1.932   2.506   13.938  1.00 31.76 ? 68  GLU A CG  1 
ATOM   501  C CD  . GLU A 1 68 ? 0.664   1.705   14.013  1.00 43.22 ? 68  GLU A CD  1 
ATOM   502  O OE1 . GLU A 1 68 ? -0.192  1.761   13.028  1.00 41.05 ? 68  GLU A OE1 1 
ATOM   503  O OE2 . GLU A 1 68 ? 0.489   1.083   15.097  1.00 51.63 ? 68  GLU A OE2 1 
ATOM   504  N N   . PRO A 1 69 ? 2.474   1.214   9.650   1.00 15.70 ? 69  PRO A N   1 
ATOM   505  C CA  . PRO A 1 69 ? 2.536   1.308   8.179   1.00 17.91 ? 69  PRO A CA  1 
ATOM   506  C C   . PRO A 1 69 ? 2.270   2.650   7.589   1.00 17.16 ? 69  PRO A C   1 
ATOM   507  O O   . PRO A 1 69 ? 2.815   3.124   6.627   1.00 17.71 ? 69  PRO A O   1 
ATOM   508  C CB  . PRO A 1 69 ? 1.486   0.354   7.737   1.00 14.53 ? 69  PRO A CB  1 
ATOM   509  C CG  . PRO A 1 69 ? 0.891   -0.243  8.891   1.00 21.16 ? 69  PRO A CG  1 
ATOM   510  C CD  . PRO A 1 69 ? 1.632   0.118   10.051  1.00 15.88 ? 69  PRO A CD  1 
ATOM   511  N N   . ARG A 1 70 ? 1.444   3.433   8.303   1.00 18.98 ? 70  ARG A N   1 
ATOM   512  C CA  . ARG A 1 70 ? 1.309   4.811   7.903   1.00 17.81 ? 70  ARG A CA  1 
ATOM   513  C C   . ARG A 1 70 ? 2.630   5.679   7.790   1.00 19.51 ? 70  ARG A C   1 
ATOM   514  O O   . ARG A 1 70 ? 2.670   6.689   7.150   1.00 18.18 ? 70  ARG A O   1 
ATOM   515  C CB  . ARG A 1 70 ? 0.305   5.490   8.862   1.00 20.80 ? 70  ARG A CB  1 
ATOM   516  C CG  . ARG A 1 70 ? 0.908   5.935   10.164  1.00 19.91 ? 70  ARG A CG  1 
ATOM   517  C CD  . ARG A 1 70 ? -0.183  6.901   10.966  1.00 27.99 ? 70  ARG A CD  1 
ATOM   518  N NE  . ARG A 1 70 ? 0.255   7.202   12.276  1.00 38.75 ? 70  ARG A NE  1 
ATOM   519  C CZ  . ARG A 1 70 ? -0.158  6.546   13.352  1.00 47.85 ? 70  ARG A CZ  1 
ATOM   520  N NH1 . ARG A 1 70 ? -1.043  5.513   13.230  1.00 45.48 ? 70  ARG A NH1 1 
ATOM   521  N NH2 . ARG A 1 70 ? 0.284   6.944   14.551  1.00 40.90 ? 70  ARG A NH2 1 
ATOM   522  N N   . GLU A 1 71 ? 3.750   5.309   8.479   1.00 16.21 ? 71  GLU A N   1 
ATOM   523  C CA  . GLU A 1 71 ? 4.989   6.098   8.478   1.00 18.60 ? 71  GLU A CA  1 
ATOM   524  C C   . GLU A 1 71 ? 5.722   5.899   7.150   1.00 16.92 ? 71  GLU A C   1 
ATOM   525  O O   . GLU A 1 71 ? 6.581   6.659   6.729   1.00 16.37 ? 71  GLU A O   1 
ATOM   526  C CB  . GLU A 1 71 ? 5.902   5.541   9.609   1.00 20.77 ? 71  GLU A CB  1 
ATOM   527  C CG  . GLU A 1 71 ? 5.280   5.562   11.014  1.00 25.02 ? 71  GLU A CG  1 
ATOM   528  C CD  . GLU A 1 71 ? 6.315   5.091   12.157  1.00 33.04 ? 71  GLU A CD  1 
ATOM   529  O OE1 . GLU A 1 71 ? 7.570   5.460   12.035  1.00 36.35 ? 71  GLU A OE1 1 
ATOM   530  O OE2 . GLU A 1 71 ? 5.962   4.389   13.255  1.00 37.86 ? 71  GLU A OE2 1 
ATOM   531  N N   . LEU A 1 72 ? 5.277   4.828   6.433   1.00 16.67 ? 72  LEU A N   1 
ATOM   532  C CA  . LEU A 1 72 ? 5.748   4.707   5.062   1.00 14.34 ? 72  LEU A CA  1 
ATOM   533  C C   . LEU A 1 72 ? 5.189   5.645   4.036   1.00 15.27 ? 72  LEU A C   1 
ATOM   534  O O   . LEU A 1 72 ? 5.694   5.733   2.873   1.00 15.42 ? 72  LEU A O   1 
ATOM   535  C CB  . LEU A 1 72 ? 5.617   3.231   4.612   1.00 13.53 ? 72  LEU A CB  1 
ATOM   536  C CG  . LEU A 1 72 ? 6.544   2.224   5.254   1.00 16.88 ? 72  LEU A CG  1 
ATOM   537  C CD1 . LEU A 1 72 ? 5.914   0.883   5.130   1.00 18.89 ? 72  LEU A CD1 1 
ATOM   538  C CD2 . LEU A 1 72 ? 7.869   2.358   4.555   1.00 21.21 ? 72  LEU A CD2 1 
ATOM   539  N N   . PHE A 1 73 ? 4.107   6.364   4.431   1.00 15.20 ? 73  PHE A N   1 
ATOM   540  C CA  . PHE A 1 73 ? 3.431   7.233   3.510   1.00 15.30 ? 73  PHE A CA  1 
ATOM   541  C C   . PHE A 1 73 ? 3.690   8.664   3.981   1.00 19.74 ? 73  PHE A C   1 
ATOM   542  O O   . PHE A 1 73 ? 2.658   9.409   3.714   1.00 25.33 ? 73  PHE A O   1 
ATOM   543  C CB  . PHE A 1 73 ? 1.930   6.778   3.564   1.00 13.86 ? 73  PHE A CB  1 
ATOM   544  C CG  . PHE A 1 73 ? 1.761   5.447   2.909   1.00 13.90 ? 73  PHE A CG  1 
ATOM   545  C CD1 . PHE A 1 73 ? 1.466   5.467   1.544   1.00 20.09 ? 73  PHE A CD1 1 
ATOM   546  C CD2 . PHE A 1 73 ? 1.867   4.153   3.549   1.00 15.12 ? 73  PHE A CD2 1 
ATOM   547  C CE1 . PHE A 1 73 ? 1.149   4.197   0.805   1.00 18.50 ? 73  PHE A CE1 1 
ATOM   548  C CE2 . PHE A 1 73 ? 1.722   2.947   2.816   1.00 19.41 ? 73  PHE A CE2 1 
ATOM   549  C CZ  . PHE A 1 73 ? 1.409   2.937   1.472   1.00 20.38 ? 73  PHE A CZ  1 
ATOM   550  N N   . TYR B 1 8  ? -7.107  -12.844 5.985   1.00 36.94 ? 8   TYR B N   1 
ATOM   551  C CA  . TYR B 1 8  ? -6.242  -11.890 6.796   1.00 36.48 ? 8   TYR B CA  1 
ATOM   552  C C   . TYR B 1 8  ? -6.922  -10.636 7.380   1.00 34.43 ? 8   TYR B C   1 
ATOM   553  O O   . TYR B 1 8  ? -7.564  -9.736  6.712   1.00 29.61 ? 8   TYR B O   1 
ATOM   554  C CB  . TYR B 1 8  ? -4.896  -11.595 6.255   1.00 38.34 ? 8   TYR B CB  1 
ATOM   555  C CG  . TYR B 1 8  ? -4.448  -12.856 5.544   1.00 48.82 ? 8   TYR B CG  1 
ATOM   556  C CD1 . TYR B 1 8  ? -3.851  -13.916 6.282   1.00 57.61 ? 8   TYR B CD1 1 
ATOM   557  C CD2 . TYR B 1 8  ? -4.683  -13.056 4.138   1.00 56.42 ? 8   TYR B CD2 1 
ATOM   558  C CE1 . TYR B 1 8  ? -3.499  -15.107 5.653   1.00 61.05 ? 8   TYR B CE1 1 
ATOM   559  C CE2 . TYR B 1 8  ? -4.339  -14.264 3.509   1.00 57.09 ? 8   TYR B CE2 1 
ATOM   560  C CZ  . TYR B 1 8  ? -3.739  -15.272 4.282   1.00 61.57 ? 8   TYR B CZ  1 
ATOM   561  O OH  . TYR B 1 8  ? -3.337  -16.471 3.720   1.00 66.76 ? 8   TYR B OH  1 
ATOM   562  N N   . ALA B 1 9  ? -6.815  -10.629 8.696   1.00 30.22 ? 9   ALA B N   1 
ATOM   563  C CA  . ALA B 1 9  ? -7.428  -9.567  9.475   1.00 28.65 ? 9   ALA B CA  1 
ATOM   564  C C   . ALA B 1 9  ? -7.088  -8.126  9.048   1.00 27.82 ? 9   ALA B C   1 
ATOM   565  O O   . ALA B 1 9  ? -7.992  -7.261  8.953   1.00 23.32 ? 9   ALA B O   1 
ATOM   566  C CB  . ALA B 1 9  ? -7.047  -9.703  10.989  1.00 29.09 ? 9   ALA B CB  1 
ATOM   567  N N   . ASP B 1 10 ? -5.778  -7.862  8.858   1.00 26.00 ? 10  ASP B N   1 
ATOM   568  C CA  . ASP B 1 10 ? -5.445  -6.459  8.398   1.00 25.55 ? 10  ASP B CA  1 
ATOM   569  C C   . ASP B 1 10 ? -5.968  -6.187  7.001   1.00 19.16 ? 10  ASP B C   1 
ATOM   570  O O   . ASP B 1 10 ? -6.313  -5.055  6.860   1.00 17.07 ? 10  ASP B O   1 
ATOM   571  C CB  . ASP B 1 10 ? -3.978  -6.273  8.427   1.00 25.59 ? 10  ASP B CB  1 
ATOM   572  C CG  . ASP B 1 10 ? -3.445  -6.735  9.753   1.00 36.95 ? 10  ASP B CG  1 
ATOM   573  O OD1 . ASP B 1 10 ? -3.649  -5.954  10.739  1.00 38.22 ? 10  ASP B OD1 1 
ATOM   574  O OD2 . ASP B 1 10 ? -3.013  -7.931  9.879   1.00 46.48 ? 10  ASP B OD2 1 
ATOM   575  N N   . LEU B 1 11 ? -6.079  -7.117  6.067   1.00 16.25 ? 11  LEU B N   1 
ATOM   576  C CA  . LEU B 1 11 ? -6.607  -6.799  4.698   1.00 15.96 ? 11  LEU B CA  1 
ATOM   577  C C   . LEU B 1 11 ? -8.090  -6.476  4.924   1.00 16.09 ? 11  LEU B C   1 
ATOM   578  O O   . LEU B 1 11 ? -8.623  -5.549  4.304   1.00 13.96 ? 11  LEU B O   1 
ATOM   579  C CB  . LEU B 1 11 ? -6.627  -8.012  3.725   1.00 14.89 ? 11  LEU B CB  1 
ATOM   580  C CG  . LEU B 1 11 ? -5.191  -8.348  3.382   1.00 18.46 ? 11  LEU B CG  1 
ATOM   581  C CD1 . LEU B 1 11 ? -5.312  -9.468  2.357   1.00 22.07 ? 11  LEU B CD1 1 
ATOM   582  C CD2 . LEU B 1 11 ? -4.569  -7.159  2.640   1.00 21.82 ? 11  LEU B CD2 1 
ATOM   583  N N   . VAL B 1 12 ? -8.757  -7.146  5.923   1.00 15.60 ? 12  VAL B N   1 
ATOM   584  C CA  . VAL B 1 12 ? -10.189 -6.841  6.170   1.00 15.87 ? 12  VAL B CA  1 
ATOM   585  C C   . VAL B 1 12 ? -10.319 -5.448  6.850   1.00 16.88 ? 12  VAL B C   1 
ATOM   586  O O   . VAL B 1 12 ? -11.189 -4.639  6.417   1.00 18.87 ? 12  VAL B O   1 
ATOM   587  C CB  . VAL B 1 12 ? -10.804 -7.991  7.066   1.00 19.58 ? 12  VAL B CB  1 
ATOM   588  C CG1 . VAL B 1 12 ? -12.220 -7.552  7.544   1.00 21.19 ? 12  VAL B CG1 1 
ATOM   589  C CG2 . VAL B 1 12 ? -10.916 -9.211  6.157   1.00 17.58 ? 12  VAL B CG2 1 
ATOM   590  N N   . LYS B 1 13 ? -9.383  -5.082  7.755   1.00 17.37 ? 13  LYS B N   1 
ATOM   591  C CA  . LYS B 1 13 ? -9.462  -3.717  8.443   1.00 15.01 ? 13  LYS B CA  1 
ATOM   592  C C   . LYS B 1 13 ? -9.201  -2.608  7.360   1.00 16.67 ? 13  LYS B C   1 
ATOM   593  O O   . LYS B 1 13 ? -9.804  -1.572  7.391   1.00 14.27 ? 13  LYS B O   1 
ATOM   594  C CB  . LYS B 1 13 ? -8.339  -3.633  9.458   1.00 17.41 ? 13  LYS B CB  1 
ATOM   595  C CG  . LYS B 1 13 ? -8.661  -4.306  10.874  1.00 27.47 ? 13  LYS B CG  1 
ATOM   596  C CD  . LYS B 1 13 ? -7.385  -4.576  11.682  1.00 37.83 ? 13  LYS B CD  1 
ATOM   597  C CE  . LYS B 1 13 ? -6.578  -3.301  12.065  1.00 50.29 ? 13  LYS B CE  1 
ATOM   598  N NZ  . LYS B 1 13 ? -5.735  -3.357  13.394  1.00 51.93 ? 13  LYS B NZ  1 
ATOM   599  N N   . PHE B 1 14 ? -8.281  -2.897  6.418   1.00 14.95 ? 14  PHE B N   1 
ATOM   600  C CA  . PHE B 1 14 ? -7.930  -1.843  5.414   1.00 13.32 ? 14  PHE B CA  1 
ATOM   601  C C   . PHE B 1 14 ? -9.123  -1.684  4.527   1.00 11.12 ? 14  PHE B C   1 
ATOM   602  O O   . PHE B 1 14 ? -9.521  -0.558  4.128   1.00 12.17 ? 14  PHE B O   1 
ATOM   603  C CB  . PHE B 1 14 ? -6.746  -2.374  4.588   1.00 11.65 ? 14  PHE B CB  1 
ATOM   604  C CG  . PHE B 1 14 ? -6.310  -1.390  3.483   1.00 10.85 ? 14  PHE B CG  1 
ATOM   605  C CD1 . PHE B 1 14 ? -5.283  -0.430  3.731   1.00 17.45 ? 14  PHE B CD1 1 
ATOM   606  C CD2 . PHE B 1 14 ? -6.941  -1.515  2.202   1.00 10.61 ? 14  PHE B CD2 1 
ATOM   607  C CE1 . PHE B 1 14 ? -4.893  0.366   2.638   1.00 16.99 ? 14  PHE B CE1 1 
ATOM   608  C CE2 . PHE B 1 14 ? -6.565  -0.666  1.067   1.00 11.32 ? 14  PHE B CE2 1 
ATOM   609  C CZ  . PHE B 1 14 ? -5.551  0.357   1.414   1.00 13.53 ? 14  PHE B CZ  1 
ATOM   610  N N   . GLY B 1 15 ? -9.798  -2.816  4.163   1.00 10.95 ? 15  GLY B N   1 
ATOM   611  C CA  . GLY B 1 15 ? -10.979 -2.722  3.280   1.00 10.16 ? 15  GLY B CA  1 
ATOM   612  C C   . GLY B 1 15 ? -12.167 -1.965  4.003   1.00 11.67 ? 15  GLY B C   1 
ATOM   613  O O   . GLY B 1 15 ? -12.882 -1.260  3.343   1.00 11.02 ? 15  GLY B O   1 
ATOM   614  N N   . GLN B 1 16 ? -12.314 -2.250  5.308   1.00 13.04 ? 16  GLN B N   1 
ATOM   615  C CA  . GLN B 1 16 ? -13.313 -1.464  6.039   1.00 14.92 ? 16  GLN B CA  1 
ATOM   616  C C   . GLN B 1 16 ? -13.096 0.037   6.129   1.00 12.27 ? 16  GLN B C   1 
ATOM   617  O O   . GLN B 1 16 ? -14.075 0.812   5.894   1.00 13.79 ? 16  GLN B O   1 
ATOM   618  C CB  . GLN B 1 16 ? -13.475 -2.043  7.431   1.00 16.91 ? 16  GLN B CB  1 
ATOM   619  C CG  . GLN B 1 16 ? -14.009 -3.406  7.524   1.00 21.33 ? 16  GLN B CG  1 
ATOM   620  C CD  . GLN B 1 16 ? -13.888 -4.070  9.010   1.00 32.83 ? 16  GLN B CD  1 
ATOM   621  O OE1 . GLN B 1 16 ? -13.051 -3.679  9.826   1.00 37.45 ? 16  GLN B OE1 1 
ATOM   622  N NE2 . GLN B 1 16 ? -14.719 -5.112  9.272   1.00 36.11 ? 16  GLN B NE2 1 
ATOM   623  N N   . ARG B 1 17 ? -11.812 0.466   6.152   1.00 10.91 ? 17  ARG B N   1 
ATOM   624  C CA  . ARG B 1 17 ? -11.480 1.873   6.178   1.00 9.86  ? 17  ARG B CA  1 
ATOM   625  C C   . ARG B 1 17 ? -11.819 2.403   4.797   1.00 11.79 ? 17  ARG B C   1 
ATOM   626  O O   . ARG B 1 17 ? -12.321 3.526   4.633   1.00 11.59 ? 17  ARG B O   1 
ATOM   627  C CB  . ARG B 1 17 ? -9.985  2.054   6.460   1.00 9.10  ? 17  ARG B CB  1 
ATOM   628  C CG  . ARG B 1 17 ? -9.518  3.434   6.355   1.00 11.42 ? 17  ARG B CG  1 
ATOM   629  C CD  . ARG B 1 17 ? -10.242 4.414   7.383   1.00 12.29 ? 17  ARG B CD  1 
ATOM   630  N NE  . ARG B 1 17 ? -9.499  5.697   7.323   1.00 13.33 ? 17  ARG B NE  1 
ATOM   631  C CZ  . ARG B 1 17 ? -9.782  6.766   8.092   1.00 16.62 ? 17  ARG B CZ  1 
ATOM   632  N NH1 . ARG B 1 17 ? -10.921 6.754   8.799   1.00 14.77 ? 17  ARG B NH1 1 
ATOM   633  N NH2 . ARG B 1 17 ? -8.883  7.790   8.073   1.00 18.16 ? 17  ARG B NH2 1 
ATOM   634  N N   . LEU B 1 18 ? -11.377 1.650   3.787   1.00 11.39 ? 18  LEU B N   1 
ATOM   635  C CA  . LEU B 1 18 ? -11.682 2.160   2.379   1.00 9.71  ? 18  LEU B CA  1 
ATOM   636  C C   . LEU B 1 18 ? -13.204 2.367   2.224   1.00 11.65 ? 18  LEU B C   1 
ATOM   637  O O   . LEU B 1 18 ? -13.698 3.324   1.687   1.00 10.71 ? 18  LEU B O   1 
ATOM   638  C CB  . LEU B 1 18 ? -11.239 1.104   1.290   1.00 11.81 ? 18  LEU B CB  1 
ATOM   639  C CG  . LEU B 1 18 ? -11.595 1.504   -0.095  1.00 10.62 ? 18  LEU B CG  1 
ATOM   640  C CD1 . LEU B 1 18 ? -10.900 2.845   -0.482  1.00 12.18 ? 18  LEU B CD1 1 
ATOM   641  C CD2 . LEU B 1 18 ? -10.917 0.335   -0.955  1.00 10.93 ? 18  LEU B CD2 1 
ATOM   642  N N   . ARG B 1 19 ? -13.966 1.321   2.643   1.00 11.27 ? 19  ARG B N   1 
ATOM   643  C CA  . ARG B 1 19 ? -15.450 1.427   2.578   1.00 13.60 ? 19  ARG B CA  1 
ATOM   644  C C   . ARG B 1 19 ? -16.021 2.655   3.295   1.00 10.04 ? 19  ARG B C   1 
ATOM   645  O O   . ARG B 1 19 ? -16.924 3.380   2.757   1.00 11.97 ? 19  ARG B O   1 
ATOM   646  C CB  . ARG B 1 19 ? -16.061 0.100   3.037   1.00 12.50 ? 19  ARG B CB  1 
ATOM   647  C CG  . ARG B 1 19 ? -17.633 0.080   2.816   1.00 16.69 ? 19  ARG B CG  1 
ATOM   648  C CD  . ARG B 1 19 ? -18.288 -1.171  3.687   1.00 25.47 ? 19  ARG B CD  1 
ATOM   649  N NE  . ARG B 1 19 ? -19.760 -0.911  3.467   1.00 35.52 ? 19  ARG B NE  1 
ATOM   650  C CZ  . ARG B 1 19 ? -20.528 -1.350  2.413   1.00 44.90 ? 19  ARG B CZ  1 
ATOM   651  N NH1 . ARG B 1 19 ? -20.121 -2.294  1.479   1.00 36.81 ? 19  ARG B NH1 1 
ATOM   652  N NH2 . ARG B 1 19 ? -21.821 -0.962  2.372   1.00 47.26 ? 19  ARG B NH2 1 
ATOM   653  N N   . GLU B 1 20 ? -15.502 2.906   4.477   1.00 12.97 ? 20  GLU B N   1 
ATOM   654  C CA  . GLU B 1 20 ? -15.976 4.063   5.262   1.00 13.45 ? 20  GLU B CA  1 
ATOM   655  C C   . GLU B 1 20 ? -15.659 5.344   4.541   1.00 14.74 ? 20  GLU B C   1 
ATOM   656  O O   . GLU B 1 20 ? -16.465 6.218   4.535   1.00 13.04 ? 20  GLU B O   1 
ATOM   657  C CB  . GLU B 1 20 ? -15.385 4.106   6.665   1.00 16.46 ? 20  GLU B CB  1 
ATOM   658  C CG  . GLU B 1 20 ? -15.918 2.933   7.435   1.00 25.39 ? 20  GLU B CG  1 
ATOM   659  C CD  . GLU B 1 20 ? -15.173 2.662   8.741   1.00 38.51 ? 20  GLU B CD  1 
ATOM   660  O OE1 . GLU B 1 20 ? -14.494 3.624   9.347   1.00 22.48 ? 20  GLU B OE1 1 
ATOM   661  O OE2 . GLU B 1 20 ? -15.301 1.421   9.132   1.00 46.41 ? 20  GLU B OE2 1 
ATOM   662  N N   . LEU B 1 21 ? -14.410 5.468   4.036   1.00 11.62 ? 21  LEU B N   1 
ATOM   663  C CA  . LEU B 1 21 ? -14.117 6.744   3.337   1.00 11.29 ? 21  LEU B CA  1 
ATOM   664  C C   . LEU B 1 21 ? -14.947 6.934   2.124   1.00 11.40 ? 21  LEU B C   1 
ATOM   665  O O   . LEU B 1 21 ? -15.357 8.041   1.872   1.00 13.24 ? 21  LEU B O   1 
ATOM   666  C CB  . LEU B 1 21 ? -12.633 6.612   2.884   1.00 8.48  ? 21  LEU B CB  1 
ATOM   667  C CG  . LEU B 1 21 ? -11.731 6.660   4.252   1.00 12.50 ? 21  LEU B CG  1 
ATOM   668  C CD1 . LEU B 1 21 ? -10.254 6.535   3.613   1.00 12.09 ? 21  LEU B CD1 1 
ATOM   669  C CD2 . LEU B 1 21 ? -11.782 8.016   4.906   1.00 12.51 ? 21  LEU B CD2 1 
ATOM   670  N N   . ARG B 1 22 ? -15.251 5.834   1.387   1.00 11.06 ? 22  ARG B N   1 
ATOM   671  C CA  . ARG B 1 22 ? -16.021 5.939   0.181   1.00 11.13 ? 22  ARG B CA  1 
ATOM   672  C C   . ARG B 1 22 ? -17.489 6.339   0.524   1.00 12.50 ? 22  ARG B C   1 
ATOM   673  O O   . ARG B 1 22 ? -18.083 7.174   -0.159  1.00 13.44 ? 22  ARG B O   1 
ATOM   674  C CB  . ARG B 1 22 ? -16.026 4.460   -0.496  1.00 14.43 ? 22  ARG B CB  1 
ATOM   675  C CG  . ARG B 1 22 ? -17.033 4.321   -1.634  1.00 16.95 ? 22  ARG B CG  1 
ATOM   676  C CD  . ARG B 1 22 ? -17.009 3.045   -2.476  1.00 13.13 ? 22  ARG B CD  1 
ATOM   677  N NE  . ARG B 1 22 ? -17.425 1.888   -1.661  1.00 15.30 ? 22  ARG B NE  1 
ATOM   678  C CZ  . ARG B 1 22 ? -18.658 1.655   -1.229  1.00 16.32 ? 22  ARG B CZ  1 
ATOM   679  N NH1 . ARG B 1 22 ? -19.753 2.433   -1.610  1.00 15.41 ? 22  ARG B NH1 1 
ATOM   680  N NH2 . ARG B 1 22 ? -18.861 0.508   -0.468  1.00 14.71 ? 22  ARG B NH2 1 
ATOM   681  N N   . THR B 1 23 ? -17.939 5.659   1.535   1.00 11.43 ? 23  THR B N   1 
ATOM   682  C CA  . THR B 1 23 ? -19.389 5.777   1.872   1.00 11.17 ? 23  THR B CA  1 
ATOM   683  C C   . THR B 1 23 ? -19.601 7.237   2.363   1.00 11.01 ? 23  THR B C   1 
ATOM   684  O O   . THR B 1 23 ? -20.689 7.829   1.989   1.00 14.63 ? 23  THR B O   1 
ATOM   685  C CB  . THR B 1 23 ? -19.750 4.693   2.954   1.00 15.00 ? 23  THR B CB  1 
ATOM   686  O OG1 . THR B 1 23 ? -19.728 3.472   2.278   1.00 15.90 ? 23  THR B OG1 1 
ATOM   687  C CG2 . THR B 1 23 ? -21.300 4.902   3.245   1.00 20.15 ? 23  THR B CG2 1 
ATOM   688  N N   . ALA B 1 24 ? -18.725 7.746   3.247   1.00 9.98  ? 24  ALA B N   1 
ATOM   689  C CA  . ALA B 1 24 ? -18.863 9.120   3.742   1.00 10.59 ? 24  ALA B CA  1 
ATOM   690  C C   . ALA B 1 24 ? -18.930 10.152  2.625   1.00 12.76 ? 24  ALA B C   1 
ATOM   691  O O   . ALA B 1 24 ? -19.605 11.209  2.762   1.00 14.12 ? 24  ALA B O   1 
ATOM   692  C CB  . ALA B 1 24 ? -17.712 9.446   4.677   1.00 11.89 ? 24  ALA B CB  1 
ATOM   693  N N   . LYS B 1 25 ? -18.225 9.859   1.506   1.00 15.05 ? 25  LYS B N   1 
ATOM   694  C CA  . LYS B 1 25 ? -18.306 10.804  0.385   1.00 15.78 ? 25  LYS B CA  1 
ATOM   695  C C   . LYS B 1 25 ? -19.510 10.527  -0.523  1.00 19.01 ? 25  LYS B C   1 
ATOM   696  O O   . LYS B 1 25 ? -19.698 11.213  -1.539  1.00 21.58 ? 25  LYS B O   1 
ATOM   697  C CB  . LYS B 1 25 ? -17.006 10.640  -0.450  1.00 13.52 ? 25  LYS B CB  1 
ATOM   698  C CG  . LYS B 1 25 ? -15.951 10.902  0.207   1.00 22.36 ? 25  LYS B CG  1 
ATOM   699  C CD  . LYS B 1 25 ? -14.566 11.043  -0.715  1.00 28.81 ? 25  LYS B CD  1 
ATOM   700  C CE  . LYS B 1 25 ? -14.831 11.639  -2.109  1.00 29.74 ? 25  LYS B CE  1 
ATOM   701  N NZ  . LYS B 1 25 ? -14.312 13.199  -2.368  1.00 26.77 ? 25  LYS B NZ  1 
ATOM   702  N N   . GLY B 1 26 ? -20.305 9.523   -0.216  1.00 17.23 ? 26  GLY B N   1 
ATOM   703  C CA  . GLY B 1 26 ? -21.498 9.208   -0.980  1.00 16.78 ? 26  GLY B CA  1 
ATOM   704  C C   . GLY B 1 26 ? -21.246 8.554   -2.330  1.00 19.84 ? 26  GLY B C   1 
ATOM   705  O O   . GLY B 1 26 ? -22.141 8.493   -3.152  1.00 24.98 ? 26  GLY B O   1 
ATOM   706  N N   . LEU B 1 27 ? -20.076 7.938   -2.454  1.00 14.46 ? 27  LEU B N   1 
ATOM   707  C CA  . LEU B 1 27 ? -19.790 7.247   -3.749  1.00 14.05 ? 27  LEU B CA  1 
ATOM   708  C C   . LEU B 1 27 ? -20.121 5.803   -3.719  1.00 13.01 ? 27  LEU B C   1 
ATOM   709  O O   . LEU B 1 27 ? -19.924 5.122   -2.676  1.00 15.47 ? 27  LEU B O   1 
ATOM   710  C CB  . LEU B 1 27 ? -18.229 7.272   -4.001  1.00 12.52 ? 27  LEU B CB  1 
ATOM   711  C CG  . LEU B 1 27 ? -17.664 8.694   -3.935  1.00 15.60 ? 27  LEU B CG  1 
ATOM   712  C CD1 . LEU B 1 27 ? -16.235 8.550   -4.207  1.00 17.78 ? 27  LEU B CD1 1 
ATOM   713  C CD2 . LEU B 1 27 ? -18.133 9.251   -5.274  1.00 18.25 ? 27  LEU B CD2 1 
ATOM   714  N N   . SER B 1 28 ? -20.671 5.250   -4.823  1.00 12.35 ? 28  SER B N   1 
ATOM   715  C CA  . SER B 1 28 ? -20.849 3.796   -4.926  1.00 13.19 ? 28  SER B CA  1 
ATOM   716  C C   . SER B 1 28 ? -19.506 3.119   -5.239  1.00 13.00 ? 28  SER B C   1 
ATOM   717  O O   . SER B 1 28 ? -18.541 3.837   -5.678  1.00 13.49 ? 28  SER B O   1 
ATOM   718  C CB  . SER B 1 28 ? -21.854 3.478   -6.100  1.00 14.97 ? 28  SER B CB  1 
ATOM   719  O OG  . SER B 1 28 ? -21.326 3.865   -7.341  1.00 16.25 ? 28  SER B OG  1 
ATOM   720  N N   . GLN B 1 29 ? -19.497 1.814   -5.075  1.00 13.84 ? 29  GLN B N   1 
ATOM   721  C CA  . GLN B 1 29 ? -18.289 1.057   -5.503  1.00 13.65 ? 29  GLN B CA  1 
ATOM   722  C C   . GLN B 1 29 ? -18.032 1.316   -6.965  1.00 14.05 ? 29  GLN B C   1 
ATOM   723  O O   . GLN B 1 29 ? -16.833 1.490   -7.391  1.00 11.83 ? 29  GLN B O   1 
ATOM   724  C CB  . GLN B 1 29 ? -18.485 -0.433  -5.218  1.00 12.32 ? 29  GLN B CB  1 
ATOM   725  C CG  . GLN B 1 29 ? -18.496 -0.777  -3.714  1.00 14.99 ? 29  GLN B CG  1 
ATOM   726  C CD  . GLN B 1 29 ? -18.533 -2.315  -3.548  1.00 17.63 ? 29  GLN B CD  1 
ATOM   727  O OE1 . GLN B 1 29 ? -18.801 -3.046  -4.523  1.00 22.15 ? 29  GLN B OE1 1 
ATOM   728  N NE2 . GLN B 1 29 ? -18.119 -2.771  -2.450  1.00 16.50 ? 29  GLN B NE2 1 
ATOM   729  N N   . GLU B 1 30 ? -19.146 1.319   -7.808  1.00 12.49 ? 30  GLU B N   1 
ATOM   730  C CA  . GLU B 1 30 ? -18.977 1.536   -9.186  1.00 14.64 ? 30  GLU B CA  1 
ATOM   731  C C   . GLU B 1 30 ? -18.293 2.900   -9.542  1.00 11.80 ? 30  GLU B C   1 
ATOM   732  O O   . GLU B 1 30 ? -17.434 3.004   -10.404 1.00 11.93 ? 30  GLU B O   1 
ATOM   733  C CB  . GLU B 1 30 ? -20.316 1.459   -9.903  1.00 14.55 ? 30  GLU B CB  1 
ATOM   734  C CG  . GLU B 1 30 ? -20.150 1.472   -11.421 1.00 22.57 ? 30  GLU B CG  1 
ATOM   735  C CD  . GLU B 1 30 ? -21.495 1.790   -12.063 1.00 40.49 ? 30  GLU B CD  1 
ATOM   736  O OE1 . GLU B 1 30 ? -22.393 2.294   -11.261 1.00 46.48 ? 30  GLU B OE1 1 
ATOM   737  O OE2 . GLU B 1 30 ? -21.623 1.565   -13.307 1.00 46.47 ? 30  GLU B OE2 1 
ATOM   738  N N   . THR B 1 31 ? -18.720 3.997   -8.903  1.00 12.49 ? 31  THR B N   1 
ATOM   739  C CA  . THR B 1 31 ? -18.112 5.295   -9.085  1.00 10.99 ? 31  THR B CA  1 
ATOM   740  C C   . THR B 1 31 ? -16.619 5.334   -8.562  1.00 10.06 ? 31  THR B C   1 
ATOM   741  O O   . THR B 1 31 ? -15.805 5.877   -9.218  1.00 10.73 ? 31  THR B O   1 
ATOM   742  C CB  . THR B 1 31 ? -18.922 6.301   -8.343  1.00 13.28 ? 31  THR B CB  1 
ATOM   743  O OG1 . THR B 1 31 ? -20.305 6.322   -8.964  1.00 15.70 ? 31  THR B OG1 1 
ATOM   744  C CG2 . THR B 1 31 ? -18.311 7.779   -8.532  1.00 14.52 ? 31  THR B CG2 1 
ATOM   745  N N   . LEU B 1 32 ? -16.397 4.745   -7.421  1.00 11.08 ? 32  LEU B N   1 
ATOM   746  C CA  . LEU B 1 32 ? -14.993 4.801   -6.960  1.00 11.55 ? 32  LEU B CA  1 
ATOM   747  C C   . LEU B 1 32 ? -14.192 4.020   -7.958  1.00 11.54 ? 32  LEU B C   1 
ATOM   748  O O   . LEU B 1 32 ? -13.028 4.424   -8.160  1.00 12.97 ? 32  LEU B O   1 
ATOM   749  C CB  . LEU B 1 32 ? -14.878 4.098   -5.553  1.00 11.87 ? 32  LEU B CB  1 
ATOM   750  C CG  . LEU B 1 32 ? -13.453 4.079   -4.938  1.00 11.63 ? 32  LEU B CG  1 
ATOM   751  C CD1 . LEU B 1 32 ? -12.791 5.473   -4.970  1.00 14.20 ? 32  LEU B CD1 1 
ATOM   752  C CD2 . LEU B 1 32 ? -13.495 3.426   -3.529  1.00 12.92 ? 32  LEU B CD2 1 
ATOM   753  N N   . ALA B 1 33 ? -14.706 2.855   -8.436  1.00 10.24 ? 33  ALA B N   1 
ATOM   754  C CA  . ALA B 1 33 ? -13.883 2.106   -9.455  1.00 13.10 ? 33  ALA B CA  1 
ATOM   755  C C   . ALA B 1 33 ? -13.644 2.944   -10.665 1.00 12.59 ? 33  ALA B C   1 
ATOM   756  O O   . ALA B 1 33 ? -12.542 3.090   -11.100 1.00 12.68 ? 33  ALA B O   1 
ATOM   757  C CB  . ALA B 1 33 ? -14.631 0.810   -9.813  1.00 13.89 ? 33  ALA B CB  1 
ATOM   758  N N   . PHE B 1 34 ? -14.654 3.648   -11.121 1.00 11.92 ? 34  PHE B N   1 
ATOM   759  C CA  . PHE B 1 34 ? -14.366 4.550   -12.366 1.00 11.50 ? 34  PHE B CA  1 
ATOM   760  C C   . PHE B 1 34 ? -13.375 5.589   -12.098 1.00 12.21 ? 34  PHE B C   1 
ATOM   761  O O   . PHE B 1 34 ? -12.394 5.787   -12.903 1.00 12.74 ? 34  PHE B O   1 
ATOM   762  C CB  . PHE B 1 34 ? -15.750 5.231   -12.701 1.00 11.00 ? 34  PHE B CB  1 
ATOM   763  C CG  . PHE B 1 34 ? -15.515 6.405   -13.777 1.00 11.53 ? 34  PHE B CG  1 
ATOM   764  C CD1 . PHE B 1 34 ? -15.309 6.016   -15.107 1.00 18.07 ? 34  PHE B CD1 1 
ATOM   765  C CD2 . PHE B 1 34 ? -15.395 7.715   -13.445 1.00 18.69 ? 34  PHE B CD2 1 
ATOM   766  C CE1 . PHE B 1 34 ? -14.963 6.988   -16.072 1.00 17.36 ? 34  PHE B CE1 1 
ATOM   767  C CE2 . PHE B 1 34 ? -15.027 8.726   -14.450 1.00 21.85 ? 34  PHE B CE2 1 
ATOM   768  C CZ  . PHE B 1 34 ? -14.837 8.337   -15.706 1.00 18.86 ? 34  PHE B CZ  1 
ATOM   769  N N   . LEU B 1 35 ? -13.506 6.279   -10.941 1.00 11.57 ? 35  LEU B N   1 
ATOM   770  C CA  . LEU B 1 35 ? -12.593 7.397   -10.596 1.00 13.81 ? 35  LEU B CA  1 
ATOM   771  C C   . LEU B 1 35 ? -11.152 6.911   -10.409 1.00 13.87 ? 35  LEU B C   1 
ATOM   772  O O   . LEU B 1 35 ? -10.163 7.706   -10.591 1.00 17.17 ? 35  LEU B O   1 
ATOM   773  C CB  . LEU B 1 35 ? -13.091 8.113   -9.290  1.00 13.68 ? 35  LEU B CB  1 
ATOM   774  C CG  . LEU B 1 35 ? -14.332 8.908   -9.523  1.00 16.48 ? 35  LEU B CG  1 
ATOM   775  C CD1 . LEU B 1 35 ? -14.801 9.410   -8.111  1.00 14.79 ? 35  LEU B CD1 1 
ATOM   776  C CD2 . LEU B 1 35 ? -14.307 10.148  -10.482 1.00 15.73 ? 35  LEU B CD2 1 
ATOM   777  N N   . SER B 1 36 ? -10.960 5.679   -10.046 1.00 11.68 ? 36  SER B N   1 
ATOM   778  C CA  . SER B 1 36 ? -9.594  5.144   -9.731  1.00 13.74 ? 36  SER B CA  1 
ATOM   779  C C   . SER B 1 36 ? -9.129  4.328   -10.894 1.00 16.74 ? 36  SER B C   1 
ATOM   780  O O   . SER B 1 36 ? -7.959  3.894   -10.946 1.00 22.68 ? 36  SER B O   1 
ATOM   781  C CB  . SER B 1 36 ? -9.735  4.263   -8.480  1.00 15.96 ? 36  SER B CB  1 
ATOM   782  O OG  . SER B 1 36 ? -10.551 3.145   -8.722  1.00 19.92 ? 36  SER B OG  1 
ATOM   783  N N   . GLY B 1 37 ? -9.956  4.189   -11.974 1.00 16.31 ? 37  GLY B N   1 
ATOM   784  C CA  . GLY B 1 37 ? -9.444  3.366   -13.084 1.00 18.49 ? 37  GLY B CA  1 
ATOM   785  C C   . GLY B 1 37 ? -9.356  1.928   -12.856 1.00 16.59 ? 37  GLY B C   1 
ATOM   786  O O   . GLY B 1 37 ? -8.518  1.213   -13.469 1.00 24.21 ? 37  GLY B O   1 
ATOM   787  N N   . LEU B 1 38 ? -10.171 1.413   -11.946 1.00 15.48 ? 38  LEU B N   1 
ATOM   788  C CA  . LEU B 1 38 ? -10.259 0.046   -11.503 1.00 17.06 ? 38  LEU B CA  1 
ATOM   789  C C   . LEU B 1 38 ? -11.480 -0.600  -11.814 1.00 16.83 ? 38  LEU B C   1 
ATOM   790  O O   . LEU B 1 38 ? -12.555 0.011   -12.159 1.00 16.95 ? 38  LEU B O   1 
ATOM   791  C CB  . LEU B 1 38 ? -9.985  -0.147  -9.931  1.00 15.87 ? 38  LEU B CB  1 
ATOM   792  C CG  . LEU B 1 38 ? -8.618  0.431   -9.525  1.00 22.67 ? 38  LEU B CG  1 
ATOM   793  C CD1 . LEU B 1 38 ? -8.614  0.419   -8.002  1.00 19.70 ? 38  LEU B CD1 1 
ATOM   794  C CD2 . LEU B 1 38 ? -7.311  -0.319  -10.133 1.00 23.96 ? 38  LEU B CD2 1 
ATOM   795  N N   . ASP B 1 39 ? -11.385 -1.945  -11.970 1.00 22.42 ? 39  ASP B N   1 
ATOM   796  C CA  . ASP B 1 39 ? -12.634 -2.662  -12.092 1.00 23.18 ? 39  ASP B CA  1 
ATOM   797  C C   . ASP B 1 39 ? -13.614 -2.594  -10.899 1.00 26.26 ? 39  ASP B C   1 
ATOM   798  O O   . ASP B 1 39 ? -13.253 -2.660  -9.723  1.00 21.43 ? 39  ASP B O   1 
ATOM   799  C CB  . ASP B 1 39 ? -12.244 -4.175  -12.337 1.00 29.47 ? 39  ASP B CB  1 
ATOM   800  C CG  . ASP B 1 39 ? -13.066 -4.870  -13.410 1.00 36.44 ? 39  ASP B CG  1 
ATOM   801  O OD1 . ASP B 1 39 ? -14.190 -5.398  -13.120 1.00 51.93 ? 39  ASP B OD1 1 
ATOM   802  O OD2 . ASP B 1 39 ? -12.585 -4.959  -14.592 1.00 52.43 ? 39  ASP B OD2 1 
ATOM   803  N N   . ARG B 1 40 ? -14.880 -2.398  -11.092 1.00 22.85 ? 40  ARG B N   1 
ATOM   804  C CA  . ARG B 1 40 ? -15.823 -2.447  -9.995  1.00 21.15 ? 40  ARG B CA  1 
ATOM   805  C C   . ARG B 1 40 ? -15.709 -3.708  -9.023  1.00 20.71 ? 40  ARG B C   1 
ATOM   806  O O   . ARG B 1 40 ? -15.748 -3.625  -7.769  1.00 20.20 ? 40  ARG B O   1 
ATOM   807  C CB  . ARG B 1 40 ? -17.372 -2.257  -10.404 1.00 23.59 ? 40  ARG B CB  1 
ATOM   808  C CG  . ARG B 1 40 ? -18.211 -2.308  -9.076  1.00 19.80 ? 40  ARG B CG  1 
ATOM   809  C CD  . ARG B 1 40 ? -19.711 -2.914  -9.140  1.00 41.91 ? 40  ARG B CD  1 
ATOM   810  N NE  . ARG B 1 40 ? -19.815 -4.044  -10.121 1.00 44.05 ? 40  ARG B NE  1 
ATOM   811  C CZ  . ARG B 1 40 ? -19.308 -5.250  -9.837  1.00 42.43 ? 40  ARG B CZ  1 
ATOM   812  N NH1 . ARG B 1 40 ? -18.797 -5.380  -8.620  1.00 37.11 ? 40  ARG B NH1 1 
ATOM   813  N NH2 . ARG B 1 40 ? -19.334 -6.294  -10.698 1.00 44.98 ? 40  ARG B NH2 1 
ATOM   814  N N   . SER B 1 41 ? -15.571 -4.887  -9.634  1.00 19.36 ? 41  SER B N   1 
ATOM   815  C CA  . SER B 1 41 ? -15.579 -6.044  -8.727  1.00 15.51 ? 41  SER B CA  1 
ATOM   816  C C   . SER B 1 41 ? -14.213 -6.081  -7.892  1.00 14.75 ? 41  SER B C   1 
ATOM   817  O O   . SER B 1 41 ? -14.095 -6.791  -6.848  1.00 15.05 ? 41  SER B O   1 
ATOM   818  C CB  . SER B 1 41 ? -15.733 -7.395  -9.570  1.00 16.47 ? 41  SER B CB  1 
ATOM   819  O OG  . SER B 1 41 ? -14.595 -7.531  -10.373 1.00 20.26 ? 41  SER B OG  1 
ATOM   820  N N   . TYR B 1 42 ? -13.183 -5.519  -8.478  1.00 14.65 ? 42  TYR B N   1 
ATOM   821  C CA  . TYR B 1 42 ? -11.830 -5.532  -7.810  1.00 15.41 ? 42  TYR B CA  1 
ATOM   822  C C   . TYR B 1 42 ? -11.931 -4.558  -6.582  1.00 14.32 ? 42  TYR B C   1 
ATOM   823  O O   . TYR B 1 42 ? -11.531 -4.899  -5.502  1.00 12.68 ? 42  TYR B O   1 
ATOM   824  C CB  . TYR B 1 42 ? -10.736 -4.908  -8.750  1.00 15.95 ? 42  TYR B CB  1 
ATOM   825  C CG  . TYR B 1 42 ? -9.390  -5.056  -8.067  1.00 13.24 ? 42  TYR B CG  1 
ATOM   826  C CD1 . TYR B 1 42 ? -8.788  -6.273  -8.109  1.00 14.40 ? 42  TYR B CD1 1 
ATOM   827  C CD2 . TYR B 1 42 ? -8.816  -3.952  -7.496  1.00 16.54 ? 42  TYR B CD2 1 
ATOM   828  C CE1 . TYR B 1 42 ? -7.559  -6.475  -7.557  1.00 18.87 ? 42  TYR B CE1 1 
ATOM   829  C CE2 . TYR B 1 42 ? -7.566  -4.128  -6.866  1.00 17.41 ? 42  TYR B CE2 1 
ATOM   830  C CZ  . TYR B 1 42 ? -7.029  -5.368  -6.924  1.00 15.99 ? 42  TYR B CZ  1 
ATOM   831  O OH  . TYR B 1 42 ? -5.829  -5.463  -6.267  1.00 24.77 ? 42  TYR B OH  1 
ATOM   832  N N   . VAL B 1 43 ? -12.560 -3.381  -6.768  1.00 15.13 ? 43  VAL B N   1 
ATOM   833  C CA  . VAL B 1 43 ? -12.779 -2.483  -5.610  1.00 14.09 ? 43  VAL B CA  1 
ATOM   834  C C   . VAL B 1 43 ? -13.605 -3.159  -4.520  1.00 13.42 ? 43  VAL B C   1 
ATOM   835  O O   . VAL B 1 43 ? -13.302 -3.083  -3.396  1.00 14.19 ? 43  VAL B O   1 
ATOM   836  C CB  . VAL B 1 43 ? -13.580 -1.131  -6.029  1.00 12.80 ? 43  VAL B CB  1 
ATOM   837  C CG1 . VAL B 1 43 ? -14.057 -0.370  -4.629  1.00 18.38 ? 43  VAL B CG1 1 
ATOM   838  C CG2 . VAL B 1 43 ? -12.731 -0.461  -6.991  1.00 17.52 ? 43  VAL B CG2 1 
ATOM   839  N N   . GLY B 1 44 ? -14.709 -3.851  -4.895  1.00 14.12 ? 44  GLY B N   1 
ATOM   840  C CA  . GLY B 1 44 ? -15.362 -4.545  -3.908  1.00 14.11 ? 44  GLY B CA  1 
ATOM   841  C C   . GLY B 1 44 ? -14.543 -5.669  -3.199  1.00 13.43 ? 44  GLY B C   1 
ATOM   842  O O   . GLY B 1 44 ? -14.534 -5.734  -2.003  1.00 14.15 ? 44  GLY B O   1 
ATOM   843  N N   . GLY B 1 45 ? -13.789 -6.389  -3.992  1.00 12.72 ? 45  GLY B N   1 
ATOM   844  C CA  . GLY B 1 45 ? -12.877 -7.394  -3.380  1.00 11.21 ? 45  GLY B CA  1 
ATOM   845  C C   . GLY B 1 45 ? -11.806 -6.786  -2.473  1.00 12.90 ? 45  GLY B C   1 
ATOM   846  O O   . GLY B 1 45 ? -11.562 -7.271  -1.385  1.00 10.71 ? 45  GLY B O   1 
ATOM   847  N N   . VAL B 1 46 ? -11.369 -5.607  -2.788  1.00 11.49 ? 46  VAL B N   1 
ATOM   848  C CA  . VAL B 1 46 ? -10.468 -4.964  -1.791  1.00 10.02 ? 46  VAL B CA  1 
ATOM   849  C C   . VAL B 1 46 ? -11.216 -4.542  -0.469  1.00 8.71  ? 46  VAL B C   1 
ATOM   850  O O   . VAL B 1 46 ? -10.761 -4.751  0.640   1.00 10.91 ? 46  VAL B O   1 
ATOM   851  C CB  . VAL B 1 46 ? -9.805  -3.661  -2.467  1.00 10.69 ? 46  VAL B CB  1 
ATOM   852  C CG1 . VAL B 1 46 ? -8.940  -2.918  -1.443  1.00 11.32 ? 46  VAL B CG1 1 
ATOM   853  C CG2 . VAL B 1 46 ? -8.833  -3.989  -3.657  1.00 9.99  ? 46  VAL B CG2 1 
ATOM   854  N N   . GLU B 1 47 ? -12.446 -4.059  -0.620  1.00 10.33 ? 47  GLU B N   1 
ATOM   855  C CA  . GLU B 1 47 ? -13.219 -3.623  0.535   1.00 10.54 ? 47  GLU B CA  1 
ATOM   856  C C   . GLU B 1 47 ? -13.478 -4.843  1.465   1.00 12.95 ? 47  GLU B C   1 
ATOM   857  O O   . GLU B 1 47 ? -13.617 -4.643  2.655   1.00 14.26 ? 47  GLU B O   1 
ATOM   858  C CB  . GLU B 1 47 ? -14.558 -3.001  0.100   1.00 12.57 ? 47  GLU B CB  1 
ATOM   859  C CG  . GLU B 1 47 ? -14.286 -1.571  -0.502  1.00 10.69 ? 47  GLU B CG  1 
ATOM   860  C CD  . GLU B 1 47 ? -15.588 -0.726  -0.553  1.00 17.18 ? 47  GLU B CD  1 
ATOM   861  O OE1 . GLU B 1 47 ? -16.721 -1.308  -0.377  1.00 18.59 ? 47  GLU B OE1 1 
ATOM   862  O OE2 . GLU B 1 47 ? -15.389 0.443   -0.927  1.00 16.80 ? 47  GLU B OE2 1 
ATOM   863  N N   . ARG B 1 48 ? -13.558 -6.067  0.815   1.00 13.54 ? 48  ARG B N   1 
ATOM   864  C CA  . ARG B 1 48 ? -13.847 -7.259  1.601   1.00 16.99 ? 48  ARG B CA  1 
ATOM   865  C C   . ARG B 1 48 ? -12.582 -8.052  1.998   1.00 14.68 ? 48  ARG B C   1 
ATOM   866  O O   . ARG B 1 48 ? -12.664 -9.140  2.716   1.00 15.45 ? 48  ARG B O   1 
ATOM   867  C CB  . ARG B 1 48 ? -14.726 -8.204  0.815   1.00 14.20 ? 48  ARG B CB  1 
ATOM   868  C CG  . ARG B 1 48 ? -16.028 -7.586  0.336   1.00 20.44 ? 48  ARG B CG  1 
ATOM   869  C CD  . ARG B 1 48 ? -16.982 -8.680  -0.189  1.00 16.95 ? 48  ARG B CD  1 
ATOM   870  N NE  . ARG B 1 48 ? -16.526 -9.344  -1.391  1.00 20.04 ? 48  ARG B NE  1 
ATOM   871  C CZ  . ARG B 1 48 ? -16.562 -8.850  -2.596  1.00 16.33 ? 48  ARG B CZ  1 
ATOM   872  N NH1 . ARG B 1 48 ? -17.210 -7.671  -2.795  1.00 19.26 ? 48  ARG B NH1 1 
ATOM   873  N NH2 . ARG B 1 48 ? -16.097 -9.583  -3.676  1.00 21.02 ? 48  ARG B NH2 1 
ATOM   874  N N   . GLY B 1 49 ? -11.388 -7.487  1.808   1.00 12.17 ? 49  GLY B N   1 
ATOM   875  C CA  . GLY B 1 49 ? -10.182 -8.191  2.186   1.00 13.63 ? 49  GLY B CA  1 
ATOM   876  C C   . GLY B 1 49 ? -9.912  -9.408  1.294   1.00 17.32 ? 49  GLY B C   1 
ATOM   877  O O   . GLY B 1 49 ? -9.142  -10.216 1.704   1.00 17.13 ? 49  GLY B O   1 
ATOM   878  N N   . GLN B 1 50 ? -10.389 -9.445  0.073   1.00 12.57 ? 50  GLN B N   1 
ATOM   879  C CA  . GLN B 1 50 ? -10.305 -10.607 -0.823  1.00 12.36 ? 50  GLN B CA  1 
ATOM   880  C C   . GLN B 1 50 ? -9.416  -10.294 -2.020  1.00 12.54 ? 50  GLN B C   1 
ATOM   881  O O   . GLN B 1 50 ? -9.305  -11.105 -2.947  1.00 13.51 ? 50  GLN B O   1 
ATOM   882  C CB  . GLN B 1 50 ? -11.780 -11.005 -1.289  1.00 11.72 ? 50  GLN B CB  1 
ATOM   883  C CG  . GLN B 1 50 ? -12.584 -11.525 -0.107  1.00 13.33 ? 50  GLN B CG  1 
ATOM   884  C CD  . GLN B 1 50 ? -12.077 -13.036 0.042   1.00 19.56 ? 50  GLN B CD  1 
ATOM   885  O OE1 . GLN B 1 50 ? -11.419 -13.641 -0.897  1.00 25.17 ? 50  GLN B OE1 1 
ATOM   886  N NE2 . GLN B 1 50 ? -12.385 -13.575 1.147   1.00 21.59 ? 50  GLN B NE2 1 
ATOM   887  N N   . ARG B 1 51 ? -8.674  -9.209  -1.894  1.00 11.18 ? 51  ARG B N   1 
ATOM   888  C CA  . ARG B 1 51 ? -7.660  -8.944  -2.861  1.00 12.95 ? 51  ARG B CA  1 
ATOM   889  C C   . ARG B 1 51 ? -6.468  -8.472  -2.029  1.00 14.15 ? 51  ARG B C   1 
ATOM   890  O O   . ARG B 1 51 ? -6.675  -8.023  -0.906  1.00 17.70 ? 51  ARG B O   1 
ATOM   891  C CB  . ARG B 1 51 ? -7.988  -7.790  -3.852  1.00 11.81 ? 51  ARG B CB  1 
ATOM   892  C CG  . ARG B 1 51 ? -9.282  -8.065  -4.705  1.00 14.70 ? 51  ARG B CG  1 
ATOM   893  C CD  . ARG B 1 51 ? -9.044  -9.074  -5.832  1.00 15.02 ? 51  ARG B CD  1 
ATOM   894  N NE  . ARG B 1 51 ? -10.388 -9.379  -6.572  1.00 15.21 ? 51  ARG B NE  1 
ATOM   895  C CZ  . ARG B 1 51 ? -11.374 -10.034 -6.076  1.00 15.56 ? 51  ARG B CZ  1 
ATOM   896  N NH1 . ARG B 1 51 ? -11.362 -10.641 -4.923  1.00 15.87 ? 51  ARG B NH1 1 
ATOM   897  N NH2 . ARG B 1 51 ? -12.534 -10.106 -6.860  1.00 20.62 ? 51  ARG B NH2 1 
ATOM   898  N N   . ASN B 1 52 ? -5.332  -8.377  -2.680  1.00 11.58 ? 52  ASN B N   1 
ATOM   899  C CA  . ASN B 1 52 ? -4.060  -7.888  -2.067  1.00 11.80 ? 52  ASN B CA  1 
ATOM   900  C C   . ASN B 1 52 ? -3.559  -6.701  -2.922  1.00 10.96 ? 52  ASN B C   1 
ATOM   901  O O   . ASN B 1 52 ? -2.800  -6.858  -3.854  1.00 13.96 ? 52  ASN B O   1 
ATOM   902  C CB  . ASN B 1 52 ? -3.057  -9.008  -1.929  1.00 14.84 ? 52  ASN B CB  1 
ATOM   903  C CG  . ASN B 1 52 ? -1.745  -8.559  -1.379  1.00 14.43 ? 52  ASN B CG  1 
ATOM   904  O OD1 . ASN B 1 52 ? -1.674  -7.466  -0.739  1.00 15.31 ? 52  ASN B OD1 1 
ATOM   905  N ND2 . ASN B 1 52 ? -0.669  -9.319  -1.751  1.00 17.13 ? 52  ASN B ND2 1 
ATOM   906  N N   . VAL B 1 53 ? -4.215  -5.584  -2.604  1.00 8.64  ? 53  VAL B N   1 
ATOM   907  C CA  . VAL B 1 53 ? -4.085  -4.430  -3.420  1.00 10.10 ? 53  VAL B CA  1 
ATOM   908  C C   . VAL B 1 53 ? -2.594  -3.929  -3.615  1.00 9.04  ? 53  VAL B C   1 
ATOM   909  O O   . VAL B 1 53 ? -1.849  -3.888  -2.647  1.00 11.52 ? 53  VAL B O   1 
ATOM   910  C CB  . VAL B 1 53 ? -5.035  -3.341  -2.989  1.00 10.18 ? 53  VAL B CB  1 
ATOM   911  C CG1 . VAL B 1 53 ? -4.732  -2.728  -1.561  1.00 11.56 ? 53  VAL B CG1 1 
ATOM   912  C CG2 . VAL B 1 53 ? -5.140  -2.202  -4.087  1.00 13.90 ? 53  VAL B CG2 1 
ATOM   913  N N   . SER B 1 54 ? -2.234  -3.580  -4.884  1.00 7.58  ? 54  SER B N   1 
ATOM   914  C CA  . SER B 1 54 ? -0.926  -2.991  -5.073  1.00 9.68  ? 54  SER B CA  1 
ATOM   915  C C   . SER B 1 54 ? -0.795  -1.584  -4.595  1.00 10.06 ? 54  SER B C   1 
ATOM   916  O O   . SER B 1 54 ? -1.839  -0.857  -4.531  1.00 9.50  ? 54  SER B O   1 
ATOM   917  C CB  . SER B 1 54 ? -0.558  -2.962  -6.648  1.00 13.31 ? 54  SER B CB  1 
ATOM   918  O OG  . SER B 1 54 ? -1.429  -2.008  -7.303  1.00 13.33 ? 54  SER B OG  1 
ATOM   919  N N   . LEU B 1 55 ? 0.451   -1.112  -4.384  1.00 9.24  ? 55  LEU B N   1 
ATOM   920  C CA  . LEU B 1 55 ? 0.609   0.286   -3.949  1.00 9.64  ? 55  LEU B CA  1 
ATOM   921  C C   . LEU B 1 55 ? 0.099   1.248   -5.035  1.00 8.92  ? 55  LEU B C   1 
ATOM   922  O O   . LEU B 1 55 ? -0.498  2.268   -4.721  1.00 10.89 ? 55  LEU B O   1 
ATOM   923  C CB  . LEU B 1 55 ? 2.187   0.485   -3.701  1.00 8.54  ? 55  LEU B CB  1 
ATOM   924  C CG  . LEU B 1 55 ? 2.574   1.963   -3.395  1.00 11.36 ? 55  LEU B CG  1 
ATOM   925  C CD1 . LEU B 1 55 ? 1.873   2.539   -2.278  1.00 13.91 ? 55  LEU B CD1 1 
ATOM   926  C CD2 . LEU B 1 55 ? 4.056   1.931   -3.006  1.00 14.28 ? 55  LEU B CD2 1 
ATOM   927  N N   . VAL B 1 56 ? 0.418   0.920   -6.317  1.00 10.18 ? 56  VAL B N   1 
ATOM   928  C CA  . VAL B 1 56 ? -0.032  1.880   -7.362  1.00 8.78  ? 56  VAL B CA  1 
ATOM   929  C C   . VAL B 1 56 ? -1.644  2.019   -7.262  1.00 10.97 ? 56  VAL B C   1 
ATOM   930  O O   . VAL B 1 56 ? -2.192  3.110   -7.331  1.00 11.22 ? 56  VAL B O   1 
ATOM   931  C CB  . VAL B 1 56 ? 0.254   1.295   -8.755  1.00 10.31 ? 56  VAL B CB  1 
ATOM   932  C CG1 . VAL B 1 56 ? -0.607  2.058   -9.808  1.00 14.06 ? 56  VAL B CG1 1 
ATOM   933  C CG2 . VAL B 1 56 ? 1.779   1.606   -9.014  1.00 12.17 ? 56  VAL B CG2 1 
ATOM   934  N N   . ASN B 1 57 ? -2.281  0.883   -6.942  1.00 9.38  ? 57  ASN B N   1 
ATOM   935  C CA  . ASN B 1 57 ? -3.737  1.022   -6.813  1.00 9.97  ? 57  ASN B CA  1 
ATOM   936  C C   . ASN B 1 57 ? -4.212  1.630   -5.511  1.00 9.47  ? 57  ASN B C   1 
ATOM   937  O O   . ASN B 1 57 ? -5.290  2.236   -5.543  1.00 9.56  ? 57  ASN B O   1 
ATOM   938  C CB  . ASN B 1 57 ? -4.380  -0.371  -7.009  1.00 7.24  ? 57  ASN B CB  1 
ATOM   939  C CG  . ASN B 1 57 ? -4.267  -0.815  -8.504  1.00 11.44 ? 57  ASN B CG  1 
ATOM   940  O OD1 . ASN B 1 57 ? -4.074  0.046   -9.442  1.00 15.48 ? 57  ASN B OD1 1 
ATOM   941  N ND2 . ASN B 1 57 ? -4.478  -2.147  -8.724  1.00 16.87 ? 57  ASN B ND2 1 
ATOM   942  N N   . ILE B 1 58 ? -3.510  1.469   -4.414  1.00 8.02  ? 58  ILE B N   1 
ATOM   943  C CA  . ILE B 1 58 ? -3.806  2.270   -3.238  1.00 11.13 ? 58  ILE B CA  1 
ATOM   944  C C   . ILE B 1 58 ? -3.719  3.718   -3.606  1.00 8.64  ? 58  ILE B C   1 
ATOM   945  O O   . ILE B 1 58 ? -4.545  4.494   -3.148  1.00 9.60  ? 58  ILE B O   1 
ATOM   946  C CB  . ILE B 1 58 ? -2.704  1.933   -2.274  1.00 10.81 ? 58  ILE B CB  1 
ATOM   947  C CG1 . ILE B 1 58 ? -3.025  0.460   -1.699  1.00 8.87  ? 58  ILE B CG1 1 
ATOM   948  C CG2 . ILE B 1 58 ? -2.785  2.995   -1.131  1.00 13.36 ? 58  ILE B CG2 1 
ATOM   949  C CD1 . ILE B 1 58 ? -1.944  -0.020  -0.647  1.00 10.40 ? 58  ILE B CD1 1 
ATOM   950  N N   . LEU B 1 59 ? -2.709  4.130   -4.442  1.00 8.90  ? 59  LEU B N   1 
ATOM   951  C CA  . LEU B 1 59 ? -2.578  5.577   -4.716  1.00 11.03 ? 59  LEU B CA  1 
ATOM   952  C C   . LEU B 1 59 ? -3.658  6.075   -5.667  1.00 9.67  ? 59  LEU B C   1 
ATOM   953  O O   . LEU B 1 59 ? -4.146  7.169   -5.459  1.00 11.31 ? 59  LEU B O   1 
ATOM   954  C CB  . LEU B 1 59 ? -1.219  5.850   -5.440  1.00 8.83  ? 59  LEU B CB  1 
ATOM   955  C CG  . LEU B 1 59 ? -0.034  5.419   -4.472  1.00 10.48 ? 59  LEU B CG  1 
ATOM   956  C CD1 . LEU B 1 59 ? 1.384   5.593   -5.153  1.00 13.82 ? 59  LEU B CD1 1 
ATOM   957  C CD2 . LEU B 1 59 ? 0.103   6.257   -3.171  1.00 13.95 ? 59  LEU B CD2 1 
ATOM   958  N N   . LYS B 1 60 ? -4.108  5.193   -6.574  1.00 9.13  ? 60  LYS B N   1 
ATOM   959  C CA  . LYS B 1 60 ? -5.257  5.494   -7.443  1.00 8.69  ? 60  LYS B CA  1 
ATOM   960  C C   . LYS B 1 60 ? -6.519  5.673   -6.588  1.00 10.77 ? 60  LYS B C   1 
ATOM   961  O O   . LYS B 1 60 ? -7.276  6.580   -6.851  1.00 11.97 ? 60  LYS B O   1 
ATOM   962  C CB  . LYS B 1 60 ? -5.502  4.419   -8.484  1.00 10.70 ? 60  LYS B CB  1 
ATOM   963  C CG  . LYS B 1 60 ? -4.324  4.531   -9.523  1.00 11.68 ? 60  LYS B CG  1 
ATOM   964  C CD  . LYS B 1 60 ? -4.460  3.280   -10.437 1.00 16.92 ? 60  LYS B CD  1 
ATOM   965  C CE  . LYS B 1 60 ? -4.814  3.593   -11.913 1.00 34.34 ? 60  LYS B CE  1 
ATOM   966  N NZ  . LYS B 1 60 ? -4.295  2.362   -12.714 1.00 39.61 ? 60  LYS B NZ  1 
ATOM   967  N N   . LEU B 1 61 ? -6.641  4.833   -5.570  1.00 8.28  ? 61  LEU B N   1 
ATOM   968  C CA  . LEU B 1 61 ? -7.881  4.912   -4.793  1.00 7.37  ? 61  LEU B CA  1 
ATOM   969  C C   . LEU B 1 61 ? -7.797  6.176   -3.909  1.00 9.25  ? 61  LEU B C   1 
ATOM   970  O O   . LEU B 1 61 ? -8.864  6.815   -3.756  1.00 11.20 ? 61  LEU B O   1 
ATOM   971  C CB  . LEU B 1 61 ? -8.018  3.694   -3.815  1.00 8.20  ? 61  LEU B CB  1 
ATOM   972  C CG  . LEU B 1 61 ? -8.381  2.414   -4.599  1.00 10.73 ? 61  LEU B CG  1 
ATOM   973  C CD1 . LEU B 1 61 ? -8.142  1.165   -3.667  1.00 14.61 ? 61  LEU B CD1 1 
ATOM   974  C CD2 . LEU B 1 61 ? -9.923  2.409   -4.903  1.00 10.06 ? 61  LEU B CD2 1 
ATOM   975  N N   . ALA B 1 62 ? -6.577  6.479   -3.373  1.00 10.35 ? 62  ALA B N   1 
ATOM   976  C CA  . ALA B 1 62 ? -6.532  7.686   -2.539  1.00 13.09 ? 62  ALA B CA  1 
ATOM   977  C C   . ALA B 1 62 ? -6.740  8.985   -3.328  1.00 13.81 ? 62  ALA B C   1 
ATOM   978  O O   . ALA B 1 62 ? -7.495  9.842   -2.878  1.00 12.09 ? 62  ALA B O   1 
ATOM   979  C CB  . ALA B 1 62 ? -5.167  7.752   -1.822  1.00 12.84 ? 62  ALA B CB  1 
ATOM   980  N N   . THR B 1 63 ? -6.238  8.973   -4.584  1.00 11.50 ? 63  THR B N   1 
ATOM   981  C CA  . THR B 1 63 ? -6.488  10.130  -5.439  1.00 10.94 ? 63  THR B CA  1 
ATOM   982  C C   . THR B 1 63 ? -8.007  10.222  -5.746  1.00 12.08 ? 63  THR B C   1 
ATOM   983  O O   . THR B 1 63 ? -8.545  11.374  -5.747  1.00 12.63 ? 63  THR B O   1 
ATOM   984  C CB  . THR B 1 63 ? -5.780  9.875   -6.716  1.00 13.57 ? 63  THR B CB  1 
ATOM   985  O OG1 . THR B 1 63 ? -4.399  10.107  -6.439  1.00 15.62 ? 63  THR B OG1 1 
ATOM   986  C CG2 . THR B 1 63 ? -6.083  11.030  -7.643  1.00 19.17 ? 63  THR B CG2 1 
ATOM   987  N N   . ALA B 1 64 ? -8.678  9.111   -5.947  1.00 11.01 ? 64  ALA B N   1 
ATOM   988  C CA  . ALA B 1 64 ? -10.108 9.186   -6.257  1.00 12.67 ? 64  ALA B CA  1 
ATOM   989  C C   . ALA B 1 64 ? -10.867 9.717   -5.046  1.00 11.87 ? 64  ALA B C   1 
ATOM   990  O O   . ALA B 1 64 ? -11.986 10.384  -5.265  1.00 14.44 ? 64  ALA B O   1 
ATOM   991  C CB  . ALA B 1 64 ? -10.651 7.779   -6.617  1.00 11.63 ? 64  ALA B CB  1 
ATOM   992  N N   . LEU B 1 65 ? -10.435 9.389   -3.853  1.00 11.18 ? 65  LEU B N   1 
ATOM   993  C CA  . LEU B 1 65 ? -11.176 9.806   -2.630  1.00 10.95 ? 65  LEU B CA  1 
ATOM   994  C C   . LEU B 1 65 ? -10.760 11.234  -2.206  1.00 14.08 ? 65  LEU B C   1 
ATOM   995  O O   . LEU B 1 65 ? -11.265 11.669  -1.182  1.00 15.43 ? 65  LEU B O   1 
ATOM   996  C CB  . LEU B 1 65 ? -10.812 8.810   -1.433  1.00 11.27 ? 65  LEU B CB  1 
ATOM   997  C CG  . LEU B 1 65 ? -11.460 7.374   -1.746  1.00 15.15 ? 65  LEU B CG  1 
ATOM   998  C CD1 . LEU B 1 65 ? -10.843 6.425   -0.718  1.00 15.64 ? 65  LEU B CD1 1 
ATOM   999  C CD2 . LEU B 1 65 ? -12.946 7.525   -1.551  1.00 17.69 ? 65  LEU B CD2 1 
ATOM   1000 N N   . ASP B 1 66 ? -9.788  11.784  -2.963  1.00 11.77 ? 66  ASP B N   1 
ATOM   1001 C CA  . ASP B 1 66 ? -9.172  13.071  -2.566  1.00 14.97 ? 66  ASP B CA  1 
ATOM   1002 C C   . ASP B 1 66 ? -8.638  13.083  -1.194  1.00 15.45 ? 66  ASP B C   1 
ATOM   1003 O O   . ASP B 1 66 ? -8.896  14.045  -0.393  1.00 17.92 ? 66  ASP B O   1 
ATOM   1004 C CB  . ASP B 1 66 ? -10.251 14.251  -2.679  1.00 16.81 ? 66  ASP B CB  1 
ATOM   1005 C CG  . ASP B 1 66 ? -9.593  15.586  -2.770  1.00 28.25 ? 66  ASP B CG  1 
ATOM   1006 O OD1 . ASP B 1 66 ? -8.376  15.594  -3.183  1.00 33.16 ? 66  ASP B OD1 1 
ATOM   1007 O OD2 . ASP B 1 66 ? -10.274 16.648  -2.541  1.00 30.28 ? 66  ASP B OD2 1 
ATOM   1008 N N   . ILE B 1 67 ? -7.786  12.118  -0.825  1.00 10.42 ? 67  ILE B N   1 
ATOM   1009 C CA  . ILE B 1 67 ? -7.249  11.968  0.501   1.00 11.47 ? 67  ILE B CA  1 
ATOM   1010 C C   . ILE B 1 67 ? -5.742  11.533  0.268   1.00 11.67 ? 67  ILE B C   1 
ATOM   1011 O O   . ILE B 1 67 ? -5.392  10.911  -0.771  1.00 13.08 ? 67  ILE B O   1 
ATOM   1012 C CB  . ILE B 1 67 ? -8.034  11.055  1.375   1.00 13.07 ? 67  ILE B CB  1 
ATOM   1013 C CG1 . ILE B 1 67 ? -7.551  11.040  2.847   1.00 18.64 ? 67  ILE B CG1 1 
ATOM   1014 C CG2 . ILE B 1 67 ? -7.873  9.591   0.874   1.00 13.12 ? 67  ILE B CG2 1 
ATOM   1015 C CD1 . ILE B 1 67 ? -8.730  10.449  3.711   1.00 20.26 ? 67  ILE B CD1 1 
ATOM   1016 N N   . GLU B 1 68 ? -4.921  11.918  1.286   1.00 12.56 ? 68  GLU B N   1 
ATOM   1017 C CA  . GLU B 1 68 ? -3.529  11.354  1.256   1.00 13.23 ? 68  GLU B CA  1 
ATOM   1018 C C   . GLU B 1 68 ? -3.615  9.885   1.550   1.00 15.10 ? 68  GLU B C   1 
ATOM   1019 O O   . GLU B 1 68 ? -4.391  9.424   2.391   1.00 12.49 ? 68  GLU B O   1 
ATOM   1020 C CB  . GLU B 1 68 ? -2.692  12.065  2.373   1.00 15.35 ? 68  GLU B CB  1 
ATOM   1021 C CG  . GLU B 1 68 ? -2.689  13.526  1.948   1.00 25.10 ? 68  GLU B CG  1 
ATOM   1022 C CD  . GLU B 1 68 ? -2.643  14.609  3.074   1.00 37.79 ? 68  GLU B CD  1 
ATOM   1023 O OE1 . GLU B 1 68 ? -1.451  14.939  3.280   1.00 38.36 ? 68  GLU B OE1 1 
ATOM   1024 O OE2 . GLU B 1 68 ? -3.720  15.239  3.579   1.00 32.95 ? 68  GLU B OE2 1 
ATOM   1025 N N   . PRO B 1 69 ? -2.761  9.055   0.874   1.00 13.18 ? 69  PRO B N   1 
ATOM   1026 C CA  . PRO B 1 69 ? -2.826  7.602   1.088   1.00 13.02 ? 69  PRO B CA  1 
ATOM   1027 C C   . PRO B 1 69 ? -2.553  7.184   2.491   1.00 12.75 ? 69  PRO B C   1 
ATOM   1028 O O   . PRO B 1 69 ? -3.015  6.116   2.940   1.00 12.83 ? 69  PRO B O   1 
ATOM   1029 C CB  . PRO B 1 69 ? -1.772  7.065   0.081   1.00 12.35 ? 69  PRO B CB  1 
ATOM   1030 C CG  . PRO B 1 69 ? -0.979  8.193   -0.224  1.00 14.95 ? 69  PRO B CG  1 
ATOM   1031 C CD  . PRO B 1 69 ? -1.816  9.502   -0.176  1.00 11.79 ? 69  PRO B CD  1 
ATOM   1032 N N   . ARG B 1 70 ? -1.738  7.952   3.310   1.00 10.06 ? 70  ARG B N   1 
ATOM   1033 C CA  . ARG B 1 70 ? -1.601  7.549   4.655   1.00 12.65 ? 70  ARG B CA  1 
ATOM   1034 C C   . ARG B 1 70 ? -2.939  7.330   5.464   1.00 11.39 ? 70  ARG B C   1 
ATOM   1035 O O   . ARG B 1 70 ? -3.056  6.604   6.486   1.00 13.57 ? 70  ARG B O   1 
ATOM   1036 C CB  . ARG B 1 70 ? -0.729  8.627   5.418   1.00 12.22 ? 70  ARG B CB  1 
ATOM   1037 C CG  . ARG B 1 70 ? -1.319  10.047  5.347   1.00 13.06 ? 70  ARG B CG  1 
ATOM   1038 C CD  . ARG B 1 70 ? -0.329  10.953  6.087   1.00 14.64 ? 70  ARG B CD  1 
ATOM   1039 N NE  . ARG B 1 70 ? -0.867  12.352  5.973   1.00 17.60 ? 70  ARG B NE  1 
ATOM   1040 C CZ  . ARG B 1 70 ? -1.808  12.787  6.850   1.00 15.34 ? 70  ARG B CZ  1 
ATOM   1041 N NH1 . ARG B 1 70 ? -2.277  12.046  7.807   1.00 15.45 ? 70  ARG B NH1 1 
ATOM   1042 N NH2 . ARG B 1 70 ? -2.213  14.087  6.646   1.00 17.10 ? 70  ARG B NH2 1 
ATOM   1043 N N   . GLU B 1 71 ? -3.939  8.099   4.996   1.00 13.28 ? 71  GLU B N   1 
ATOM   1044 C CA  . GLU B 1 71 ? -5.237  8.066   5.712   1.00 13.41 ? 71  GLU B CA  1 
ATOM   1045 C C   . GLU B 1 71 ? -5.989  6.727   5.506   1.00 12.43 ? 71  GLU B C   1 
ATOM   1046 O O   . GLU B 1 71 ? -6.892  6.385   6.245   1.00 14.61 ? 71  GLU B O   1 
ATOM   1047 C CB  . GLU B 1 71 ? -6.239  9.082   5.301   1.00 14.18 ? 71  GLU B CB  1 
ATOM   1048 C CG  . GLU B 1 71 ? -5.718  10.350  5.834   1.00 19.20 ? 71  GLU B CG  1 
ATOM   1049 C CD  . GLU B 1 71 ? -6.422  10.749  7.160   1.00 17.48 ? 71  GLU B CD  1 
ATOM   1050 O OE1 . GLU B 1 71 ? -7.097  9.970   7.708   1.00 25.54 ? 71  GLU B OE1 1 
ATOM   1051 O OE2 . GLU B 1 71 ? -6.234  11.877  7.429   1.00 20.74 ? 71  GLU B OE2 1 
ATOM   1052 N N   . LEU B 1 72 ? -5.507  5.927   4.523   1.00 11.16 ? 72  LEU B N   1 
ATOM   1053 C CA  . LEU B 1 72 ? -6.066  4.568   4.485   1.00 10.59 ? 72  LEU B CA  1 
ATOM   1054 C C   . LEU B 1 72 ? -5.438  3.601   5.424   1.00 14.51 ? 72  LEU B C   1 
ATOM   1055 O O   . LEU B 1 72 ? -5.967  2.437   5.577   1.00 19.14 ? 72  LEU B O   1 
ATOM   1056 C CB  . LEU B 1 72 ? -5.847  4.010   3.007   1.00 9.39  ? 72  LEU B CB  1 
ATOM   1057 C CG  . LEU B 1 72 ? -6.789  4.595   1.921   1.00 15.44 ? 72  LEU B CG  1 
ATOM   1058 C CD1 . LEU B 1 72 ? -6.226  4.172   0.508   1.00 19.21 ? 72  LEU B CD1 1 
ATOM   1059 C CD2 . LEU B 1 72 ? -8.213  3.877   2.136   1.00 21.24 ? 72  LEU B CD2 1 
ATOM   1060 N N   . PHE B 1 73 ? -4.418  4.031   6.168   1.00 14.14 ? 73  PHE B N   1 
ATOM   1061 C CA  . PHE B 1 73 ? -3.741  3.282   7.154   1.00 16.52 ? 73  PHE B CA  1 
ATOM   1062 C C   . PHE B 1 73 ? -3.973  3.852   8.570   1.00 21.25 ? 73  PHE B C   1 
ATOM   1063 O O   . PHE B 1 73 ? -3.419  3.125   9.438   1.00 26.85 ? 73  PHE B O   1 
ATOM   1064 C CB  . PHE B 1 73 ? -2.189  3.224   6.832   1.00 16.93 ? 73  PHE B CB  1 
ATOM   1065 C CG  . PHE B 1 73 ? -1.861  2.547   5.528   1.00 17.61 ? 73  PHE B CG  1 
ATOM   1066 C CD1 . PHE B 1 73 ? -1.559  1.173   5.539   1.00 16.21 ? 73  PHE B CD1 1 
ATOM   1067 C CD2 . PHE B 1 73 ? -1.880  3.200   4.334   1.00 16.74 ? 73  PHE B CD2 1 
ATOM   1068 C CE1 . PHE B 1 73 ? -1.179  0.527   4.432   1.00 16.82 ? 73  PHE B CE1 1 
ATOM   1069 C CE2 . PHE B 1 73 ? -1.580  2.566   3.111   1.00 12.52 ? 73  PHE B CE2 1 
ATOM   1070 C CZ  . PHE B 1 73 ? -1.249  1.212   3.095   1.00 14.21 ? 73  PHE B CZ  1 
HETATM 1071 O O   . HOH C 2 .  ? 8.522   1.298   -4.197  1.00 14.05 ? 75  HOH A O   1 
HETATM 1072 O O   . HOH C 2 .  ? 0.218   9.932   2.413   1.00 16.56 ? 76  HOH A O   1 
HETATM 1073 O O   . HOH C 2 .  ? 21.586  -5.835  9.267   1.00 25.06 ? 77  HOH A O   1 
HETATM 1074 O O   . HOH C 2 .  ? -0.560  2.697   10.212  1.00 23.29 ? 78  HOH A O   1 
HETATM 1075 O O   . HOH C 2 .  ? 9.849   -12.795 -1.372  1.00 23.69 ? 79  HOH A O   1 
HETATM 1076 O O   . HOH C 2 .  ? 13.546  4.672   -5.154  1.00 20.28 ? 80  HOH A O   1 
HETATM 1077 O O   . HOH C 2 .  ? 21.907  -6.899  2.373   1.00 26.31 ? 81  HOH A O   1 
HETATM 1078 O O   . HOH C 2 .  ? 6.575   -0.476  -4.765  1.00 20.48 ? 82  HOH A O   1 
HETATM 1079 O O   . HOH C 2 .  ? 17.320  -12.886 0.097   1.00 26.12 ? 83  HOH A O   1 
HETATM 1080 O O   . HOH C 2 .  ? 12.232  -15.190 6.317   1.00 29.17 ? 84  HOH A O   1 
HETATM 1081 O O   . HOH C 2 .  ? 18.695  -13.165 -5.152  1.00 29.80 ? 85  HOH A O   1 
HETATM 1082 O O   . HOH C 2 .  ? 18.027  1.410   -1.849  1.00 32.46 ? 86  HOH A O   1 
HETATM 1083 O O   . HOH C 2 .  ? 6.423   -10.722 -5.524  1.00 25.56 ? 87  HOH A O   1 
HETATM 1084 O O   . HOH C 2 .  ? 21.794  -3.476  2.490   1.00 25.92 ? 88  HOH A O   1 
HETATM 1085 O O   . HOH C 2 .  ? 16.741  -12.138 -3.373  1.00 29.70 ? 89  HOH A O   1 
HETATM 1086 O O   . HOH C 2 .  ? 7.295   -9.133  9.135   1.00 27.95 ? 90  HOH A O   1 
HETATM 1087 O O   . HOH C 2 .  ? 3.078   -8.566  -4.095  1.00 25.51 ? 91  HOH A O   1 
HETATM 1088 O O   . HOH C 2 .  ? 6.213   -5.333  -9.491  1.00 28.87 ? 92  HOH A O   1 
HETATM 1089 O O   . HOH C 2 .  ? 12.893  -14.918 3.814   1.00 37.52 ? 93  HOH A O   1 
HETATM 1090 O O   . HOH C 2 .  ? 6.469   9.414   9.823   1.00 28.02 ? 94  HOH A O   1 
HETATM 1091 O O   . HOH C 2 .  ? 0.897   4.706   -14.836 1.00 38.02 ? 95  HOH A O   1 
HETATM 1092 O O   . HOH C 2 .  ? 2.293   -3.826  9.756   1.00 28.96 ? 96  HOH A O   1 
HETATM 1093 O O   . HOH C 2 .  ? 2.571   -3.270  -11.887 1.00 36.54 ? 97  HOH A O   1 
HETATM 1094 O O   . HOH C 2 .  ? 16.560  3.524   -2.668  1.00 33.96 ? 98  HOH A O   1 
HETATM 1095 O O   . HOH C 2 .  ? 4.723   -6.661  -5.506  1.00 29.24 ? 99  HOH A O   1 
HETATM 1096 O O   . HOH C 2 .  ? 14.990  -14.098 3.323   1.00 43.06 ? 100 HOH A O   1 
HETATM 1097 O O   . HOH C 2 .  ? 15.790  -1.885  -9.858  1.00 46.25 ? 101 HOH A O   1 
HETATM 1098 O O   . HOH C 2 .  ? -4.125  10.988  -16.478 1.00 15.28 ? 102 HOH A O   1 
HETATM 1099 O O   . HOH C 2 .  ? 11.510  -7.022  13.924  1.00 41.79 ? 103 HOH A O   1 
HETATM 1100 O O   . HOH C 2 .  ? 16.559  7.145   0.698   1.00 33.19 ? 104 HOH A O   1 
HETATM 1101 O O   . HOH C 2 .  ? 23.530  -7.898  6.790   1.00 42.62 ? 105 HOH A O   1 
HETATM 1102 O O   . HOH C 2 .  ? 3.356   -0.340  15.962  1.00 50.50 ? 106 HOH A O   1 
HETATM 1103 O O   . HOH C 2 .  ? 4.311   -11.958 0.431   1.00 32.17 ? 107 HOH A O   1 
HETATM 1104 O O   . HOH C 2 .  ? 8.517   3.651   -10.833 1.00 33.27 ? 108 HOH A O   1 
HETATM 1105 O O   . HOH C 2 .  ? 15.529  5.350   -7.243  1.00 42.71 ? 109 HOH A O   1 
HETATM 1106 O O   . HOH C 2 .  ? 3.060   -2.857  12.096  1.00 33.90 ? 110 HOH A O   1 
HETATM 1107 O O   . HOH C 2 .  ? 17.382  -12.205 3.363   1.00 34.71 ? 111 HOH A O   1 
HETATM 1108 O O   . HOH C 2 .  ? 20.466  -9.772  -3.278  1.00 44.74 ? 112 HOH A O   1 
HETATM 1109 O O   . HOH C 2 .  ? -4.250  12.003  -11.339 1.00 45.35 ? 113 HOH A O   1 
HETATM 1110 O O   . HOH C 2 .  ? 19.395  7.279   9.445   1.00 39.10 ? 114 HOH A O   1 
HETATM 1111 O O   . HOH C 2 .  ? 2.029   9.360   8.212   1.00 37.86 ? 115 HOH A O   1 
HETATM 1112 O O   . HOH C 2 .  ? -5.195  8.696   -10.277 1.00 34.81 ? 116 HOH A O   1 
HETATM 1113 O O   . HOH C 2 .  ? 3.005   11.267  -1.302  1.00 41.21 ? 117 HOH A O   1 
HETATM 1114 O O   . HOH C 2 .  ? 0.887   11.981  0.776   1.00 33.64 ? 118 HOH A O   1 
HETATM 1115 O O   . HOH C 2 .  ? 21.097  -5.614  11.877  1.00 42.81 ? 119 HOH A O   1 
HETATM 1116 O O   . HOH C 2 .  ? 6.059   -7.333  -7.645  1.00 41.88 ? 120 HOH A O   1 
HETATM 1117 O O   . HOH C 2 .  ? 10.267  3.959   15.194  1.00 42.79 ? 121 HOH A O   1 
HETATM 1118 O O   . HOH C 2 .  ? 6.227   7.655   0.754   1.00 43.86 ? 122 HOH A O   1 
HETATM 1119 O O   . HOH C 2 .  ? 21.863  -0.832  -0.740  1.00 50.60 ? 123 HOH A O   1 
HETATM 1120 O O   . HOH C 2 .  ? 3.079   8.271   -1.038  1.00 41.41 ? 124 HOH A O   1 
HETATM 1121 O O   . HOH C 2 .  ? 5.211   -11.775 -2.323  1.00 31.83 ? 125 HOH A O   1 
HETATM 1122 O O   . HOH C 2 .  ? 14.220  5.514   13.786  1.00 46.06 ? 126 HOH A O   1 
HETATM 1123 O O   . HOH C 2 .  ? 14.789  11.957  -3.947  1.00 42.84 ? 127 HOH A O   1 
HETATM 1124 O O   . HOH C 2 .  ? 13.210  -3.076  13.508  1.00 44.92 ? 128 HOH A O   1 
HETATM 1125 O O   . HOH C 2 .  ? 21.565  0.184   7.234   1.00 35.10 ? 129 HOH A O   1 
HETATM 1126 O O   . HOH C 2 .  ? 13.596  -5.088  -9.450  1.00 39.48 ? 130 HOH A O   1 
HETATM 1127 O O   . HOH C 2 .  ? 6.993   -5.105  15.022  1.00 40.62 ? 131 HOH A O   1 
HETATM 1128 O O   . HOH C 2 .  ? 20.024  -5.457  14.567  1.00 42.87 ? 132 HOH A O   1 
HETATM 1129 O O   . HOH C 2 .  ? 5.551   -8.035  16.037  1.00 47.71 ? 133 HOH A O   1 
HETATM 1130 O O   . HOH C 2 .  ? -0.954  4.862   -12.945 1.00 50.82 ? 134 HOH A O   1 
HETATM 1131 O O   . HOH C 2 .  ? 18.025  -7.265  14.089  1.00 40.50 ? 135 HOH A O   1 
HETATM 1132 O O   . HOH C 2 .  ? 9.877   5.206   13.406  1.00 38.16 ? 136 HOH A O   1 
HETATM 1133 O O   . HOH C 2 .  ? 6.941   10.174  4.595   1.00 14.11 ? 137 HOH A O   1 
HETATM 1134 O O   . HOH C 2 .  ? 19.797  6.070   -2.108  1.00 53.45 ? 138 HOH A O   1 
HETATM 1135 O O   . HOH C 2 .  ? 9.265   -1.158  -12.777 1.00 46.12 ? 139 HOH A O   1 
HETATM 1136 O O   . HOH C 2 .  ? 23.894  -1.833  7.373   1.00 51.34 ? 140 HOH A O   1 
HETATM 1137 O O   . HOH C 2 .  ? -1.504  10.402  -15.914 1.00 29.48 ? 141 HOH A O   1 
HETATM 1138 O O   . HOH C 2 .  ? 4.428   10.571  5.040   1.00 51.00 ? 142 HOH A O   1 
HETATM 1139 O O   . HOH C 2 .  ? 1.689   2.323   -15.464 1.00 53.00 ? 143 HOH A O   1 
HETATM 1140 O O   . HOH C 2 .  ? 19.170  -5.245  -3.906  1.00 55.00 ? 144 HOH A O   1 
HETATM 1141 O O   . HOH D 2 .  ? -8.081  -4.877  1.618   1.00 13.38 ? 75  HOH B O   1 
HETATM 1142 O O   . HOH D 2 .  ? -7.445  4.489   9.875   1.00 28.00 ? 76  HOH B O   1 
HETATM 1143 O O   . HOH D 2 .  ? -17.793 -3.268  0.896   1.00 20.32 ? 77  HOH B O   1 
HETATM 1144 O O   . HOH D 2 .  ? -2.569  9.168   -4.014  1.00 20.70 ? 78  HOH B O   1 
HETATM 1145 O O   . HOH D 2 .  ? -14.523 10.432  2.986   1.00 21.22 ? 79  HOH B O   1 
HETATM 1146 O O   . HOH D 2 .  ? -6.287  -5.456  -0.348  1.00 15.16 ? 80  HOH B O   1 
HETATM 1147 O O   . HOH D 2 .  ? -21.761 7.203   -6.880  1.00 19.07 ? 81  HOH B O   1 
HETATM 1148 O O   . HOH D 2 .  ? -21.865 0.540   -3.816  1.00 25.37 ? 82  HOH B O   1 
HETATM 1149 O O   . HOH D 2 .  ? -5.259  13.511  3.526   1.00 22.19 ? 83  HOH B O   1 
HETATM 1150 O O   . HOH D 2 .  ? -7.445  7.979   -9.268  1.00 19.06 ? 84  HOH B O   1 
HETATM 1151 O O   . HOH D 2 .  ? -11.543 13.450  1.202   1.00 24.61 ? 85  HOH B O   1 
HETATM 1152 O O   . HOH D 2 .  ? -11.956 4.415   -15.232 1.00 25.76 ? 86  HOH B O   1 
HETATM 1153 O O   . HOH D 2 .  ? -16.479 -8.041  -5.965  1.00 24.29 ? 87  HOH B O   1 
HETATM 1154 O O   . HOH D 2 .  ? -5.700  8.682   9.502   1.00 27.36 ? 88  HOH B O   1 
HETATM 1155 O O   . HOH D 2 .  ? -3.660  11.387  -2.902  1.00 23.17 ? 89  HOH B O   1 
HETATM 1156 O O   . HOH D 2 .  ? -4.204  -9.483  6.590   1.00 29.67 ? 90  HOH B O   1 
HETATM 1157 O O   . HOH D 2 .  ? -21.791 0.042   -7.179  1.00 21.47 ? 91  HOH B O   1 
HETATM 1158 O O   . HOH D 2 .  ? -19.582 0.764   5.541   1.00 37.70 ? 92  HOH B O   1 
HETATM 1159 O O   . HOH D 2 .  ? -11.025 -8.799  -9.238  1.00 22.89 ? 93  HOH B O   1 
HETATM 1160 O O   . HOH D 2 .  ? -13.923 -12.432 -5.844  1.00 29.48 ? 94  HOH B O   1 
HETATM 1161 O O   . HOH D 2 .  ? -0.174  -11.232 -3.864  1.00 25.61 ? 95  HOH B O   1 
HETATM 1162 O O   . HOH D 2 .  ? 0.366   15.221  5.318   1.00 24.01 ? 96  HOH B O   1 
HETATM 1163 O O   . HOH D 2 .  ? -1.105  -1.810  -10.060 1.00 32.18 ? 97  HOH B O   1 
HETATM 1164 O O   . HOH D 2 .  ? -11.694 -12.804 5.390   1.00 40.24 ? 98  HOH B O   1 
HETATM 1165 O O   . HOH D 2 .  ? -12.105 1.922   9.807   1.00 34.03 ? 99  HOH B O   1 
HETATM 1166 O O   . HOH D 2 .  ? -17.007 1.368   -12.846 1.00 24.20 ? 100 HOH B O   1 
HETATM 1167 O O   . HOH D 2 .  ? -16.334 -3.864  3.606   1.00 30.39 ? 101 HOH B O   1 
HETATM 1168 O O   . HOH D 2 .  ? -3.845  -4.181  -7.236  1.00 19.94 ? 102 HOH B O   1 
HETATM 1169 O O   . HOH D 2 .  ? -13.283 -5.821  5.091   1.00 24.40 ? 103 HOH B O   1 
HETATM 1170 O O   . HOH D 2 .  ? -18.796 1.101   -15.045 1.00 37.03 ? 104 HOH B O   1 
HETATM 1171 O O   . HOH D 2 .  ? -3.104  7.666   9.055   1.00 34.96 ? 105 HOH B O   1 
HETATM 1172 O O   . HOH D 2 .  ? -7.446  14.148  -5.610  1.00 33.30 ? 106 HOH B O   1 
HETATM 1173 O O   . HOH D 2 .  ? -18.384 -5.383  -0.914  1.00 28.29 ? 107 HOH B O   1 
HETATM 1174 O O   . HOH D 2 .  ? -19.889 12.541  5.123   1.00 29.88 ? 108 HOH B O   1 
HETATM 1175 O O   . HOH D 2 .  ? -1.584  12.876  -1.802  1.00 33.67 ? 109 HOH B O   1 
HETATM 1176 O O   . HOH D 2 .  ? -6.651  0.753   7.925   1.00 40.44 ? 110 HOH B O   1 
HETATM 1177 O O   . HOH D 2 .  ? -7.969  1.928   3.485   1.00 27.23 ? 111 HOH B O   1 
HETATM 1178 O O   . HOH D 2 .  ? -3.940  -1.163  8.222   1.00 30.72 ? 112 HOH B O   1 
HETATM 1179 O O   . HOH D 2 .  ? -15.302 -1.587  -14.400 1.00 42.09 ? 113 HOH B O   1 
HETATM 1180 O O   . HOH D 2 .  ? -10.841 -0.368  9.548   1.00 32.96 ? 114 HOH B O   1 
HETATM 1181 O O   . HOH D 2 .  ? -21.352 1.286   2.274   1.00 42.31 ? 115 HOH B O   1 
HETATM 1182 O O   . HOH D 2 .  ? -24.318 6.015   -6.665  1.00 38.80 ? 116 HOH B O   1 
HETATM 1183 O O   . HOH D 2 .  ? -5.677  -4.439  -10.841 1.00 46.40 ? 117 HOH B O   1 
HETATM 1184 O O   . HOH D 2 .  ? -22.881 6.184   0.769   1.00 35.06 ? 118 HOH B O   1 
HETATM 1185 O O   . HOH D 2 .  ? -12.233 12.446  -7.010  1.00 42.33 ? 119 HOH B O   1 
HETATM 1186 O O   . HOH D 2 .  ? -14.273 1.108   -13.936 1.00 39.92 ? 120 HOH B O   1 
HETATM 1187 O O   . HOH D 2 .  ? -3.955  12.822  -4.919  1.00 27.95 ? 121 HOH B O   1 
HETATM 1188 O O   . HOH D 2 .  ? -10.125 -16.666 -1.522  1.00 39.06 ? 122 HOH B O   1 
HETATM 1189 O O   . HOH D 2 .  ? -23.509 4.137   -9.072  1.00 36.26 ? 123 HOH B O   1 
HETATM 1190 O O   . HOH D 2 .  ? -10.294 11.821  -9.456  1.00 44.49 ? 124 HOH B O   1 
HETATM 1191 O O   . HOH D 2 .  ? -6.372  -1.066  -13.560 1.00 42.57 ? 125 HOH B O   1 
HETATM 1192 O O   . HOH D 2 .  ? -8.969  -3.459  -12.001 1.00 50.64 ? 126 HOH B O   1 
HETATM 1193 O O   . HOH D 2 .  ? -17.173 14.517  -3.465  1.00 49.62 ? 127 HOH B O   1 
HETATM 1194 O O   . HOH D 2 .  ? -4.350  -7.032  -6.799  1.00 38.06 ? 128 HOH B O   1 
HETATM 1195 O O   . HOH D 2 .  ? -6.243  -11.946 -0.877  1.00 53.92 ? 129 HOH B O   1 
HETATM 1196 O O   . HOH D 2 .  ? -21.832 9.738   -6.573  1.00 42.92 ? 130 HOH B O   1 
HETATM 1197 O O   . HOH D 2 .  ? -4.009  -0.369  -11.954 1.00 42.64 ? 131 HOH B O   1 
HETATM 1198 O O   . HOH D 2 .  ? -15.595 -7.006  6.383   1.00 38.39 ? 132 HOH B O   1 
HETATM 1199 O O   . HOH D 2 .  ? -7.706  7.293   -12.805 1.00 44.43 ? 133 HOH B O   1 
HETATM 1200 O O   . HOH D 2 .  ? -7.642  -13.898 -0.632  1.00 39.09 ? 134 HOH B O   1 
HETATM 1201 O O   . HOH D 2 .  ? -3.698  -12.585 0.765   1.00 43.20 ? 135 HOH B O   1 
HETATM 1202 O O   . HOH D 2 .  ? -0.588  -15.705 7.394   1.00 53.48 ? 136 HOH B O   1 
HETATM 1203 O O   . HOH D 2 .  ? -20.413 -8.006  -11.492 1.00 38.88 ? 137 HOH B O   1 
HETATM 1204 O O   . HOH D 2 .  ? -2.072  -12.402 6.027   1.00 41.58 ? 138 HOH B O   1 
HETATM 1205 O O   . HOH D 2 .  ? -10.584 -16.539 5.970   1.00 42.57 ? 139 HOH B O   1 
HETATM 1206 O O   . HOH D 2 .  ? -9.230  -12.627 5.126   1.00 39.52 ? 140 HOH B O   1 
HETATM 1207 O O   . HOH D 2 .  ? -5.710  -6.994  12.841  1.00 51.74 ? 141 HOH B O   1 
HETATM 1208 O O   . HOH D 2 .  ? -24.902 2.204   -12.075 1.00 42.80 ? 142 HOH B O   1 
HETATM 1209 O O   . HOH D 2 .  ? -8.579  -16.635 5.092   1.00 50.28 ? 143 HOH B O   1 
HETATM 1210 O O   . HOH D 2 .  ? 2.009   -17.533 8.266   1.00 48.20 ? 144 HOH B O   1 
HETATM 1211 O O   . HOH D 2 .  ? -9.699  14.161  -9.174  1.00 56.65 ? 145 HOH B O   1 
HETATM 1212 O O   . HOH D 2 .  ? -7.391  -19.637 3.941   1.00 54.96 ? 146 HOH B O   1 
HETATM 1213 O O   . HOH D 2 .  ? 0.363   -8.745  8.033   1.00 20.66 ? 147 HOH B O   1 
HETATM 1214 O O   . HOH D 2 .  ? -4.716  -2.131  10.195  1.00 46.50 ? 148 HOH B O   1 
HETATM 1215 O O   . HOH D 2 .  ? -7.409  -12.601 1.023   1.00 51.75 ? 149 HOH B O   1 
HETATM 1216 O O   . HOH D 2 .  ? -16.288 -5.388  -12.585 1.00 51.61 ? 150 HOH B O   1 
HETATM 1217 O O   . HOH D 2 .  ? -2.972  -13.561 8.389   1.00 32.00 ? 151 HOH B O   1 
# 
